data_7MDH
#
_entry.id   7MDH
#
_cell.length_a   145.424
_cell.length_b   153.944
_cell.length_c   160.042
_cell.angle_alpha   90.00
_cell.angle_beta   90.00
_cell.angle_gamma   90.00
#
_symmetry.space_group_name_H-M   'C 2 2 21'
#
loop_
_entity.id
_entity.type
_entity.pdbx_description
1 polymer 'PROTEIN (MALATE DEHYDROGENASE)'
2 non-polymer 'ZINC ION'
3 water water
#
_entity_poly.entity_id   1
_entity_poly.type   'polypeptide(L)'
_entity_poly.pdbx_seq_one_letter_code
;AEAPATRKDCFGVFCTTYDLKAEDKTKSWKKLVNIAVSGAAGMISNHLLFKLASGEVFGQDQPIALKLLGSERSFQALEG
VAMELEDSLYPLLREVSIGIDPYEVFEDVDWALLIGAKPRGPGMERAALLDINGQIFADQGKALNAVASKNVKVLVVGNP
CNTNALICLKNAPDIPAKNFHALTRLDENRAKCQLALKAGVFYDKVSNVTIWGNHSTTQVPDFLNAKIDGRPVKEVIKRT
KWLEEEFTITVQKRGGALIQKWGRSSAASTAVSIADAIKSLVTPTPEGDWFSTGVYTTGNPYGIAEDIVFSMPCRSKGDG
DYELATDVSNDDFLWERIKKSEAELLAEKKCVAHLTGEGNAYCDVPEDTMLPGEV
;
_entity_poly.pdbx_strand_id   A,B,C,D
#
loop_
_chem_comp.id
_chem_comp.type
_chem_comp.name
_chem_comp.formula
ZN non-polymer 'ZINC ION' 'Zn 2'
#
# COMPACT_ATOMS: atom_id res chain seq x y z
N ASP A 9 37.46 -27.64 20.86
CA ASP A 9 36.80 -27.03 19.71
C ASP A 9 35.39 -26.64 20.10
N CYS A 10 35.19 -25.36 20.38
CA CYS A 10 33.88 -24.86 20.78
C CYS A 10 33.71 -23.40 20.41
N PHE A 11 32.48 -22.92 20.47
CA PHE A 11 32.16 -21.54 20.13
C PHE A 11 31.12 -20.99 21.11
N GLY A 12 31.32 -19.75 21.55
CA GLY A 12 30.38 -19.11 22.47
C GLY A 12 29.90 -19.99 23.61
N VAL A 13 28.59 -19.97 23.86
CA VAL A 13 28.03 -20.77 24.95
C VAL A 13 28.24 -22.25 24.78
N PHE A 14 28.66 -22.68 23.59
CA PHE A 14 28.87 -24.10 23.39
C PHE A 14 30.15 -24.59 24.07
N CYS A 15 30.90 -23.65 24.64
CA CYS A 15 32.11 -24.00 25.38
C CYS A 15 31.65 -24.23 26.83
N THR A 16 30.91 -25.31 27.05
CA THR A 16 30.43 -25.62 28.40
C THR A 16 29.83 -27.02 28.47
N TRP A 29 18.89 -40.64 25.23
CA TRP A 29 19.54 -40.09 24.05
C TRP A 29 20.60 -41.02 23.49
N LYS A 30 20.67 -41.10 22.17
CA LYS A 30 21.66 -41.92 21.49
C LYS A 30 23.03 -41.26 21.55
N LYS A 31 24.08 -42.03 21.26
CA LYS A 31 25.44 -41.51 21.27
C LYS A 31 25.52 -40.27 20.35
N LEU A 32 26.25 -39.25 20.79
CA LEU A 32 26.39 -38.02 20.01
C LEU A 32 26.96 -38.28 18.62
N VAL A 33 26.39 -37.63 17.60
CA VAL A 33 26.87 -37.79 16.24
C VAL A 33 27.45 -36.46 15.77
N ASN A 34 28.64 -36.51 15.18
CA ASN A 34 29.30 -35.29 14.72
C ASN A 34 29.09 -35.06 13.24
N ILE A 35 28.72 -33.82 12.90
CA ILE A 35 28.44 -33.44 11.52
C ILE A 35 29.31 -32.28 11.03
N ALA A 36 29.93 -32.47 9.87
CA ALA A 36 30.76 -31.42 9.29
C ALA A 36 30.03 -30.84 8.10
N VAL A 37 30.06 -29.53 7.98
CA VAL A 37 29.38 -28.85 6.89
C VAL A 37 30.27 -27.80 6.26
N SER A 38 30.60 -27.98 4.99
CA SER A 38 31.42 -27.01 4.27
C SER A 38 30.46 -26.04 3.58
N GLY A 39 30.94 -24.84 3.25
CA GLY A 39 30.07 -23.85 2.64
C GLY A 39 29.08 -23.46 3.71
N ALA A 40 29.49 -23.68 4.96
CA ALA A 40 28.68 -23.41 6.14
C ALA A 40 28.12 -21.99 6.28
N ALA A 41 28.69 -21.03 5.57
CA ALA A 41 28.22 -19.65 5.65
C ALA A 41 27.31 -19.33 4.46
N GLY A 42 27.16 -20.32 3.57
CA GLY A 42 26.32 -20.14 2.39
C GLY A 42 24.83 -20.12 2.70
N MET A 43 24.04 -19.78 1.68
CA MET A 43 22.59 -19.68 1.83
C MET A 43 21.92 -21.00 2.16
N ILE A 44 22.38 -22.09 1.55
CA ILE A 44 21.80 -23.40 1.80
C ILE A 44 22.02 -23.79 3.24
N SER A 45 23.25 -23.59 3.70
CA SER A 45 23.62 -23.93 5.07
C SER A 45 22.78 -23.13 6.04
N ASN A 46 22.53 -21.87 5.72
CA ASN A 46 21.75 -21.01 6.58
C ASN A 46 20.37 -21.56 6.91
N HIS A 47 19.86 -22.45 6.05
CA HIS A 47 18.57 -23.08 6.27
C HIS A 47 18.80 -24.44 6.89
N LEU A 48 19.71 -25.20 6.30
CA LEU A 48 20.01 -26.57 6.76
C LEU A 48 20.45 -26.71 8.20
N LEU A 49 21.41 -25.92 8.63
CA LEU A 49 21.93 -26.03 9.99
C LEU A 49 20.84 -26.02 11.05
N PHE A 50 19.84 -25.17 10.89
CA PHE A 50 18.79 -25.11 11.89
C PHE A 50 17.86 -26.33 11.85
N LYS A 51 17.70 -26.95 10.68
CA LYS A 51 16.88 -28.15 10.57
C LYS A 51 17.61 -29.26 11.32
N LEU A 52 18.93 -29.30 11.17
CA LEU A 52 19.77 -30.30 11.82
C LEU A 52 19.75 -30.10 13.33
N ALA A 53 19.90 -28.85 13.76
CA ALA A 53 19.92 -28.51 15.18
C ALA A 53 18.61 -28.80 15.91
N SER A 54 17.48 -28.58 15.25
CA SER A 54 16.17 -28.81 15.84
C SER A 54 15.85 -30.28 16.00
N GLY A 55 16.58 -31.11 15.26
CA GLY A 55 16.36 -32.54 15.33
C GLY A 55 15.35 -33.11 14.34
N GLU A 56 14.95 -32.32 13.34
CA GLU A 56 13.98 -32.81 12.36
C GLU A 56 14.66 -33.76 11.37
N VAL A 57 15.99 -33.71 11.31
CA VAL A 57 16.75 -34.56 10.41
C VAL A 57 17.09 -35.93 11.02
N PHE A 58 17.82 -35.96 12.13
CA PHE A 58 18.18 -37.24 12.74
C PHE A 58 17.25 -37.67 13.87
N GLY A 59 16.22 -36.87 14.15
CA GLY A 59 15.28 -37.23 15.20
C GLY A 59 15.49 -36.58 16.56
N GLN A 60 14.40 -36.46 17.31
CA GLN A 60 14.39 -35.85 18.64
C GLN A 60 15.22 -36.55 19.71
N ASP A 61 15.73 -37.74 19.41
CA ASP A 61 16.52 -38.47 20.40
C ASP A 61 17.99 -38.52 19.99
N GLN A 62 18.35 -37.78 18.95
CA GLN A 62 19.73 -37.76 18.47
C GLN A 62 20.50 -36.46 18.69
N PRO A 63 21.21 -36.34 19.82
CA PRO A 63 21.97 -35.11 20.04
C PRO A 63 23.07 -35.02 18.99
N ILE A 64 23.35 -33.81 18.51
CA ILE A 64 24.39 -33.65 17.49
C ILE A 64 25.43 -32.61 17.87
N ALA A 65 26.44 -32.50 17.00
CA ALA A 65 27.51 -31.54 17.14
C ALA A 65 27.78 -31.04 15.73
N LEU A 66 27.85 -29.72 15.54
CA LEU A 66 28.09 -29.16 14.23
C LEU A 66 29.51 -28.62 14.07
N LYS A 67 30.22 -29.10 13.05
CA LYS A 67 31.57 -28.65 12.74
C LYS A 67 31.45 -27.84 11.46
N LEU A 68 31.46 -26.53 11.59
CA LEU A 68 31.29 -25.66 10.44
C LEU A 68 32.58 -25.19 9.77
N LEU A 69 32.72 -25.58 8.50
CA LEU A 69 33.89 -25.20 7.71
C LEU A 69 33.47 -24.17 6.68
N GLY A 70 34.26 -23.11 6.55
CA GLY A 70 33.96 -22.08 5.56
C GLY A 70 35.26 -21.56 4.99
N SER A 71 35.19 -20.66 4.03
CA SER A 71 36.42 -20.11 3.45
C SER A 71 36.85 -18.95 4.34
N GLU A 72 38.14 -18.63 4.36
CA GLU A 72 38.61 -17.53 5.19
C GLU A 72 37.90 -16.26 4.78
N ARG A 73 37.62 -16.16 3.48
CA ARG A 73 36.92 -15.01 2.92
C ARG A 73 35.54 -14.82 3.56
N SER A 74 35.04 -15.85 4.22
CA SER A 74 33.72 -15.79 4.85
C SER A 74 33.71 -16.15 6.33
N PHE A 75 34.86 -16.01 6.99
CA PHE A 75 34.95 -16.35 8.41
C PHE A 75 33.96 -15.55 9.26
N GLN A 76 33.82 -14.27 8.94
CA GLN A 76 32.89 -13.39 9.67
C GLN A 76 31.46 -13.87 9.49
N ALA A 77 31.15 -14.35 8.29
CA ALA A 77 29.82 -14.86 8.00
C ALA A 77 29.63 -16.13 8.83
N LEU A 78 30.71 -16.91 8.97
CA LEU A 78 30.68 -18.14 9.74
C LEU A 78 30.34 -17.85 11.20
N GLU A 79 30.93 -16.77 11.72
CA GLU A 79 30.69 -16.39 13.11
C GLU A 79 29.22 -16.03 13.26
N GLY A 80 28.72 -15.24 12.31
CA GLY A 80 27.33 -14.83 12.35
C GLY A 80 26.40 -16.01 12.50
N VAL A 81 26.58 -17.04 11.67
CA VAL A 81 25.71 -18.21 11.76
C VAL A 81 25.84 -18.91 13.10
N ALA A 82 27.08 -19.03 13.58
CA ALA A 82 27.32 -19.69 14.86
C ALA A 82 26.59 -18.93 15.96
N MET A 83 26.60 -17.61 15.85
CA MET A 83 25.95 -16.76 16.82
C MET A 83 24.43 -16.95 16.76
N GLU A 84 23.89 -17.07 15.55
CA GLU A 84 22.46 -17.27 15.41
C GLU A 84 22.08 -18.59 16.06
N LEU A 85 23.00 -19.56 15.98
CA LEU A 85 22.74 -20.86 16.58
C LEU A 85 22.69 -20.76 18.10
N GLU A 86 23.65 -20.04 18.70
CA GLU A 86 23.64 -19.88 20.16
C GLU A 86 22.30 -19.29 20.55
N ASP A 87 21.84 -18.31 19.77
CA ASP A 87 20.58 -17.65 20.06
C ASP A 87 19.34 -18.52 19.79
N SER A 88 19.53 -19.66 19.15
CA SER A 88 18.40 -20.54 18.84
C SER A 88 18.07 -21.50 19.98
N LEU A 89 19.01 -21.66 20.91
CA LEU A 89 18.80 -22.53 22.07
C LEU A 89 18.35 -23.97 21.76
N TYR A 90 18.80 -24.53 20.64
CA TYR A 90 18.43 -25.90 20.32
C TYR A 90 19.10 -26.86 21.30
N PRO A 91 18.31 -27.55 22.15
CA PRO A 91 18.84 -28.49 23.15
C PRO A 91 19.54 -29.71 22.58
N LEU A 92 19.28 -30.06 21.32
CA LEU A 92 19.93 -31.21 20.71
C LEU A 92 21.31 -30.84 20.21
N LEU A 93 21.49 -29.56 19.90
CA LEU A 93 22.78 -29.06 19.42
C LEU A 93 23.70 -28.85 20.62
N ARG A 94 24.47 -29.88 20.97
CA ARG A 94 25.37 -29.82 22.12
C ARG A 94 26.74 -29.16 21.86
N GLU A 95 27.17 -29.16 20.60
CA GLU A 95 28.46 -28.57 20.27
C GLU A 95 28.43 -27.87 18.93
N VAL A 96 29.19 -26.78 18.84
CA VAL A 96 29.29 -26.00 17.62
C VAL A 96 30.70 -25.44 17.60
N SER A 97 31.36 -25.54 16.46
CA SER A 97 32.71 -25.00 16.32
C SER A 97 32.86 -24.62 14.86
N ILE A 98 33.75 -23.69 14.58
CA ILE A 98 33.98 -23.23 13.22
C ILE A 98 35.48 -23.15 12.92
N GLY A 99 35.81 -23.10 11.64
CA GLY A 99 37.20 -23.02 11.22
C GLY A 99 37.30 -23.00 9.71
N ILE A 100 38.52 -22.85 9.21
CA ILE A 100 38.72 -22.81 7.77
C ILE A 100 39.59 -23.97 7.28
N ASP A 101 39.99 -24.85 8.21
CA ASP A 101 40.85 -26.00 7.90
C ASP A 101 40.16 -27.37 8.03
N PRO A 102 39.97 -28.06 6.90
CA PRO A 102 39.33 -29.39 6.84
C PRO A 102 39.96 -30.43 7.77
N TYR A 103 41.28 -30.41 7.88
CA TYR A 103 41.99 -31.35 8.75
C TYR A 103 41.62 -31.09 10.20
N GLU A 104 41.01 -29.92 10.42
CA GLU A 104 40.60 -29.52 11.76
C GLU A 104 39.12 -29.79 11.96
N VAL A 105 38.30 -29.15 11.12
CA VAL A 105 36.86 -29.28 11.21
C VAL A 105 36.34 -30.72 11.05
N PHE A 106 37.01 -31.52 10.25
CA PHE A 106 36.60 -32.91 10.00
C PHE A 106 36.97 -33.97 11.04
N GLU A 107 37.69 -33.60 12.10
CA GLU A 107 38.09 -34.62 13.08
C GLU A 107 36.92 -35.32 13.77
N ASP A 108 36.91 -36.65 13.65
CA ASP A 108 35.87 -37.50 14.25
C ASP A 108 34.47 -37.35 13.66
N VAL A 109 34.32 -36.62 12.55
CA VAL A 109 32.97 -36.45 12.01
C VAL A 109 32.37 -37.73 11.42
N ASP A 110 31.11 -37.96 11.75
CA ASP A 110 30.37 -39.12 11.27
C ASP A 110 29.72 -38.77 9.94
N TRP A 111 29.35 -37.50 9.78
CA TRP A 111 28.73 -37.03 8.54
C TRP A 111 29.47 -35.81 8.02
N ALA A 112 29.66 -35.76 6.72
CA ALA A 112 30.33 -34.64 6.08
C ALA A 112 29.45 -34.15 4.94
N LEU A 113 28.78 -33.03 5.16
CA LEU A 113 27.91 -32.44 4.14
C LEU A 113 28.77 -31.41 3.42
N LEU A 114 29.23 -31.76 2.23
CA LEU A 114 30.09 -30.86 1.47
C LEU A 114 29.37 -29.97 0.47
N ILE A 115 28.91 -28.83 0.94
CA ILE A 115 28.20 -27.88 0.10
C ILE A 115 29.19 -26.92 -0.56
N GLY A 116 30.30 -26.66 0.11
CA GLY A 116 31.30 -25.75 -0.41
C GLY A 116 31.86 -26.03 -1.79
N ALA A 117 31.83 -25.03 -2.66
CA ALA A 117 32.36 -25.13 -4.01
C ALA A 117 32.37 -23.76 -4.67
N LYS A 118 33.36 -23.54 -5.55
CA LYS A 118 33.47 -22.28 -6.27
C LYS A 118 32.44 -22.23 -7.38
N PRO A 119 31.69 -21.12 -7.47
CA PRO A 119 30.67 -20.96 -8.50
C PRO A 119 31.28 -20.78 -9.89
N ARG A 120 30.51 -21.09 -10.92
CA ARG A 120 30.99 -20.95 -12.29
C ARG A 120 31.39 -19.50 -12.51
N GLY A 121 32.69 -19.26 -12.51
CA GLY A 121 33.20 -17.92 -12.71
C GLY A 121 32.82 -17.27 -14.02
N PRO A 122 33.27 -16.02 -14.26
CA PRO A 122 32.98 -15.29 -15.50
C PRO A 122 33.66 -15.92 -16.70
N GLY A 123 32.87 -16.32 -17.69
CA GLY A 123 33.44 -16.95 -18.87
C GLY A 123 34.39 -18.06 -18.48
N MET A 124 33.89 -18.98 -17.66
CA MET A 124 34.68 -20.10 -17.18
C MET A 124 34.21 -21.40 -17.85
N GLU A 125 35.10 -22.01 -18.61
CA GLU A 125 34.80 -23.26 -19.31
C GLU A 125 34.64 -24.41 -18.31
N ARG A 126 33.70 -25.30 -18.62
CA ARG A 126 33.41 -26.45 -17.78
C ARG A 126 34.67 -27.13 -17.23
N ALA A 127 35.72 -27.16 -18.05
CA ALA A 127 36.98 -27.78 -17.65
C ALA A 127 37.67 -27.08 -16.49
N ALA A 128 37.59 -25.76 -16.47
CA ALA A 128 38.20 -24.96 -15.40
C ALA A 128 37.54 -25.28 -14.06
N LEU A 129 36.21 -25.30 -14.06
CA LEU A 129 35.44 -25.59 -12.85
C LEU A 129 35.85 -26.95 -12.28
N LEU A 130 35.89 -27.95 -13.15
CA LEU A 130 36.27 -29.30 -12.77
C LEU A 130 37.57 -29.33 -11.98
N ASP A 131 38.62 -28.72 -12.53
CA ASP A 131 39.93 -28.68 -11.89
C ASP A 131 39.90 -27.94 -10.55
N ILE A 132 39.41 -26.70 -10.57
CA ILE A 132 39.33 -25.87 -9.38
C ILE A 132 38.60 -26.55 -8.22
N ASN A 133 37.38 -27.01 -8.49
CA ASN A 133 36.62 -27.68 -7.45
C ASN A 133 37.15 -29.08 -7.15
N GLY A 134 37.51 -29.80 -8.21
CA GLY A 134 38.04 -31.14 -8.03
C GLY A 134 39.25 -31.10 -7.10
N GLN A 135 40.00 -30.00 -7.17
CA GLN A 135 41.18 -29.85 -6.34
C GLN A 135 40.79 -29.62 -4.88
N ILE A 136 39.60 -29.04 -4.68
CA ILE A 136 39.11 -28.75 -3.35
C ILE A 136 38.63 -30.02 -2.65
N PHE A 137 37.95 -30.87 -3.40
CA PHE A 137 37.45 -32.12 -2.83
C PHE A 137 38.55 -33.15 -2.69
N ALA A 138 39.59 -33.02 -3.50
CA ALA A 138 40.72 -33.94 -3.42
C ALA A 138 41.35 -33.72 -2.05
N ASP A 139 41.51 -32.45 -1.69
CA ASP A 139 42.10 -32.08 -0.41
C ASP A 139 41.19 -32.42 0.77
N GLN A 140 39.89 -32.21 0.60
CA GLN A 140 38.95 -32.53 1.67
C GLN A 140 38.89 -34.04 1.79
N GLY A 141 39.03 -34.72 0.66
CA GLY A 141 39.02 -36.17 0.67
C GLY A 141 40.19 -36.68 1.51
N LYS A 142 41.33 -36.01 1.39
CA LYS A 142 42.50 -36.38 2.17
C LYS A 142 42.30 -36.08 3.65
N ALA A 143 41.73 -34.92 3.95
CA ALA A 143 41.49 -34.55 5.34
C ALA A 143 40.57 -35.55 6.01
N LEU A 144 39.49 -35.91 5.32
CA LEU A 144 38.54 -36.88 5.84
C LEU A 144 39.24 -38.19 6.14
N ASN A 145 40.00 -38.68 5.16
CA ASN A 145 40.73 -39.94 5.29
C ASN A 145 41.63 -39.89 6.52
N ALA A 146 42.36 -38.79 6.65
CA ALA A 146 43.29 -38.59 7.75
C ALA A 146 42.66 -38.45 9.14
N VAL A 147 41.60 -37.64 9.27
CA VAL A 147 41.02 -37.44 10.60
C VAL A 147 39.55 -37.83 10.87
N ALA A 148 38.71 -37.84 9.84
CA ALA A 148 37.30 -38.19 10.05
C ALA A 148 37.10 -39.65 10.45
N SER A 149 35.91 -39.97 10.93
CA SER A 149 35.58 -41.34 11.31
C SER A 149 35.77 -42.21 10.08
N LYS A 150 36.19 -43.46 10.30
CA LYS A 150 36.42 -44.38 9.19
C LYS A 150 35.14 -44.79 8.47
N ASN A 151 33.99 -44.57 9.10
CA ASN A 151 32.74 -44.93 8.47
C ASN A 151 31.90 -43.66 8.22
N VAL A 152 32.60 -42.58 7.91
CA VAL A 152 31.95 -41.29 7.66
C VAL A 152 31.17 -41.33 6.37
N LYS A 153 29.94 -40.83 6.41
CA LYS A 153 29.10 -40.78 5.22
C LYS A 153 29.34 -39.39 4.63
N VAL A 154 29.58 -39.33 3.33
CA VAL A 154 29.87 -38.06 2.70
C VAL A 154 28.86 -37.70 1.63
N LEU A 155 28.12 -36.61 1.87
CA LEU A 155 27.14 -36.16 0.91
C LEU A 155 27.70 -34.90 0.26
N VAL A 156 27.79 -34.95 -1.07
CA VAL A 156 28.32 -33.84 -1.85
C VAL A 156 27.22 -33.04 -2.54
N VAL A 157 27.33 -31.71 -2.44
CA VAL A 157 26.38 -30.80 -3.08
C VAL A 157 27.16 -29.82 -3.95
N GLY A 158 28.43 -29.59 -3.61
CA GLY A 158 29.26 -28.70 -4.38
C GLY A 158 29.45 -29.22 -5.80
N ASN A 159 29.12 -28.39 -6.79
CA ASN A 159 29.23 -28.79 -8.19
C ASN A 159 30.62 -28.68 -8.81
N PRO A 160 30.97 -29.64 -9.70
CA PRO A 160 30.13 -30.77 -10.11
C PRO A 160 30.06 -31.77 -8.94
N CYS A 161 28.87 -32.28 -8.65
CA CYS A 161 28.72 -33.21 -7.53
C CYS A 161 29.34 -34.58 -7.80
N ASN A 162 28.81 -35.28 -8.80
CA ASN A 162 29.29 -36.61 -9.15
C ASN A 162 30.80 -36.65 -9.27
N THR A 163 31.35 -35.86 -10.17
CA THR A 163 32.78 -35.83 -10.36
C THR A 163 33.54 -35.40 -9.09
N ASN A 164 32.97 -34.49 -8.30
CA ASN A 164 33.64 -34.06 -7.06
C ASN A 164 33.65 -35.20 -6.06
N ALA A 165 32.55 -35.95 -6.01
CA ALA A 165 32.43 -37.07 -5.09
C ALA A 165 33.45 -38.13 -5.47
N LEU A 166 33.51 -38.42 -6.77
CA LEU A 166 34.44 -39.41 -7.30
C LEU A 166 35.86 -39.04 -6.89
N ILE A 167 36.23 -37.79 -7.14
CA ILE A 167 37.56 -37.28 -6.80
C ILE A 167 37.81 -37.39 -5.30
N CYS A 168 36.77 -37.11 -4.53
CA CYS A 168 36.88 -37.15 -3.09
C CYS A 168 37.15 -38.58 -2.61
N LEU A 169 36.38 -39.57 -3.07
CA LEU A 169 36.61 -40.94 -2.61
C LEU A 169 37.93 -41.53 -3.10
N LYS A 170 38.39 -41.07 -4.26
CA LYS A 170 39.66 -41.58 -4.78
C LYS A 170 40.78 -41.09 -3.87
N ASN A 171 40.56 -39.97 -3.20
CA ASN A 171 41.55 -39.39 -2.31
C ASN A 171 41.35 -39.80 -0.87
N ALA A 172 40.39 -40.69 -0.64
CA ALA A 172 40.10 -41.20 0.69
C ALA A 172 39.94 -42.72 0.59
N PRO A 173 41.07 -43.43 0.42
CA PRO A 173 41.12 -44.89 0.29
C PRO A 173 40.74 -45.66 1.54
N ASP A 174 41.00 -45.08 2.71
CA ASP A 174 40.69 -45.75 3.97
C ASP A 174 39.22 -45.57 4.36
N ILE A 175 38.44 -45.02 3.45
CA ILE A 175 37.02 -44.82 3.68
C ILE A 175 36.25 -45.48 2.54
N PRO A 176 35.32 -46.39 2.88
CA PRO A 176 34.53 -47.11 1.88
C PRO A 176 33.99 -46.23 0.74
N ALA A 177 34.41 -46.53 -0.48
CA ALA A 177 33.94 -45.79 -1.66
C ALA A 177 32.42 -45.76 -1.65
N LYS A 178 31.85 -46.67 -0.86
CA LYS A 178 30.42 -46.88 -0.67
C LYS A 178 29.72 -45.65 -0.07
N ASN A 179 30.40 -45.02 0.88
CA ASN A 179 29.86 -43.88 1.61
C ASN A 179 29.78 -42.52 0.93
N PHE A 180 30.22 -42.42 -0.32
CA PHE A 180 30.18 -41.13 -1.01
C PHE A 180 28.93 -40.94 -1.86
N HIS A 181 28.27 -39.80 -1.68
CA HIS A 181 27.04 -39.48 -2.41
C HIS A 181 27.09 -38.12 -3.10
N ALA A 182 26.49 -38.06 -4.29
CA ALA A 182 26.39 -36.82 -5.06
C ALA A 182 24.86 -36.62 -5.05
N LEU A 183 24.39 -35.52 -4.46
CA LEU A 183 22.95 -35.30 -4.34
C LEU A 183 22.12 -34.90 -5.54
N THR A 184 21.06 -35.66 -5.76
CA THR A 184 20.13 -35.44 -6.85
C THR A 184 18.72 -35.39 -6.27
N ARG A 185 18.60 -35.57 -4.96
CA ARG A 185 17.31 -35.58 -4.29
C ARG A 185 16.45 -34.37 -4.63
N LEU A 186 17.06 -33.19 -4.75
CA LEU A 186 16.32 -32.00 -5.10
C LEU A 186 15.58 -32.26 -6.41
N ASP A 187 16.30 -32.74 -7.41
CA ASP A 187 15.70 -33.02 -8.72
C ASP A 187 14.62 -34.10 -8.68
N GLU A 188 14.77 -35.06 -7.77
CA GLU A 188 13.78 -36.11 -7.62
C GLU A 188 12.51 -35.47 -7.07
N ASN A 189 12.65 -34.71 -5.98
CA ASN A 189 11.53 -34.02 -5.35
C ASN A 189 10.78 -33.15 -6.36
N ARG A 190 11.52 -32.37 -7.15
CA ARG A 190 10.91 -31.52 -8.17
C ARG A 190 10.19 -32.40 -9.20
N ALA A 191 10.80 -33.53 -9.54
CA ALA A 191 10.23 -34.47 -10.49
C ALA A 191 8.92 -35.00 -9.94
N LYS A 192 8.93 -35.40 -8.67
CA LYS A 192 7.73 -35.92 -8.02
C LYS A 192 6.61 -34.88 -8.02
N CYS A 193 6.99 -33.61 -7.86
CA CYS A 193 6.01 -32.53 -7.84
C CYS A 193 5.38 -32.34 -9.21
N GLN A 194 6.21 -32.39 -10.25
CA GLN A 194 5.72 -32.21 -11.60
C GLN A 194 4.86 -33.40 -12.04
N LEU A 195 5.13 -34.58 -11.48
CA LEU A 195 4.32 -35.75 -11.81
C LEU A 195 2.98 -35.64 -11.09
N ALA A 196 3.00 -35.18 -9.85
CA ALA A 196 1.78 -35.04 -9.06
C ALA A 196 0.85 -34.02 -9.71
N LEU A 197 1.44 -32.91 -10.14
CA LEU A 197 0.70 -31.85 -10.80
C LEU A 197 0.01 -32.38 -12.06
N LYS A 198 0.82 -32.83 -13.01
CA LYS A 198 0.33 -33.37 -14.27
C LYS A 198 -0.76 -34.42 -14.08
N ALA A 199 -0.66 -35.21 -13.02
CA ALA A 199 -1.64 -36.27 -12.73
C ALA A 199 -2.76 -35.82 -11.80
N GLY A 200 -2.80 -34.53 -11.48
CA GLY A 200 -3.82 -34.00 -10.60
C GLY A 200 -3.91 -34.71 -9.26
N VAL A 201 -2.77 -35.16 -8.76
CA VAL A 201 -2.73 -35.87 -7.49
C VAL A 201 -1.72 -35.16 -6.58
N PHE A 202 -1.85 -35.33 -5.27
CA PHE A 202 -0.92 -34.67 -4.36
C PHE A 202 0.45 -35.34 -4.40
N TYR A 203 1.51 -34.58 -4.11
CA TYR A 203 2.85 -35.14 -4.17
C TYR A 203 3.17 -36.31 -3.22
N ASP A 204 2.31 -36.56 -2.24
CA ASP A 204 2.54 -37.68 -1.32
C ASP A 204 1.90 -38.96 -1.85
N LYS A 205 1.41 -38.91 -3.09
CA LYS A 205 0.81 -40.08 -3.70
C LYS A 205 1.72 -40.57 -4.84
N VAL A 206 2.85 -39.89 -5.00
CA VAL A 206 3.83 -40.21 -6.04
C VAL A 206 5.04 -40.91 -5.41
N SER A 207 5.53 -41.97 -6.05
CA SER A 207 6.71 -42.67 -5.52
C SER A 207 7.60 -43.23 -6.62
N ASN A 208 8.56 -44.07 -6.20
CA ASN A 208 9.51 -44.71 -7.09
C ASN A 208 9.99 -43.81 -8.21
N VAL A 209 10.32 -42.57 -7.85
CA VAL A 209 10.82 -41.62 -8.84
C VAL A 209 12.33 -41.65 -8.77
N THR A 210 12.96 -41.84 -9.92
CA THR A 210 14.41 -41.92 -10.00
C THR A 210 15.02 -40.90 -10.91
N ILE A 211 16.15 -40.35 -10.47
CA ILE A 211 16.90 -39.41 -11.28
C ILE A 211 18.19 -40.18 -11.57
N TRP A 212 18.44 -40.50 -12.84
CA TRP A 212 19.64 -41.24 -13.22
C TRP A 212 20.75 -40.36 -13.73
N GLY A 213 21.99 -40.83 -13.55
CA GLY A 213 23.15 -40.13 -14.06
C GLY A 213 23.85 -39.03 -13.32
N ASN A 214 24.21 -38.01 -14.09
CA ASN A 214 24.92 -36.86 -13.60
C ASN A 214 23.97 -35.74 -13.20
N HIS A 215 24.37 -34.94 -12.24
CA HIS A 215 23.54 -33.83 -11.81
C HIS A 215 23.80 -32.74 -12.84
N SER A 216 22.98 -32.71 -13.89
CA SER A 216 23.14 -31.71 -14.95
C SER A 216 22.04 -31.86 -15.99
N THR A 217 22.13 -31.10 -17.07
CA THR A 217 21.12 -31.17 -18.12
C THR A 217 21.08 -32.56 -18.77
N THR A 218 21.95 -33.47 -18.33
CA THR A 218 21.96 -34.82 -18.88
C THR A 218 21.27 -35.78 -17.91
N GLN A 219 20.87 -35.27 -16.76
CA GLN A 219 20.19 -36.11 -15.78
C GLN A 219 18.97 -36.74 -16.44
N VAL A 220 18.54 -37.88 -15.92
CA VAL A 220 17.40 -38.56 -16.51
C VAL A 220 16.27 -38.89 -15.54
N PRO A 221 15.18 -38.12 -15.58
CA PRO A 221 14.01 -38.33 -14.72
C PRO A 221 13.31 -39.58 -15.26
N ASP A 222 13.36 -40.66 -14.49
CA ASP A 222 12.76 -41.91 -14.94
C ASP A 222 11.27 -42.09 -14.69
N PHE A 223 10.48 -41.90 -15.74
CA PHE A 223 9.04 -42.06 -15.62
C PHE A 223 8.58 -43.49 -15.86
N LEU A 224 9.41 -44.29 -16.54
CA LEU A 224 9.05 -45.69 -16.82
C LEU A 224 8.79 -46.42 -15.51
N ASN A 225 9.68 -46.25 -14.55
CA ASN A 225 9.55 -46.91 -13.25
C ASN A 225 8.76 -46.09 -12.22
N ALA A 226 8.31 -44.90 -12.61
CA ALA A 226 7.55 -44.02 -11.71
C ALA A 226 6.16 -44.56 -11.38
N LYS A 227 5.72 -44.33 -10.14
CA LYS A 227 4.40 -44.79 -9.70
C LYS A 227 3.60 -43.64 -9.11
N ILE A 228 2.27 -43.75 -9.24
CA ILE A 228 1.36 -42.77 -8.70
C ILE A 228 0.24 -43.52 -7.97
N ASP A 229 0.28 -43.48 -6.65
CA ASP A 229 -0.72 -44.16 -5.83
C ASP A 229 -0.76 -45.67 -6.09
N GLY A 230 0.42 -46.29 -6.15
CA GLY A 230 0.50 -47.72 -6.36
C GLY A 230 0.49 -48.27 -7.78
N ARG A 231 0.13 -47.45 -8.76
CA ARG A 231 0.08 -47.93 -10.13
C ARG A 231 1.05 -47.17 -11.02
N PRO A 232 1.64 -47.85 -12.01
CA PRO A 232 2.58 -47.19 -12.92
C PRO A 232 2.05 -45.86 -13.41
N VAL A 233 2.95 -44.89 -13.57
CA VAL A 233 2.56 -43.57 -14.02
C VAL A 233 1.91 -43.59 -15.40
N LYS A 234 2.46 -44.41 -16.30
CA LYS A 234 1.94 -44.51 -17.65
C LYS A 234 0.47 -44.95 -17.64
N GLU A 235 0.01 -45.43 -16.48
CA GLU A 235 -1.38 -45.88 -16.30
C GLU A 235 -2.31 -44.78 -15.81
N VAL A 236 -1.76 -43.62 -15.49
CA VAL A 236 -2.58 -42.52 -15.01
C VAL A 236 -2.41 -41.32 -15.92
N ILE A 237 -1.17 -40.95 -16.20
CA ILE A 237 -0.87 -39.84 -17.09
C ILE A 237 -0.90 -40.40 -18.51
N LYS A 238 -1.93 -40.06 -19.27
CA LYS A 238 -2.06 -40.56 -20.63
C LYS A 238 -1.35 -39.71 -21.67
N ARG A 239 -0.95 -38.51 -21.30
CA ARG A 239 -0.27 -37.64 -22.24
C ARG A 239 1.19 -38.05 -22.40
N THR A 240 1.41 -39.05 -23.25
CA THR A 240 2.74 -39.58 -23.54
C THR A 240 3.66 -38.51 -24.10
N LYS A 241 3.12 -37.68 -24.97
CA LYS A 241 3.90 -36.59 -25.55
C LYS A 241 4.59 -35.85 -24.41
N TRP A 242 3.85 -35.67 -23.32
CA TRP A 242 4.36 -34.97 -22.14
C TRP A 242 5.52 -35.74 -21.51
N LEU A 243 5.21 -36.93 -21.00
CA LEU A 243 6.20 -37.78 -20.36
C LEU A 243 7.53 -37.86 -21.11
N GLU A 244 7.46 -38.09 -22.42
CA GLU A 244 8.66 -38.22 -23.23
C GLU A 244 9.46 -36.96 -23.51
N GLU A 245 8.80 -35.81 -23.68
CA GLU A 245 9.53 -34.58 -23.99
C GLU A 245 9.43 -33.45 -22.97
N GLU A 246 8.22 -33.17 -22.51
CA GLU A 246 8.01 -32.09 -21.55
C GLU A 246 8.48 -32.40 -20.14
N PHE A 247 8.00 -33.50 -19.56
CA PHE A 247 8.38 -33.90 -18.21
C PHE A 247 9.83 -33.60 -17.86
N THR A 248 10.76 -34.30 -18.51
CA THR A 248 12.18 -34.10 -18.23
C THR A 248 12.60 -32.62 -18.30
N ILE A 249 12.07 -31.88 -19.28
CA ILE A 249 12.42 -30.47 -19.44
C ILE A 249 11.92 -29.58 -18.29
N THR A 250 10.66 -29.70 -17.92
CA THR A 250 10.11 -28.89 -16.83
C THR A 250 11.06 -29.01 -15.63
N VAL A 251 11.45 -30.24 -15.32
CA VAL A 251 12.37 -30.50 -14.22
C VAL A 251 13.68 -29.77 -14.48
N GLN A 252 14.25 -30.00 -15.66
CA GLN A 252 15.51 -29.39 -16.06
C GLN A 252 15.51 -27.86 -15.99
N LYS A 253 14.34 -27.25 -16.18
CA LYS A 253 14.24 -25.79 -16.14
C LYS A 253 13.48 -25.25 -14.94
N ARG A 254 13.34 -26.07 -13.90
CA ARG A 254 12.62 -25.65 -12.70
C ARG A 254 13.44 -24.63 -11.92
N GLY A 255 14.75 -24.86 -11.85
CA GLY A 255 15.63 -23.96 -11.14
C GLY A 255 15.59 -22.58 -11.78
N GLY A 256 15.50 -22.55 -13.10
CA GLY A 256 15.45 -21.29 -13.82
C GLY A 256 14.12 -20.59 -13.60
N ALA A 257 13.05 -21.37 -13.54
CA ALA A 257 11.72 -20.82 -13.34
C ALA A 257 11.62 -20.24 -11.94
N LEU A 258 12.46 -20.74 -11.03
CA LEU A 258 12.47 -20.25 -9.66
C LEU A 258 13.28 -18.97 -9.49
N ILE A 259 14.35 -18.85 -10.26
CA ILE A 259 15.22 -17.67 -10.20
C ILE A 259 14.54 -16.45 -10.80
N GLN A 260 13.59 -16.66 -11.71
CA GLN A 260 12.88 -15.55 -12.33
C GLN A 260 11.81 -14.99 -11.40
N LYS A 261 11.27 -15.86 -10.54
CA LYS A 261 10.25 -15.47 -9.57
C LYS A 261 10.90 -14.95 -8.29
N TRP A 262 11.54 -15.85 -7.56
CA TRP A 262 12.20 -15.51 -6.30
C TRP A 262 13.19 -14.36 -6.48
N GLY A 263 14.08 -14.52 -7.45
CA GLY A 263 15.08 -13.50 -7.71
C GLY A 263 16.47 -14.05 -7.52
N ARG A 264 16.61 -14.99 -6.59
CA ARG A 264 17.91 -15.61 -6.32
C ARG A 264 17.76 -17.10 -6.00
N SER A 265 18.86 -17.70 -5.56
CA SER A 265 18.93 -19.12 -5.23
C SER A 265 17.72 -19.66 -4.45
N SER A 266 17.47 -20.95 -4.65
CA SER A 266 16.37 -21.63 -3.98
C SER A 266 16.93 -22.42 -2.78
N ALA A 267 17.70 -21.73 -1.95
CA ALA A 267 18.32 -22.30 -0.76
C ALA A 267 17.37 -23.15 0.09
N ALA A 268 16.23 -22.56 0.44
CA ALA A 268 15.24 -23.25 1.26
C ALA A 268 14.87 -24.66 0.75
N SER A 269 14.38 -24.76 -0.48
CA SER A 269 13.98 -26.07 -1.00
C SER A 269 15.14 -27.05 -1.12
N THR A 270 16.30 -26.62 -1.60
CA THR A 270 17.41 -27.57 -1.68
C THR A 270 17.86 -27.99 -0.28
N ALA A 271 17.71 -27.11 0.71
CA ALA A 271 18.08 -27.48 2.08
C ALA A 271 17.15 -28.62 2.52
N VAL A 272 15.89 -28.53 2.12
CA VAL A 272 14.91 -29.57 2.43
C VAL A 272 15.32 -30.89 1.75
N SER A 273 15.69 -30.80 0.48
CA SER A 273 16.10 -31.99 -0.26
C SER A 273 17.31 -32.63 0.43
N ILE A 274 18.24 -31.81 0.93
CA ILE A 274 19.41 -32.36 1.59
C ILE A 274 18.99 -33.08 2.85
N ALA A 275 18.07 -32.49 3.61
CA ALA A 275 17.59 -33.14 4.82
C ALA A 275 16.95 -34.48 4.44
N ASP A 276 16.19 -34.48 3.34
CA ASP A 276 15.54 -35.71 2.88
C ASP A 276 16.62 -36.75 2.55
N ALA A 277 17.61 -36.33 1.77
CA ALA A 277 18.70 -37.22 1.37
C ALA A 277 19.25 -37.95 2.59
N ILE A 278 19.53 -37.22 3.66
CA ILE A 278 20.06 -37.81 4.88
C ILE A 278 19.05 -38.76 5.52
N LYS A 279 17.78 -38.34 5.57
CA LYS A 279 16.74 -39.16 6.18
C LYS A 279 16.50 -40.47 5.44
N SER A 280 16.78 -40.51 4.14
CA SER A 280 16.58 -41.75 3.39
C SER A 280 17.68 -42.76 3.78
N LEU A 281 18.74 -42.26 4.41
CA LEU A 281 19.84 -43.12 4.82
C LEU A 281 19.72 -43.60 6.27
N VAL A 282 19.00 -42.85 7.09
CA VAL A 282 18.84 -43.20 8.49
C VAL A 282 17.41 -43.60 8.87
N THR A 283 16.58 -43.85 7.86
CA THR A 283 15.20 -44.27 8.05
C THR A 283 14.92 -45.43 7.11
N PRO A 284 14.27 -46.49 7.60
CA PRO A 284 13.96 -47.65 6.75
C PRO A 284 13.14 -47.24 5.54
N THR A 285 13.61 -47.57 4.35
CA THR A 285 12.89 -47.22 3.14
C THR A 285 11.54 -47.95 3.11
N PRO A 286 10.47 -47.24 2.72
CA PRO A 286 9.14 -47.86 2.66
C PRO A 286 9.17 -48.98 1.62
N GLU A 287 8.48 -50.09 1.92
CA GLU A 287 8.44 -51.24 1.02
C GLU A 287 8.15 -50.88 -0.44
N GLY A 288 8.98 -51.41 -1.34
CA GLY A 288 8.79 -51.18 -2.75
C GLY A 288 9.23 -49.83 -3.27
N ASP A 289 9.67 -48.94 -2.39
CA ASP A 289 10.09 -47.61 -2.83
C ASP A 289 11.60 -47.47 -2.81
N TRP A 290 12.10 -46.36 -3.33
CA TRP A 290 13.53 -46.10 -3.35
C TRP A 290 13.77 -44.60 -3.47
N PHE A 291 15.03 -44.20 -3.24
CA PHE A 291 15.43 -42.81 -3.31
C PHE A 291 16.66 -42.66 -4.23
N SER A 292 16.68 -41.60 -5.02
CA SER A 292 17.79 -41.33 -5.94
C SER A 292 19.02 -40.77 -5.21
N THR A 293 20.20 -41.17 -5.66
CA THR A 293 21.46 -40.72 -5.09
C THR A 293 22.63 -41.15 -5.98
N GLY A 294 23.53 -40.22 -6.28
CA GLY A 294 24.69 -40.53 -7.09
C GLY A 294 25.70 -41.27 -6.23
N VAL A 295 26.05 -42.50 -6.61
CA VAL A 295 27.02 -43.26 -5.82
C VAL A 295 28.03 -44.05 -6.66
N TYR A 296 28.96 -44.70 -5.98
CA TYR A 296 30.00 -45.50 -6.62
C TYR A 296 29.30 -46.59 -7.42
N THR A 297 29.65 -46.73 -8.70
CA THR A 297 28.99 -47.71 -9.58
C THR A 297 29.70 -49.02 -9.91
N THR A 298 30.82 -49.33 -9.27
CA THR A 298 31.53 -50.58 -9.60
C THR A 298 30.67 -51.84 -9.57
N GLY A 299 30.04 -52.14 -8.43
CA GLY A 299 29.22 -53.34 -8.38
C GLY A 299 27.82 -53.21 -8.98
N ASN A 300 27.57 -52.12 -9.71
CA ASN A 300 26.26 -51.87 -10.30
C ASN A 300 25.74 -53.02 -11.18
N PRO A 301 24.45 -53.36 -11.05
CA PRO A 301 23.82 -54.43 -11.82
C PRO A 301 23.13 -53.97 -13.12
N TYR A 302 22.97 -52.67 -13.28
CA TYR A 302 22.30 -52.13 -14.46
C TYR A 302 23.16 -52.07 -15.73
N GLY A 303 24.41 -52.50 -15.62
CA GLY A 303 25.29 -52.48 -16.77
C GLY A 303 25.81 -51.10 -17.13
N ILE A 304 25.90 -50.22 -16.13
CA ILE A 304 26.38 -48.86 -16.36
C ILE A 304 27.88 -48.85 -16.06
N ALA A 305 28.63 -47.99 -16.75
CA ALA A 305 30.08 -47.90 -16.55
C ALA A 305 30.47 -47.94 -15.07
N GLU A 306 31.62 -48.53 -14.77
CA GLU A 306 32.08 -48.64 -13.39
C GLU A 306 33.17 -47.65 -13.00
N ASP A 307 33.50 -47.65 -11.71
CA ASP A 307 34.50 -46.76 -11.11
C ASP A 307 34.12 -45.30 -11.24
N ILE A 308 32.82 -45.01 -11.11
CA ILE A 308 32.33 -43.65 -11.20
C ILE A 308 31.12 -43.41 -10.29
N VAL A 309 30.69 -42.15 -10.19
CA VAL A 309 29.55 -41.79 -9.38
C VAL A 309 28.40 -41.44 -10.31
N PHE A 310 27.39 -42.29 -10.30
CA PHE A 310 26.23 -42.13 -11.17
C PHE A 310 24.98 -42.18 -10.28
N SER A 311 23.99 -41.35 -10.58
CA SER A 311 22.78 -41.36 -9.77
C SER A 311 21.90 -42.52 -10.18
N MET A 312 21.65 -43.41 -9.22
CA MET A 312 20.85 -44.59 -9.42
C MET A 312 19.84 -44.72 -8.29
N PRO A 313 18.84 -45.60 -8.45
CA PRO A 313 17.80 -45.80 -7.43
C PRO A 313 18.32 -46.70 -6.31
N CYS A 314 18.15 -46.25 -5.07
CA CYS A 314 18.61 -47.02 -3.92
C CYS A 314 17.57 -47.13 -2.84
N ARG A 315 17.81 -48.08 -1.93
CA ARG A 315 16.92 -48.28 -0.79
C ARG A 315 17.85 -48.59 0.38
N SER A 316 17.36 -48.39 1.60
CA SER A 316 18.17 -48.59 2.79
C SER A 316 17.38 -49.11 3.98
N LYS A 317 18.09 -49.73 4.93
CA LYS A 317 17.48 -50.25 6.14
C LYS A 317 17.49 -49.15 7.20
N GLY A 318 17.98 -47.97 6.81
CA GLY A 318 18.06 -46.84 7.72
C GLY A 318 19.21 -46.91 8.69
N ASP A 319 20.28 -47.62 8.32
CA ASP A 319 21.44 -47.76 9.19
C ASP A 319 22.63 -46.91 8.73
N GLY A 320 22.38 -45.99 7.82
CA GLY A 320 23.45 -45.13 7.33
C GLY A 320 23.95 -45.50 5.95
N ASP A 321 23.70 -46.73 5.54
CA ASP A 321 24.13 -47.14 4.21
C ASP A 321 22.96 -47.54 3.33
N TYR A 322 23.26 -48.16 2.19
CA TYR A 322 22.22 -48.53 1.24
C TYR A 322 22.64 -49.69 0.34
N GLU A 323 21.77 -50.00 -0.62
CA GLU A 323 22.01 -51.05 -1.60
C GLU A 323 21.18 -50.64 -2.82
N LEU A 324 21.64 -51.00 -4.03
CA LEU A 324 20.89 -50.63 -5.22
C LEU A 324 19.58 -51.38 -5.29
N ALA A 325 18.65 -50.86 -6.08
CA ALA A 325 17.35 -51.51 -6.23
C ALA A 325 17.36 -52.34 -7.51
N THR A 326 16.96 -53.61 -7.41
CA THR A 326 16.93 -54.49 -8.57
C THR A 326 15.55 -54.55 -9.23
N ASP A 327 14.52 -54.22 -8.46
CA ASP A 327 13.15 -54.24 -8.97
C ASP A 327 12.89 -53.07 -9.91
N VAL A 328 13.79 -52.89 -10.87
CA VAL A 328 13.70 -51.82 -11.85
C VAL A 328 13.64 -52.39 -13.26
N SER A 329 12.77 -51.83 -14.08
CA SER A 329 12.63 -52.26 -15.46
C SER A 329 13.34 -51.21 -16.31
N ASN A 330 13.74 -51.57 -17.52
CA ASN A 330 14.41 -50.64 -18.43
C ASN A 330 13.87 -50.82 -19.84
N ASP A 331 14.13 -49.83 -20.69
CA ASP A 331 13.71 -49.88 -22.08
C ASP A 331 14.74 -49.08 -22.85
N ASP A 332 14.58 -48.97 -24.16
CA ASP A 332 15.55 -48.24 -24.96
C ASP A 332 15.46 -46.73 -24.82
N PHE A 333 14.26 -46.22 -24.56
CA PHE A 333 14.11 -44.79 -24.39
C PHE A 333 14.95 -44.37 -23.20
N LEU A 334 14.69 -45.01 -22.07
CA LEU A 334 15.39 -44.75 -20.83
C LEU A 334 16.90 -44.99 -20.96
N TRP A 335 17.28 -46.23 -21.22
CA TRP A 335 18.70 -46.60 -21.35
C TRP A 335 19.53 -45.69 -22.25
N GLU A 336 18.94 -45.15 -23.31
CA GLU A 336 19.69 -44.27 -24.19
C GLU A 336 20.09 -43.00 -23.44
N ARG A 337 19.15 -42.45 -22.69
CA ARG A 337 19.41 -41.25 -21.92
C ARG A 337 20.41 -41.53 -20.81
N ILE A 338 20.30 -42.70 -20.21
CA ILE A 338 21.24 -43.07 -19.16
C ILE A 338 22.66 -43.12 -19.72
N LYS A 339 22.79 -43.48 -20.99
CA LYS A 339 24.11 -43.58 -21.63
C LYS A 339 24.70 -42.22 -21.99
N LYS A 340 23.87 -41.32 -22.50
CA LYS A 340 24.37 -39.98 -22.86
C LYS A 340 24.91 -39.30 -21.60
N SER A 341 24.27 -39.56 -20.47
CA SER A 341 24.72 -38.96 -19.22
C SER A 341 26.02 -39.65 -18.82
N GLU A 342 26.08 -40.95 -19.08
CA GLU A 342 27.26 -41.75 -18.77
C GLU A 342 28.45 -41.26 -19.59
N ALA A 343 28.17 -40.88 -20.83
CA ALA A 343 29.22 -40.37 -21.71
C ALA A 343 29.77 -39.08 -21.14
N GLU A 344 28.88 -38.20 -20.67
CA GLU A 344 29.33 -36.93 -20.10
C GLU A 344 30.19 -37.18 -18.87
N LEU A 345 29.77 -38.11 -18.01
CA LEU A 345 30.54 -38.38 -16.81
C LEU A 345 31.93 -38.90 -17.12
N LEU A 346 32.04 -39.83 -18.06
CA LEU A 346 33.35 -40.35 -18.43
C LEU A 346 34.24 -39.22 -18.95
N ALA A 347 33.66 -38.30 -19.70
CA ALA A 347 34.41 -37.16 -20.22
C ALA A 347 34.93 -36.30 -19.07
N GLU A 348 34.07 -36.07 -18.08
CA GLU A 348 34.46 -35.28 -16.91
C GLU A 348 35.56 -35.99 -16.13
N LYS A 349 35.45 -37.30 -16.02
CA LYS A 349 36.43 -38.11 -15.30
C LYS A 349 37.83 -38.03 -15.91
N LYS A 350 37.92 -38.14 -17.22
CA LYS A 350 39.22 -38.07 -17.89
C LYS A 350 39.80 -36.69 -17.67
N CYS A 351 38.92 -35.70 -17.68
CA CYS A 351 39.32 -34.31 -17.50
C CYS A 351 39.95 -34.03 -16.13
N VAL A 352 39.71 -34.91 -15.16
CA VAL A 352 40.29 -34.74 -13.82
C VAL A 352 41.10 -35.96 -13.39
N ALA A 353 41.69 -36.66 -14.36
CA ALA A 353 42.49 -37.85 -14.09
C ALA A 353 43.66 -37.54 -13.16
N HIS A 354 44.20 -36.33 -13.29
CA HIS A 354 45.32 -35.91 -12.48
C HIS A 354 44.95 -35.75 -11.01
N LEU A 355 43.66 -35.94 -10.70
CA LEU A 355 43.18 -35.82 -9.33
C LEU A 355 42.61 -37.14 -8.79
N THR A 356 42.48 -38.12 -9.67
CA THR A 356 41.95 -39.42 -9.27
C THR A 356 43.05 -40.49 -9.27
N GLY A 357 44.17 -40.17 -9.93
CA GLY A 357 45.26 -41.12 -10.01
C GLY A 357 45.13 -41.96 -11.27
N GLU A 358 44.42 -41.41 -12.26
CA GLU A 358 44.18 -42.07 -13.55
C GLU A 358 45.21 -41.62 -14.57
N GLY A 359 46.32 -41.05 -14.10
CA GLY A 359 47.35 -40.60 -15.01
C GLY A 359 47.19 -39.16 -15.48
N ASN A 360 47.23 -38.96 -16.80
CA ASN A 360 47.08 -37.63 -17.38
C ASN A 360 45.64 -37.26 -17.65
N ALA A 361 45.38 -35.96 -17.68
CA ALA A 361 44.04 -35.47 -17.92
C ALA A 361 43.81 -35.06 -19.37
N TYR A 362 42.58 -35.28 -19.84
CA TYR A 362 42.18 -34.93 -21.18
C TYR A 362 40.77 -34.38 -21.04
N CYS A 363 40.56 -33.12 -21.45
CA CYS A 363 39.26 -32.49 -21.32
C CYS A 363 38.51 -32.22 -22.61
N ASP A 364 37.41 -32.92 -22.78
CA ASP A 364 36.56 -32.75 -23.95
C ASP A 364 35.12 -32.80 -23.43
N VAL A 365 34.80 -31.89 -22.53
CA VAL A 365 33.48 -31.82 -21.92
C VAL A 365 32.60 -30.72 -22.51
N PRO A 366 31.26 -30.90 -22.45
CA PRO A 366 30.31 -29.93 -22.97
C PRO A 366 30.29 -28.69 -22.07
N GLU A 367 29.94 -27.54 -22.65
CA GLU A 367 29.91 -26.30 -21.90
C GLU A 367 28.61 -26.03 -21.17
N ASP A 368 27.53 -25.82 -21.93
CA ASP A 368 26.24 -25.54 -21.30
C ASP A 368 25.50 -26.80 -20.88
N THR A 369 25.84 -27.32 -19.71
CA THR A 369 25.20 -28.52 -19.17
C THR A 369 24.74 -28.22 -17.74
N MET A 370 25.20 -27.08 -17.21
CA MET A 370 24.85 -26.64 -15.87
C MET A 370 23.35 -26.45 -15.72
N LEU A 371 22.79 -26.98 -14.64
CA LEU A 371 21.36 -26.85 -14.37
C LEU A 371 21.06 -25.43 -13.95
N ARG B 7 -11.24 -22.10 -9.31
CA ARG B 7 -10.46 -22.29 -8.06
C ARG B 7 -9.43 -21.18 -7.92
N LYS B 8 -9.64 -20.29 -6.95
CA LYS B 8 -8.75 -19.15 -6.75
C LYS B 8 -8.25 -19.06 -5.30
N ASP B 9 -8.33 -20.17 -4.59
CA ASP B 9 -7.93 -20.22 -3.20
C ASP B 9 -6.82 -21.24 -2.95
N CYS B 10 -6.14 -21.66 -4.01
CA CYS B 10 -5.10 -22.68 -3.89
C CYS B 10 -3.98 -22.45 -4.91
N PHE B 11 -2.79 -22.95 -4.59
CA PHE B 11 -1.66 -22.78 -5.47
C PHE B 11 -1.06 -24.07 -5.97
N GLY B 12 -0.79 -24.13 -7.27
CA GLY B 12 -0.20 -25.30 -7.89
C GLY B 12 -0.71 -26.63 -7.35
N VAL B 13 0.22 -27.52 -7.01
CA VAL B 13 -0.13 -28.86 -6.52
C VAL B 13 -0.99 -28.86 -5.27
N PHE B 14 -1.03 -27.76 -4.53
CA PHE B 14 -1.84 -27.76 -3.33
C PHE B 14 -3.32 -27.68 -3.65
N CYS B 15 -3.65 -27.42 -4.92
CA CYS B 15 -5.05 -27.36 -5.31
C CYS B 15 -5.69 -28.75 -5.29
N THR B 16 -4.86 -29.79 -5.28
CA THR B 16 -5.35 -31.16 -5.32
C THR B 16 -5.77 -31.80 -4.02
N THR B 17 -5.61 -31.12 -2.89
CA THR B 17 -5.96 -31.70 -1.61
C THR B 17 -7.34 -31.32 -1.07
N TYR B 18 -7.74 -32.02 -0.01
CA TYR B 18 -8.99 -31.80 0.69
C TYR B 18 -8.81 -32.59 1.99
N ASP B 19 -9.52 -32.23 3.05
CA ASP B 19 -9.32 -32.92 4.32
C ASP B 19 -9.75 -34.38 4.35
N LEU B 20 -8.76 -35.25 4.57
CA LEU B 20 -8.94 -36.70 4.61
C LEU B 20 -9.41 -37.21 5.98
N LYS B 21 -10.65 -36.88 6.34
CA LYS B 21 -11.22 -37.30 7.63
C LYS B 21 -10.95 -38.79 7.90
N SER B 28 -4.58 -40.30 12.52
CA SER B 28 -4.73 -39.65 13.82
C SER B 28 -4.39 -38.17 13.74
N TRP B 29 -4.64 -37.58 12.56
CA TRP B 29 -4.40 -36.17 12.32
C TRP B 29 -5.53 -35.31 12.89
N LYS B 30 -5.17 -34.12 13.37
CA LYS B 30 -6.15 -33.19 13.91
C LYS B 30 -6.65 -32.31 12.77
N LYS B 31 -7.82 -31.72 12.95
CA LYS B 31 -8.41 -30.84 11.94
C LYS B 31 -7.36 -29.82 11.46
N LEU B 32 -7.38 -29.52 10.17
CA LEU B 32 -6.44 -28.57 9.58
C LEU B 32 -6.48 -27.20 10.27
N VAL B 33 -5.30 -26.65 10.57
CA VAL B 33 -5.22 -25.32 11.18
C VAL B 33 -4.78 -24.34 10.11
N ASN B 34 -5.47 -23.20 10.02
CA ASN B 34 -5.16 -22.21 9.01
C ASN B 34 -4.24 -21.12 9.57
N ILE B 35 -3.15 -20.86 8.87
CA ILE B 35 -2.19 -19.87 9.32
C ILE B 35 -1.93 -18.83 8.24
N ALA B 36 -2.19 -17.56 8.56
CA ALA B 36 -1.92 -16.48 7.62
C ALA B 36 -0.54 -15.96 7.95
N VAL B 37 0.16 -15.43 6.95
CA VAL B 37 1.50 -14.87 7.18
C VAL B 37 1.71 -13.62 6.31
N SER B 38 1.83 -12.46 6.95
CA SER B 38 2.08 -11.23 6.19
C SER B 38 3.61 -11.11 6.02
N GLY B 39 4.05 -10.31 5.06
CA GLY B 39 5.47 -10.19 4.81
C GLY B 39 5.94 -11.56 4.35
N ALA B 40 5.02 -12.28 3.72
CA ALA B 40 5.26 -13.64 3.25
C ALA B 40 6.43 -13.82 2.31
N ALA B 41 6.76 -12.80 1.53
CA ALA B 41 7.88 -12.90 0.59
C ALA B 41 9.18 -12.40 1.22
N GLY B 42 9.14 -12.14 2.53
CA GLY B 42 10.32 -11.65 3.25
C GLY B 42 11.35 -12.69 3.65
N MET B 43 12.45 -12.25 4.26
CA MET B 43 13.52 -13.14 4.67
C MET B 43 13.15 -14.01 5.87
N ILE B 44 12.49 -13.43 6.87
CA ILE B 44 12.06 -14.18 8.04
C ILE B 44 11.08 -15.28 7.61
N SER B 45 10.10 -14.90 6.80
CA SER B 45 9.09 -15.85 6.31
C SER B 45 9.76 -16.99 5.54
N ASN B 46 10.80 -16.66 4.78
CA ASN B 46 11.50 -17.67 4.01
C ASN B 46 12.08 -18.80 4.87
N HIS B 47 12.37 -18.49 6.14
CA HIS B 47 12.92 -19.50 7.04
C HIS B 47 11.79 -20.15 7.83
N LEU B 48 10.83 -19.33 8.22
CA LEU B 48 9.70 -19.80 9.02
C LEU B 48 8.69 -20.72 8.33
N LEU B 49 8.28 -20.41 7.11
CA LEU B 49 7.29 -21.23 6.42
C LEU B 49 7.66 -22.70 6.32
N PHE B 50 8.95 -22.98 6.13
CA PHE B 50 9.38 -24.36 6.02
C PHE B 50 9.38 -25.10 7.36
N LYS B 51 9.61 -24.37 8.46
CA LYS B 51 9.59 -25.00 9.79
C LYS B 51 8.15 -25.42 10.07
N LEU B 52 7.22 -24.53 9.76
CA LEU B 52 5.79 -24.78 9.95
C LEU B 52 5.36 -25.99 9.13
N ALA B 53 5.72 -25.97 7.85
CA ALA B 53 5.36 -27.05 6.94
C ALA B 53 5.87 -28.43 7.39
N SER B 54 7.02 -28.46 8.04
CA SER B 54 7.62 -29.72 8.49
C SER B 54 6.93 -30.30 9.72
N GLY B 55 6.08 -29.50 10.36
CA GLY B 55 5.39 -29.98 11.56
C GLY B 55 6.17 -29.77 12.85
N GLU B 56 7.35 -29.16 12.77
CA GLU B 56 8.16 -28.94 13.97
C GLU B 56 7.49 -27.95 14.92
N VAL B 57 6.76 -26.99 14.37
CA VAL B 57 6.08 -26.00 15.19
C VAL B 57 4.83 -26.55 15.86
N PHE B 58 3.85 -27.00 15.09
CA PHE B 58 2.62 -27.52 15.68
C PHE B 58 2.57 -29.01 15.99
N GLY B 59 3.63 -29.76 15.67
CA GLY B 59 3.60 -31.19 15.95
C GLY B 59 3.27 -32.05 14.74
N GLN B 60 3.79 -33.27 14.75
CA GLN B 60 3.63 -34.23 13.66
C GLN B 60 2.21 -34.68 13.29
N ASP B 61 1.25 -34.44 14.18
CA ASP B 61 -0.13 -34.83 13.91
C ASP B 61 -1.01 -33.61 13.63
N GLN B 62 -0.40 -32.52 13.16
CA GLN B 62 -1.19 -31.32 12.86
C GLN B 62 -0.98 -30.81 11.43
N PRO B 63 -1.86 -31.21 10.51
CA PRO B 63 -1.72 -30.73 9.13
C PRO B 63 -2.11 -29.27 9.17
N ILE B 64 -1.60 -28.49 8.23
CA ILE B 64 -1.87 -27.08 8.21
C ILE B 64 -2.10 -26.50 6.82
N ALA B 65 -2.58 -25.26 6.79
CA ALA B 65 -2.80 -24.52 5.56
C ALA B 65 -2.05 -23.20 5.74
N LEU B 66 -1.36 -22.76 4.70
CA LEU B 66 -0.62 -21.50 4.77
C LEU B 66 -1.26 -20.47 3.83
N LYS B 67 -1.65 -19.34 4.41
CA LYS B 67 -2.26 -18.24 3.66
C LYS B 67 -1.19 -17.15 3.68
N LEU B 68 -0.58 -16.91 2.54
CA LEU B 68 0.50 -15.95 2.45
C LEU B 68 0.09 -14.62 1.85
N LEU B 69 0.28 -13.57 2.63
CA LEU B 69 -0.05 -12.21 2.20
C LEU B 69 1.23 -11.49 1.82
N GLY B 70 1.24 -10.92 0.63
CA GLY B 70 2.39 -10.18 0.17
C GLY B 70 1.90 -8.84 -0.36
N SER B 71 2.53 -8.34 -1.40
CA SER B 71 2.13 -7.06 -1.97
C SER B 71 2.23 -7.13 -3.48
N GLU B 72 1.62 -6.16 -4.15
CA GLU B 72 1.67 -6.09 -5.60
C GLU B 72 3.13 -6.10 -6.03
N ARG B 73 3.96 -5.30 -5.36
CA ARG B 73 5.37 -5.21 -5.68
C ARG B 73 6.14 -6.52 -5.46
N SER B 74 5.75 -7.31 -4.47
CA SER B 74 6.45 -8.55 -4.20
C SER B 74 5.69 -9.83 -4.58
N PHE B 75 4.60 -9.69 -5.32
CA PHE B 75 3.81 -10.86 -5.71
C PHE B 75 4.64 -11.92 -6.44
N GLN B 76 5.57 -11.48 -7.29
CA GLN B 76 6.46 -12.38 -8.03
C GLN B 76 7.18 -13.27 -7.01
N ALA B 77 7.91 -12.61 -6.12
CA ALA B 77 8.66 -13.29 -5.08
C ALA B 77 7.73 -14.23 -4.30
N LEU B 78 6.50 -13.80 -4.09
CA LEU B 78 5.54 -14.62 -3.37
C LEU B 78 5.27 -15.91 -4.14
N GLU B 79 5.22 -15.82 -5.46
CA GLU B 79 5.02 -17.02 -6.27
C GLU B 79 6.24 -17.94 -6.11
N GLY B 80 7.43 -17.35 -6.07
CA GLY B 80 8.64 -18.14 -5.91
C GLY B 80 8.62 -18.95 -4.64
N VAL B 81 8.15 -18.35 -3.55
CA VAL B 81 8.08 -19.06 -2.28
C VAL B 81 7.13 -20.24 -2.37
N ALA B 82 5.94 -20.03 -2.93
CA ALA B 82 4.95 -21.09 -3.05
C ALA B 82 5.53 -22.26 -3.86
N MET B 83 6.29 -21.93 -4.91
CA MET B 83 6.91 -22.94 -5.74
C MET B 83 7.94 -23.74 -4.95
N GLU B 84 8.72 -23.08 -4.10
CA GLU B 84 9.71 -23.80 -3.31
C GLU B 84 8.99 -24.72 -2.32
N LEU B 85 7.82 -24.30 -1.87
CA LEU B 85 7.05 -25.14 -0.97
C LEU B 85 6.52 -26.37 -1.75
N GLU B 86 6.19 -26.18 -3.02
CA GLU B 86 5.71 -27.29 -3.85
C GLU B 86 6.81 -28.33 -3.96
N ASP B 87 8.05 -27.85 -4.11
CA ASP B 87 9.20 -28.73 -4.25
C ASP B 87 9.74 -29.29 -2.94
N SER B 88 9.10 -28.95 -1.82
CA SER B 88 9.58 -29.46 -0.53
C SER B 88 8.84 -30.71 -0.11
N LEU B 89 7.72 -30.99 -0.78
CA LEU B 89 6.93 -32.20 -0.51
C LEU B 89 6.57 -32.44 0.95
N TYR B 90 6.41 -31.37 1.73
CA TYR B 90 6.03 -31.54 3.12
C TYR B 90 4.61 -32.12 3.18
N PRO B 91 4.47 -33.33 3.72
CA PRO B 91 3.15 -33.98 3.83
C PRO B 91 2.17 -33.30 4.77
N LEU B 92 2.66 -32.50 5.72
CA LEU B 92 1.75 -31.81 6.63
C LEU B 92 1.22 -30.50 6.06
N LEU B 93 1.89 -29.95 5.05
CA LEU B 93 1.41 -28.73 4.40
C LEU B 93 0.38 -29.11 3.33
N ARG B 94 -0.89 -29.21 3.71
CA ARG B 94 -1.97 -29.59 2.78
C ARG B 94 -2.47 -28.46 1.89
N GLU B 95 -2.33 -27.22 2.33
CA GLU B 95 -2.82 -26.09 1.55
C GLU B 95 -1.94 -24.87 1.56
N VAL B 96 -1.89 -24.22 0.40
CA VAL B 96 -1.12 -23.00 0.21
C VAL B 96 -1.87 -22.04 -0.70
N SER B 97 -1.95 -20.77 -0.28
CA SER B 97 -2.60 -19.76 -1.08
C SER B 97 -1.78 -18.51 -0.96
N ILE B 98 -1.79 -17.70 -2.01
CA ILE B 98 -1.05 -16.45 -2.00
C ILE B 98 -1.97 -15.34 -2.48
N GLY B 99 -1.73 -14.13 -2.00
CA GLY B 99 -2.56 -13.01 -2.39
C GLY B 99 -2.07 -11.71 -1.81
N ILE B 100 -2.73 -10.62 -2.19
CA ILE B 100 -2.36 -9.30 -1.72
C ILE B 100 -3.50 -8.60 -1.01
N ASP B 101 -4.62 -9.30 -0.87
CA ASP B 101 -5.78 -8.73 -0.18
C ASP B 101 -6.00 -9.45 1.14
N PRO B 102 -5.74 -8.78 2.28
CA PRO B 102 -5.93 -9.40 3.60
C PRO B 102 -7.35 -9.87 3.88
N TYR B 103 -8.35 -9.23 3.25
CA TYR B 103 -9.73 -9.64 3.48
C TYR B 103 -9.97 -11.00 2.85
N GLU B 104 -9.02 -11.42 2.03
CA GLU B 104 -9.09 -12.71 1.34
C GLU B 104 -8.15 -13.68 2.06
N VAL B 105 -6.87 -13.32 2.12
CA VAL B 105 -5.90 -14.18 2.77
C VAL B 105 -6.27 -14.53 4.21
N PHE B 106 -6.92 -13.60 4.92
CA PHE B 106 -7.27 -13.86 6.32
C PHE B 106 -8.54 -14.66 6.59
N GLU B 107 -9.34 -14.98 5.60
CA GLU B 107 -10.56 -15.70 5.97
C GLU B 107 -10.35 -17.07 6.60
N ASP B 108 -10.99 -17.25 7.75
CA ASP B 108 -10.95 -18.49 8.50
C ASP B 108 -9.60 -18.89 9.11
N VAL B 109 -8.62 -17.99 9.12
CA VAL B 109 -7.34 -18.37 9.70
C VAL B 109 -7.44 -18.43 11.23
N ASP B 110 -6.68 -19.34 11.82
CA ASP B 110 -6.66 -19.55 13.26
C ASP B 110 -5.45 -18.83 13.86
N TRP B 111 -4.50 -18.51 12.99
CA TRP B 111 -3.29 -17.82 13.38
C TRP B 111 -2.97 -16.77 12.34
N ALA B 112 -2.41 -15.66 12.79
CA ALA B 112 -2.04 -14.59 11.90
C ALA B 112 -0.66 -14.14 12.35
N LEU B 113 0.34 -14.45 11.55
CA LEU B 113 1.72 -14.09 11.87
C LEU B 113 1.97 -12.84 11.06
N LEU B 114 1.82 -11.68 11.71
CA LEU B 114 1.98 -10.41 11.03
C LEU B 114 3.41 -9.88 11.06
N ILE B 115 4.18 -10.29 10.06
CA ILE B 115 5.57 -9.90 9.93
C ILE B 115 5.74 -8.64 9.08
N GLY B 116 4.84 -8.48 8.10
CA GLY B 116 4.91 -7.35 7.20
C GLY B 116 4.87 -5.98 7.87
N ALA B 117 5.77 -5.10 7.45
CA ALA B 117 5.85 -3.74 7.98
C ALA B 117 6.93 -2.95 7.23
N LYS B 118 6.67 -1.66 6.99
CA LYS B 118 7.65 -0.83 6.30
C LYS B 118 8.86 -0.64 7.19
N PRO B 119 10.07 -0.80 6.61
CA PRO B 119 11.32 -0.63 7.36
C PRO B 119 11.48 0.83 7.75
N ARG B 120 12.27 1.11 8.78
CA ARG B 120 12.47 2.50 9.19
C ARG B 120 13.27 3.22 8.10
N GLY B 121 12.59 4.05 7.32
CA GLY B 121 13.24 4.76 6.24
C GLY B 121 14.17 5.89 6.65
N PRO B 122 14.98 6.38 5.70
CA PRO B 122 15.95 7.47 5.92
C PRO B 122 15.27 8.74 6.40
N GLY B 123 15.77 9.29 7.51
CA GLY B 123 15.20 10.50 8.06
C GLY B 123 13.73 10.36 8.38
N MET B 124 13.35 9.18 8.87
CA MET B 124 11.97 8.90 9.21
C MET B 124 11.75 8.87 10.73
N GLU B 125 11.25 9.99 11.27
CA GLU B 125 11.00 10.09 12.69
C GLU B 125 10.13 8.96 13.24
N ARG B 126 10.27 8.70 14.54
CA ARG B 126 9.52 7.65 15.22
C ARG B 126 8.02 7.81 14.99
N ALA B 127 7.55 9.04 14.98
CA ALA B 127 6.13 9.32 14.77
C ALA B 127 5.62 8.85 13.41
N ALA B 128 6.38 9.11 12.36
CA ALA B 128 5.98 8.72 11.01
C ALA B 128 5.91 7.20 10.88
N LEU B 129 6.83 6.51 11.54
CA LEU B 129 6.86 5.05 11.50
C LEU B 129 5.63 4.51 12.21
N LEU B 130 5.25 5.16 13.30
CA LEU B 130 4.07 4.77 14.08
C LEU B 130 2.80 4.94 13.26
N ASP B 131 2.74 6.00 12.48
CA ASP B 131 1.57 6.29 11.65
C ASP B 131 1.52 5.41 10.39
N ILE B 132 2.64 5.31 9.68
CA ILE B 132 2.66 4.49 8.47
C ILE B 132 2.37 3.03 8.77
N ASN B 133 3.15 2.42 9.66
CA ASN B 133 2.88 1.02 9.97
C ASN B 133 1.58 0.84 10.75
N GLY B 134 1.20 1.86 11.51
CA GLY B 134 -0.03 1.78 12.27
C GLY B 134 -1.23 1.60 11.35
N GLN B 135 -1.24 2.37 10.27
CA GLN B 135 -2.31 2.32 9.30
C GLN B 135 -2.45 0.91 8.74
N ILE B 136 -1.31 0.31 8.42
CA ILE B 136 -1.28 -1.05 7.88
C ILE B 136 -1.93 -2.02 8.85
N PHE B 137 -1.57 -1.91 10.13
CA PHE B 137 -2.16 -2.81 11.11
C PHE B 137 -3.60 -2.49 11.47
N ALA B 138 -4.00 -1.23 11.29
CA ALA B 138 -5.39 -0.86 11.57
C ALA B 138 -6.24 -1.64 10.56
N ASP B 139 -5.82 -1.61 9.30
CA ASP B 139 -6.55 -2.32 8.26
C ASP B 139 -6.54 -3.85 8.42
N GLN B 140 -5.37 -4.41 8.69
CA GLN B 140 -5.27 -5.84 8.89
C GLN B 140 -6.17 -6.21 10.05
N GLY B 141 -6.27 -5.32 11.03
CA GLY B 141 -7.13 -5.56 12.17
C GLY B 141 -8.59 -5.65 11.72
N LYS B 142 -8.98 -4.80 10.80
CA LYS B 142 -10.36 -4.82 10.30
C LYS B 142 -10.60 -6.09 9.49
N ALA B 143 -9.61 -6.46 8.68
CA ALA B 143 -9.73 -7.68 7.88
C ALA B 143 -9.94 -8.87 8.80
N LEU B 144 -9.09 -8.97 9.83
CA LEU B 144 -9.21 -10.07 10.78
C LEU B 144 -10.57 -10.08 11.47
N ASN B 145 -11.09 -8.91 11.80
CA ASN B 145 -12.38 -8.83 12.48
C ASN B 145 -13.52 -9.30 11.59
N ALA B 146 -13.42 -8.99 10.30
CA ALA B 146 -14.47 -9.39 9.37
C ALA B 146 -14.43 -10.84 8.87
N VAL B 147 -13.26 -11.32 8.46
CA VAL B 147 -13.14 -12.67 7.90
C VAL B 147 -12.41 -13.79 8.63
N ALA B 148 -11.56 -13.46 9.59
CA ALA B 148 -10.81 -14.48 10.31
C ALA B 148 -11.64 -15.14 11.37
N SER B 149 -11.11 -16.21 11.96
CA SER B 149 -11.80 -16.92 13.02
C SER B 149 -11.90 -15.98 14.22
N LYS B 150 -13.01 -16.07 14.94
CA LYS B 150 -13.22 -15.21 16.11
C LYS B 150 -12.21 -15.51 17.21
N ASN B 151 -11.51 -16.64 17.10
CA ASN B 151 -10.53 -16.99 18.12
C ASN B 151 -9.12 -17.05 17.53
N VAL B 152 -8.88 -16.29 16.47
CA VAL B 152 -7.58 -16.24 15.83
C VAL B 152 -6.53 -15.70 16.79
N LYS B 153 -5.31 -16.21 16.71
CA LYS B 153 -4.23 -15.71 17.54
C LYS B 153 -3.44 -14.84 16.57
N VAL B 154 -3.15 -13.61 16.99
CA VAL B 154 -2.43 -12.69 16.14
C VAL B 154 -1.09 -12.41 16.77
N LEU B 155 -0.03 -12.82 16.10
CA LEU B 155 1.34 -12.60 16.57
C LEU B 155 1.95 -11.49 15.71
N VAL B 156 2.26 -10.37 16.34
CA VAL B 156 2.82 -9.23 15.65
C VAL B 156 4.34 -9.18 15.74
N VAL B 157 4.99 -9.10 14.58
CA VAL B 157 6.44 -9.04 14.51
C VAL B 157 6.84 -7.74 13.80
N GLY B 158 5.92 -7.19 13.03
CA GLY B 158 6.20 -5.95 12.31
C GLY B 158 6.35 -4.78 13.29
N ASN B 159 7.42 -4.02 13.14
CA ASN B 159 7.69 -2.90 14.03
C ASN B 159 6.88 -1.64 13.74
N PRO B 160 6.53 -0.87 14.79
CA PRO B 160 6.87 -1.16 16.19
C PRO B 160 5.80 -2.08 16.80
N CYS B 161 6.17 -3.33 17.04
CA CYS B 161 5.30 -4.39 17.58
C CYS B 161 4.19 -4.07 18.57
N ASN B 162 4.56 -3.65 19.77
CA ASN B 162 3.57 -3.37 20.81
C ASN B 162 2.44 -2.47 20.36
N THR B 163 2.80 -1.31 19.84
CA THR B 163 1.81 -0.35 19.39
C THR B 163 1.05 -0.86 18.16
N ASN B 164 1.72 -1.59 17.26
CA ASN B 164 1.00 -2.14 16.10
C ASN B 164 -0.07 -3.11 16.61
N ALA B 165 0.29 -3.90 17.61
CA ALA B 165 -0.65 -4.86 18.16
C ALA B 165 -1.82 -4.14 18.83
N LEU B 166 -1.53 -3.06 19.57
CA LEU B 166 -2.60 -2.31 20.23
C LEU B 166 -3.57 -1.79 19.17
N ILE B 167 -3.03 -1.23 18.11
CA ILE B 167 -3.82 -0.70 17.03
C ILE B 167 -4.66 -1.82 16.39
N CYS B 168 -4.00 -2.94 16.09
CA CYS B 168 -4.67 -4.08 15.47
C CYS B 168 -5.87 -4.56 16.28
N LEU B 169 -5.67 -4.83 17.57
CA LEU B 169 -6.77 -5.32 18.39
C LEU B 169 -7.84 -4.28 18.59
N LYS B 170 -7.47 -3.00 18.55
CA LYS B 170 -8.45 -1.91 18.72
C LYS B 170 -9.33 -1.80 17.48
N ASN B 171 -8.87 -2.36 16.36
CA ASN B 171 -9.63 -2.32 15.11
C ASN B 171 -10.32 -3.66 14.89
N ALA B 172 -10.29 -4.51 15.91
CA ALA B 172 -10.94 -5.82 15.85
C ALA B 172 -11.61 -6.07 17.19
N PRO B 173 -12.65 -5.29 17.49
CA PRO B 173 -13.40 -5.42 18.76
C PRO B 173 -14.07 -6.78 18.94
N ASP B 174 -14.34 -7.46 17.84
CA ASP B 174 -14.99 -8.75 17.89
C ASP B 174 -14.04 -9.93 18.15
N ILE B 175 -12.76 -9.62 18.33
CA ILE B 175 -11.73 -10.63 18.62
C ILE B 175 -11.18 -10.28 20.01
N PRO B 176 -11.18 -11.25 20.95
CA PRO B 176 -10.67 -10.96 22.29
C PRO B 176 -9.30 -10.28 22.26
N ALA B 177 -9.19 -9.17 22.99
CA ALA B 177 -7.94 -8.40 23.07
C ALA B 177 -6.79 -9.31 23.51
N LYS B 178 -7.13 -10.27 24.36
CA LYS B 178 -6.20 -11.25 24.91
C LYS B 178 -5.48 -12.09 23.83
N ASN B 179 -6.07 -12.18 22.65
CA ASN B 179 -5.51 -12.98 21.55
C ASN B 179 -4.40 -12.32 20.75
N PHE B 180 -4.04 -11.08 21.10
CA PHE B 180 -3.00 -10.35 20.38
C PHE B 180 -1.64 -10.36 21.06
N HIS B 181 -0.58 -10.61 20.28
CA HIS B 181 0.76 -10.69 20.82
C HIS B 181 1.83 -9.90 20.08
N ALA B 182 2.71 -9.27 20.85
CA ALA B 182 3.84 -8.53 20.31
C ALA B 182 5.02 -9.41 20.75
N LEU B 183 5.75 -9.98 19.78
CA LEU B 183 6.86 -10.90 20.07
C LEU B 183 8.15 -10.33 20.64
N THR B 184 8.52 -10.81 21.82
CA THR B 184 9.75 -10.39 22.47
C THR B 184 10.60 -11.64 22.69
N ARG B 185 10.14 -12.77 22.16
CA ARG B 185 10.82 -14.05 22.35
C ARG B 185 12.26 -14.07 21.84
N LEU B 186 12.52 -13.46 20.70
CA LEU B 186 13.89 -13.43 20.19
C LEU B 186 14.80 -12.81 21.26
N ASP B 187 14.36 -11.68 21.82
CA ASP B 187 15.15 -11.01 22.84
C ASP B 187 15.23 -11.83 24.11
N GLU B 188 14.20 -12.62 24.41
CA GLU B 188 14.25 -13.48 25.58
C GLU B 188 15.32 -14.54 25.32
N ASN B 189 15.28 -15.17 24.14
CA ASN B 189 16.24 -16.21 23.78
C ASN B 189 17.68 -15.70 23.82
N ARG B 190 17.87 -14.44 23.43
CA ARG B 190 19.21 -13.86 23.43
C ARG B 190 19.68 -13.59 24.85
N ALA B 191 18.78 -13.08 25.69
CA ALA B 191 19.09 -12.78 27.09
C ALA B 191 19.52 -14.06 27.79
N LYS B 192 18.75 -15.13 27.56
CA LYS B 192 19.05 -16.42 28.18
C LYS B 192 20.42 -16.93 27.73
N CYS B 193 20.74 -16.70 26.46
CA CYS B 193 22.03 -17.13 25.94
C CYS B 193 23.12 -16.36 26.64
N GLN B 194 22.94 -15.04 26.75
CA GLN B 194 23.93 -14.19 27.41
C GLN B 194 24.10 -14.58 28.87
N LEU B 195 22.99 -14.85 29.56
CA LEU B 195 23.04 -15.26 30.96
C LEU B 195 23.84 -16.56 31.07
N ALA B 196 23.47 -17.54 30.27
CA ALA B 196 24.14 -18.83 30.27
C ALA B 196 25.65 -18.63 30.08
N LEU B 197 26.02 -17.87 29.07
CA LEU B 197 27.43 -17.60 28.79
C LEU B 197 28.13 -17.01 30.02
N LYS B 198 27.53 -15.96 30.57
CA LYS B 198 28.09 -15.28 31.73
C LYS B 198 28.31 -16.24 32.90
N ALA B 199 27.33 -17.07 33.20
CA ALA B 199 27.45 -18.02 34.30
C ALA B 199 28.18 -19.28 33.88
N GLY B 200 28.79 -19.25 32.69
CA GLY B 200 29.51 -20.42 32.20
C GLY B 200 28.69 -21.70 32.24
N VAL B 201 27.42 -21.61 31.88
CA VAL B 201 26.54 -22.77 31.88
C VAL B 201 25.86 -22.88 30.52
N PHE B 202 25.34 -24.06 30.18
CA PHE B 202 24.68 -24.23 28.89
C PHE B 202 23.29 -23.61 28.98
N TYR B 203 22.76 -23.19 27.83
CA TYR B 203 21.44 -22.54 27.82
C TYR B 203 20.25 -23.39 28.25
N ASP B 204 20.41 -24.70 28.34
CA ASP B 204 19.30 -25.54 28.78
C ASP B 204 19.17 -25.56 30.31
N LYS B 205 20.10 -24.91 30.99
CA LYS B 205 20.07 -24.85 32.44
C LYS B 205 19.62 -23.49 32.93
N VAL B 206 19.12 -22.66 32.01
CA VAL B 206 18.65 -21.32 32.35
C VAL B 206 17.14 -21.25 32.12
N SER B 207 16.42 -20.64 33.06
CA SER B 207 14.96 -20.54 32.96
C SER B 207 14.42 -19.23 33.55
N ASN B 208 13.10 -19.05 33.43
CA ASN B 208 12.42 -17.87 33.97
C ASN B 208 13.04 -16.55 33.54
N VAL B 209 13.35 -16.45 32.24
CA VAL B 209 13.94 -15.26 31.67
C VAL B 209 12.81 -14.41 31.12
N THR B 210 12.69 -13.18 31.62
CA THR B 210 11.61 -12.32 31.17
C THR B 210 12.07 -11.02 30.53
N ILE B 211 11.34 -10.60 29.51
CA ILE B 211 11.60 -9.33 28.84
C ILE B 211 10.32 -8.55 29.07
N TRP B 212 10.37 -7.48 29.85
CA TRP B 212 9.17 -6.68 30.11
C TRP B 212 9.19 -5.43 29.23
N GLY B 213 8.00 -4.87 28.98
CA GLY B 213 7.91 -3.65 28.19
C GLY B 213 7.65 -3.80 26.71
N ASN B 214 8.01 -2.78 25.92
CA ASN B 214 7.78 -2.91 24.49
C ASN B 214 9.05 -3.32 23.78
N HIS B 215 8.89 -3.82 22.56
CA HIS B 215 10.04 -4.26 21.82
C HIS B 215 10.83 -3.06 21.32
N SER B 216 11.70 -2.54 22.18
CA SER B 216 12.53 -1.39 21.84
C SER B 216 13.70 -1.31 22.82
N THR B 217 14.47 -0.22 22.74
CA THR B 217 15.61 -0.05 23.63
C THR B 217 15.19 0.07 25.09
N THR B 218 13.90 0.27 25.37
CA THR B 218 13.47 0.37 26.76
C THR B 218 13.03 -0.98 27.29
N GLN B 219 13.15 -2.04 26.48
CA GLN B 219 12.75 -3.38 26.94
C GLN B 219 13.53 -3.72 28.21
N VAL B 220 12.92 -4.51 29.08
CA VAL B 220 13.58 -4.84 30.33
C VAL B 220 13.99 -6.30 30.55
N PRO B 221 15.27 -6.62 30.36
CA PRO B 221 15.73 -8.00 30.56
C PRO B 221 15.75 -8.18 32.08
N ASP B 222 14.84 -9.00 32.60
CA ASP B 222 14.74 -9.21 34.03
C ASP B 222 15.59 -10.35 34.59
N PHE B 223 16.64 -10.00 35.34
CA PHE B 223 17.51 -11.01 35.93
C PHE B 223 17.02 -11.39 37.30
N LEU B 224 16.31 -10.49 37.96
CA LEU B 224 15.80 -10.78 39.29
C LEU B 224 15.03 -12.11 39.38
N ASN B 225 14.10 -12.34 38.47
CA ASN B 225 13.29 -13.57 38.52
C ASN B 225 13.87 -14.75 37.75
N ALA B 226 14.98 -14.53 37.06
CA ALA B 226 15.62 -15.61 36.29
C ALA B 226 16.32 -16.62 37.20
N LYS B 227 16.53 -17.82 36.68
CA LYS B 227 17.19 -18.89 37.43
C LYS B 227 18.21 -19.60 36.56
N ILE B 228 19.24 -20.13 37.20
CA ILE B 228 20.26 -20.87 36.51
C ILE B 228 20.39 -22.16 37.29
N ASP B 229 19.92 -23.25 36.69
CA ASP B 229 19.94 -24.56 37.31
C ASP B 229 19.01 -24.62 38.52
N GLY B 230 17.94 -23.81 38.50
CA GLY B 230 16.98 -23.83 39.59
C GLY B 230 17.21 -22.78 40.66
N ARG B 231 18.34 -22.08 40.60
CA ARG B 231 18.63 -21.05 41.60
C ARG B 231 18.55 -19.63 41.03
N PRO B 232 18.16 -18.66 41.87
CA PRO B 232 18.05 -17.26 41.43
C PRO B 232 19.39 -16.78 40.87
N VAL B 233 19.37 -16.27 39.64
CA VAL B 233 20.59 -15.80 38.99
C VAL B 233 21.47 -14.90 39.87
N LYS B 234 20.86 -14.09 40.73
CA LYS B 234 21.64 -13.21 41.58
C LYS B 234 22.59 -13.94 42.54
N GLU B 235 22.28 -15.18 42.91
CA GLU B 235 23.20 -15.90 43.79
C GLU B 235 24.28 -16.64 43.00
N VAL B 236 24.07 -16.76 41.69
CA VAL B 236 25.04 -17.45 40.84
C VAL B 236 25.99 -16.43 40.21
N ILE B 237 25.42 -15.37 39.65
CA ILE B 237 26.21 -14.31 39.05
C ILE B 237 26.32 -13.20 40.09
N LYS B 238 27.53 -13.04 40.63
CA LYS B 238 27.77 -12.03 41.65
C LYS B 238 28.05 -10.66 41.04
N ARG B 239 28.58 -10.63 39.83
CA ARG B 239 28.89 -9.36 39.19
C ARG B 239 27.62 -8.54 39.01
N THR B 240 27.36 -7.66 39.97
CA THR B 240 26.17 -6.81 39.93
C THR B 240 26.23 -5.76 38.83
N LYS B 241 27.42 -5.27 38.51
CA LYS B 241 27.56 -4.27 37.47
C LYS B 241 27.08 -4.85 36.14
N TRP B 242 27.62 -6.01 35.79
CA TRP B 242 27.23 -6.67 34.54
C TRP B 242 25.72 -6.84 34.51
N LEU B 243 25.15 -7.34 35.59
CA LEU B 243 23.71 -7.55 35.65
C LEU B 243 22.89 -6.30 35.40
N GLU B 244 23.36 -5.18 35.94
CA GLU B 244 22.61 -3.92 35.82
C GLU B 244 23.01 -2.98 34.70
N GLU B 245 24.13 -3.25 34.03
CA GLU B 245 24.56 -2.37 32.95
C GLU B 245 25.00 -3.07 31.67
N GLU B 246 25.71 -4.18 31.80
CA GLU B 246 26.21 -4.89 30.63
C GLU B 246 25.21 -5.88 30.03
N PHE B 247 24.49 -6.60 30.89
CA PHE B 247 23.51 -7.59 30.45
C PHE B 247 22.56 -7.00 29.40
N THR B 248 21.83 -5.97 29.79
CA THR B 248 20.88 -5.32 28.89
C THR B 248 21.50 -4.83 27.58
N ILE B 249 22.61 -4.13 27.66
CA ILE B 249 23.27 -3.62 26.45
C ILE B 249 23.74 -4.76 25.54
N THR B 250 24.19 -5.87 26.15
CA THR B 250 24.66 -7.01 25.37
C THR B 250 23.48 -7.56 24.56
N VAL B 251 22.33 -7.68 25.21
CA VAL B 251 21.13 -8.17 24.57
C VAL B 251 20.75 -7.21 23.46
N GLN B 252 20.63 -5.94 23.83
CA GLN B 252 20.25 -4.86 22.94
C GLN B 252 21.11 -4.69 21.68
N LYS B 253 22.41 -5.00 21.79
CA LYS B 253 23.33 -4.85 20.65
C LYS B 253 23.55 -6.13 19.86
N ARG B 254 22.92 -7.22 20.27
CA ARG B 254 23.08 -8.51 19.61
C ARG B 254 22.60 -8.45 18.16
N GLY B 255 21.42 -7.88 17.96
CA GLY B 255 20.86 -7.76 16.62
C GLY B 255 21.71 -6.88 15.74
N GLY B 256 22.31 -5.85 16.34
CA GLY B 256 23.15 -4.94 15.60
C GLY B 256 24.51 -5.55 15.31
N ALA B 257 25.03 -6.32 16.26
CA ALA B 257 26.33 -6.96 16.10
C ALA B 257 26.27 -7.99 15.00
N LEU B 258 25.08 -8.57 14.81
CA LEU B 258 24.89 -9.59 13.77
C LEU B 258 24.73 -8.97 12.39
N ILE B 259 24.51 -7.66 12.35
CA ILE B 259 24.34 -6.94 11.08
C ILE B 259 25.67 -6.71 10.36
N GLN B 260 26.73 -6.44 11.12
CA GLN B 260 28.05 -6.21 10.53
C GLN B 260 28.76 -7.55 10.32
N LYS B 261 28.53 -8.49 11.22
CA LYS B 261 29.11 -9.83 11.13
C LYS B 261 28.49 -10.55 9.93
N TRP B 262 27.22 -10.93 10.08
CA TRP B 262 26.48 -11.61 9.02
C TRP B 262 26.46 -10.73 7.78
N GLY B 263 26.19 -9.45 7.97
CA GLY B 263 26.14 -8.51 6.87
C GLY B 263 24.71 -8.01 6.71
N ARG B 264 23.76 -8.87 7.05
CA ARG B 264 22.35 -8.53 6.95
C ARG B 264 21.55 -9.17 8.09
N SER B 265 20.24 -9.17 7.93
CA SER B 265 19.29 -9.71 8.91
C SER B 265 19.60 -11.11 9.44
N SER B 266 19.28 -11.32 10.70
CA SER B 266 19.46 -12.61 11.37
C SER B 266 18.14 -13.36 11.27
N ALA B 267 17.64 -13.49 10.04
CA ALA B 267 16.37 -14.15 9.74
C ALA B 267 16.17 -15.53 10.38
N ALA B 268 17.17 -16.39 10.26
CA ALA B 268 17.07 -17.74 10.80
C ALA B 268 16.69 -17.80 12.27
N SER B 269 17.48 -17.13 13.11
CA SER B 269 17.19 -17.16 14.54
C SER B 269 15.93 -16.40 14.93
N THR B 270 15.49 -15.42 14.15
CA THR B 270 14.24 -14.78 14.55
C THR B 270 13.08 -15.69 14.12
N ALA B 271 13.27 -16.48 13.06
CA ALA B 271 12.21 -17.40 12.65
C ALA B 271 12.14 -18.48 13.74
N VAL B 272 13.30 -18.86 14.27
CA VAL B 272 13.31 -19.85 15.35
C VAL B 272 12.50 -19.31 16.53
N SER B 273 12.69 -18.03 16.85
CA SER B 273 11.98 -17.45 17.98
C SER B 273 10.49 -17.35 17.73
N ILE B 274 10.10 -17.12 16.48
CA ILE B 274 8.68 -17.04 16.20
C ILE B 274 8.06 -18.42 16.41
N ALA B 275 8.80 -19.45 16.02
CA ALA B 275 8.34 -20.81 16.20
C ALA B 275 8.20 -21.12 17.69
N ASP B 276 9.22 -20.75 18.48
CA ASP B 276 9.18 -21.00 19.93
C ASP B 276 7.97 -20.28 20.51
N ALA B 277 7.79 -19.03 20.10
CA ALA B 277 6.69 -18.22 20.59
C ALA B 277 5.36 -18.96 20.39
N ILE B 278 5.16 -19.53 19.21
CA ILE B 278 3.94 -20.27 18.91
C ILE B 278 3.83 -21.52 19.77
N LYS B 279 4.90 -22.32 19.79
CA LYS B 279 4.91 -23.55 20.58
C LYS B 279 4.57 -23.28 22.03
N SER B 280 5.00 -22.13 22.56
CA SER B 280 4.71 -21.79 23.95
C SER B 280 3.21 -21.65 24.17
N LEU B 281 2.47 -21.42 23.11
CA LEU B 281 1.02 -21.27 23.24
C LEU B 281 0.29 -22.60 23.01
N VAL B 282 0.90 -23.51 22.24
CA VAL B 282 0.26 -24.80 21.98
C VAL B 282 0.85 -26.02 22.71
N THR B 283 1.67 -25.78 23.72
CA THR B 283 2.25 -26.87 24.50
C THR B 283 2.25 -26.41 25.95
N PRO B 284 1.94 -27.31 26.90
CA PRO B 284 1.92 -26.90 28.30
C PRO B 284 3.28 -26.37 28.77
N THR B 285 3.25 -25.30 29.55
CA THR B 285 4.49 -24.70 30.06
C THR B 285 5.05 -25.57 31.18
N PRO B 286 6.33 -25.96 31.09
CA PRO B 286 6.91 -26.79 32.15
C PRO B 286 6.71 -26.06 33.46
N GLU B 287 6.30 -26.80 34.49
CA GLU B 287 6.05 -26.22 35.80
C GLU B 287 7.11 -25.25 36.29
N GLY B 288 6.66 -24.13 36.85
CA GLY B 288 7.58 -23.13 37.38
C GLY B 288 8.21 -22.16 36.39
N ASP B 289 8.14 -22.47 35.11
CA ASP B 289 8.73 -21.59 34.09
C ASP B 289 7.68 -20.69 33.43
N TRP B 290 8.10 -19.91 32.44
CA TRP B 290 7.18 -19.02 31.73
C TRP B 290 7.83 -18.50 30.47
N PHE B 291 7.12 -17.68 29.71
CA PHE B 291 7.69 -17.14 28.47
C PHE B 291 7.27 -15.69 28.30
N SER B 292 8.04 -14.95 27.53
CA SER B 292 7.75 -13.53 27.33
C SER B 292 6.92 -13.26 26.10
N THR B 293 5.95 -12.37 26.23
CA THR B 293 5.12 -11.98 25.10
C THR B 293 4.43 -10.65 25.41
N GLY B 294 4.50 -9.72 24.45
CA GLY B 294 3.87 -8.43 24.60
C GLY B 294 2.38 -8.67 24.53
N VAL B 295 1.68 -8.41 25.62
CA VAL B 295 0.25 -8.68 25.65
C VAL B 295 -0.58 -7.54 26.27
N TYR B 296 -1.89 -7.58 26.04
CA TYR B 296 -2.79 -6.55 26.56
C TYR B 296 -2.69 -6.52 28.10
N THR B 297 -2.41 -5.35 28.65
CA THR B 297 -2.21 -5.19 30.10
C THR B 297 -3.42 -5.07 31.01
N THR B 298 -4.57 -4.68 30.48
CA THR B 298 -5.76 -4.52 31.32
C THR B 298 -6.04 -5.75 32.16
N GLY B 299 -5.90 -5.59 33.48
CA GLY B 299 -6.13 -6.69 34.40
C GLY B 299 -4.85 -7.21 35.03
N ASN B 300 -3.70 -6.79 34.51
CA ASN B 300 -2.43 -7.24 35.04
C ASN B 300 -2.31 -6.90 36.53
N PRO B 301 -1.61 -7.75 37.29
CA PRO B 301 -1.43 -7.51 38.73
C PRO B 301 -0.09 -6.87 39.06
N TYR B 302 0.71 -6.60 38.04
CA TYR B 302 2.03 -6.02 38.25
C TYR B 302 2.05 -4.51 38.45
N GLY B 303 0.88 -3.89 38.52
CA GLY B 303 0.82 -2.46 38.70
C GLY B 303 1.13 -1.69 37.43
N ILE B 304 1.21 -2.39 36.30
CA ILE B 304 1.50 -1.77 35.00
C ILE B 304 0.25 -1.06 34.47
N ALA B 305 0.41 0.08 33.80
CA ALA B 305 -0.74 0.80 33.27
C ALA B 305 -1.57 -0.12 32.39
N GLU B 306 -2.88 0.12 32.35
CA GLU B 306 -3.77 -0.70 31.54
C GLU B 306 -4.01 -0.14 30.15
N ASP B 307 -4.73 -0.91 29.33
CA ASP B 307 -5.08 -0.52 27.97
C ASP B 307 -3.89 -0.32 27.05
N ILE B 308 -2.89 -1.19 27.18
CA ILE B 308 -1.71 -1.15 26.32
C ILE B 308 -1.19 -2.58 26.15
N VAL B 309 -0.18 -2.74 25.30
CA VAL B 309 0.42 -4.05 25.05
C VAL B 309 1.82 -3.94 25.61
N PHE B 310 2.07 -4.75 26.64
CA PHE B 310 3.33 -4.73 27.37
C PHE B 310 3.83 -6.16 27.57
N SER B 311 5.08 -6.41 27.22
CA SER B 311 5.62 -7.75 27.39
C SER B 311 5.65 -8.12 28.89
N MET B 312 5.15 -9.32 29.21
CA MET B 312 5.09 -9.81 30.58
C MET B 312 5.30 -11.32 30.68
N PRO B 313 5.56 -11.84 31.89
CA PRO B 313 5.76 -13.28 32.06
C PRO B 313 4.43 -14.04 31.96
N CYS B 314 4.40 -15.07 31.13
CA CYS B 314 3.19 -15.85 30.92
C CYS B 314 3.48 -17.34 30.86
N ARG B 315 2.45 -18.13 31.12
CA ARG B 315 2.54 -19.58 31.01
C ARG B 315 1.25 -20.05 30.35
N SER B 316 1.25 -21.25 29.79
CA SER B 316 0.08 -21.75 29.07
C SER B 316 -0.23 -23.22 29.29
N LYS B 317 -1.52 -23.55 29.22
CA LYS B 317 -1.99 -24.92 29.38
C LYS B 317 -1.71 -25.67 28.06
N GLY B 318 -1.49 -24.90 26.99
CA GLY B 318 -1.22 -25.50 25.69
C GLY B 318 -2.46 -25.50 24.81
N ASP B 319 -3.47 -24.75 25.23
CA ASP B 319 -4.74 -24.65 24.50
C ASP B 319 -4.74 -23.46 23.56
N GLY B 320 -3.56 -22.90 23.29
CA GLY B 320 -3.48 -21.75 22.41
C GLY B 320 -3.66 -20.44 23.16
N ASP B 321 -4.02 -20.52 24.44
CA ASP B 321 -4.17 -19.31 25.21
C ASP B 321 -3.13 -19.22 26.34
N TYR B 322 -3.28 -18.26 27.23
CA TYR B 322 -2.29 -18.10 28.29
C TYR B 322 -2.83 -17.34 29.49
N GLU B 323 -2.01 -17.23 30.53
CA GLU B 323 -2.36 -16.49 31.74
C GLU B 323 -1.06 -15.86 32.23
N LEU B 324 -1.16 -14.70 32.88
CA LEU B 324 0.03 -14.02 33.39
C LEU B 324 0.61 -14.78 34.58
N ALA B 325 1.93 -14.89 34.64
CA ALA B 325 2.59 -15.61 35.73
C ALA B 325 2.56 -14.77 37.00
N THR B 326 2.08 -15.35 38.10
CA THR B 326 1.98 -14.62 39.36
C THR B 326 3.18 -14.77 40.31
N ASP B 327 3.83 -15.92 40.28
CA ASP B 327 4.99 -16.18 41.14
C ASP B 327 6.21 -15.33 40.73
N VAL B 328 5.98 -14.02 40.58
CA VAL B 328 7.02 -13.09 40.19
C VAL B 328 7.38 -12.13 41.31
N SER B 329 8.67 -11.80 41.43
CA SER B 329 9.15 -10.88 42.45
C SER B 329 9.49 -9.57 41.75
N ASN B 330 9.33 -8.44 42.45
CA ASN B 330 9.62 -7.14 41.85
C ASN B 330 10.38 -6.22 42.80
N ASP B 331 11.48 -5.62 42.34
CA ASP B 331 12.22 -4.69 43.16
C ASP B 331 12.28 -3.36 42.42
N ASP B 332 12.66 -2.29 43.13
CA ASP B 332 12.70 -0.96 42.53
C ASP B 332 13.54 -0.87 41.26
N PHE B 333 14.64 -1.62 41.19
CA PHE B 333 15.47 -1.59 40.00
C PHE B 333 14.70 -2.10 38.78
N LEU B 334 13.81 -3.08 39.00
CA LEU B 334 13.01 -3.63 37.90
C LEU B 334 11.82 -2.71 37.67
N TRP B 335 11.17 -2.30 38.75
CA TRP B 335 10.00 -1.42 38.69
C TRP B 335 10.25 -0.16 37.89
N GLU B 336 11.40 0.49 38.14
CA GLU B 336 11.75 1.72 37.43
C GLU B 336 11.91 1.51 35.94
N ARG B 337 12.56 0.41 35.55
CA ARG B 337 12.76 0.11 34.14
C ARG B 337 11.43 -0.21 33.49
N ILE B 338 10.55 -0.87 34.24
CA ILE B 338 9.23 -1.22 33.76
C ILE B 338 8.37 0.04 33.55
N LYS B 339 8.46 0.99 34.46
CA LYS B 339 7.69 2.24 34.33
C LYS B 339 8.24 3.11 33.20
N LYS B 340 9.54 3.05 32.96
CA LYS B 340 10.13 3.83 31.88
C LYS B 340 9.63 3.30 30.53
N SER B 341 9.60 1.98 30.38
CA SER B 341 9.12 1.39 29.13
C SER B 341 7.63 1.66 29.02
N GLU B 342 6.94 1.61 30.16
CA GLU B 342 5.52 1.88 30.18
C GLU B 342 5.26 3.28 29.63
N ALA B 343 6.07 4.25 30.07
CA ALA B 343 5.91 5.63 29.63
C ALA B 343 6.10 5.75 28.11
N GLU B 344 7.12 5.10 27.56
CA GLU B 344 7.33 5.19 26.11
C GLU B 344 6.12 4.66 25.36
N LEU B 345 5.46 3.63 25.90
CA LEU B 345 4.29 3.04 25.29
C LEU B 345 3.06 3.94 25.39
N LEU B 346 2.94 4.66 26.51
CA LEU B 346 1.82 5.58 26.67
C LEU B 346 2.01 6.72 25.68
N ALA B 347 3.26 7.07 25.40
CA ALA B 347 3.55 8.15 24.46
C ALA B 347 3.25 7.68 23.03
N GLU B 348 3.62 6.45 22.72
CA GLU B 348 3.37 5.88 21.41
C GLU B 348 1.85 5.78 21.18
N LYS B 349 1.15 5.34 22.22
CA LYS B 349 -0.29 5.20 22.17
C LYS B 349 -1.01 6.49 21.84
N LYS B 350 -0.66 7.57 22.52
CA LYS B 350 -1.31 8.85 22.25
C LYS B 350 -0.98 9.30 20.84
N CYS B 351 0.23 8.99 20.41
CA CYS B 351 0.71 9.37 19.08
C CYS B 351 -0.09 8.70 17.95
N VAL B 352 -0.81 7.62 18.25
CA VAL B 352 -1.61 6.93 17.24
C VAL B 352 -3.10 6.97 17.60
N ALA B 353 -3.47 7.93 18.44
CA ALA B 353 -4.85 8.07 18.87
C ALA B 353 -5.85 7.97 17.69
N HIS B 354 -5.47 8.52 16.54
CA HIS B 354 -6.37 8.47 15.40
C HIS B 354 -6.64 7.03 14.96
N LEU B 355 -5.60 6.20 14.93
CA LEU B 355 -5.75 4.82 14.50
C LEU B 355 -6.49 3.93 15.51
N THR B 356 -6.37 4.23 16.80
CA THR B 356 -7.05 3.43 17.81
C THR B 356 -8.49 3.92 18.00
N GLY B 357 -8.75 5.13 17.53
CA GLY B 357 -10.07 5.71 17.67
C GLY B 357 -10.19 6.35 19.04
N GLU B 358 -9.05 6.58 19.68
CA GLU B 358 -9.00 7.17 21.01
C GLU B 358 -9.40 8.63 20.99
N GLY B 359 -9.22 9.29 19.85
CA GLY B 359 -9.58 10.69 19.74
C GLY B 359 -8.65 11.40 18.80
N ASN B 360 -7.85 12.33 19.33
CA ASN B 360 -6.92 13.07 18.51
C ASN B 360 -5.48 12.83 18.98
N ALA B 361 -4.58 12.65 18.02
CA ALA B 361 -3.19 12.36 18.30
C ALA B 361 -2.31 13.49 18.78
N TYR B 362 -1.32 13.12 19.59
CA TYR B 362 -0.32 14.04 20.12
C TYR B 362 0.97 13.22 20.18
N CYS B 363 1.96 13.61 19.39
CA CYS B 363 3.22 12.87 19.35
C CYS B 363 4.42 13.58 19.95
N ASP B 364 5.09 12.87 20.85
CA ASP B 364 6.28 13.35 21.54
C ASP B 364 7.01 12.10 21.98
N VAL B 365 7.56 11.36 21.01
CA VAL B 365 8.27 10.12 21.28
C VAL B 365 9.77 10.21 20.96
N PRO B 366 10.58 9.41 21.66
CA PRO B 366 12.04 9.37 21.46
C PRO B 366 12.38 8.89 20.06
N GLU B 367 13.51 9.34 19.54
CA GLU B 367 13.94 8.98 18.20
C GLU B 367 14.83 7.73 18.11
N ASP B 368 15.79 7.60 19.00
CA ASP B 368 16.68 6.43 18.98
C ASP B 368 16.28 5.37 19.99
N THR B 369 15.24 4.63 19.64
CA THR B 369 14.71 3.59 20.50
C THR B 369 14.57 2.26 19.75
N MET B 370 14.72 2.31 18.43
CA MET B 370 14.61 1.12 17.60
C MET B 370 15.75 0.15 17.88
N LEU B 371 15.42 -1.06 18.33
CA LEU B 371 16.44 -2.06 18.61
C LEU B 371 17.20 -2.43 17.34
N PRO B 372 18.54 -2.32 17.38
CA PRO B 372 19.34 -2.66 16.21
C PRO B 372 19.33 -4.15 15.88
N ASP C 9 -9.26 -1.27 -2.43
CA ASP C 9 -9.63 -0.52 -1.24
C ASP C 9 -10.79 0.43 -1.46
N CYS C 10 -12.01 -0.09 -1.42
CA CYS C 10 -13.16 0.78 -1.58
C CYS C 10 -13.20 1.60 -0.30
N PHE C 11 -13.73 2.81 -0.37
CA PHE C 11 -13.81 3.65 0.83
C PHE C 11 -15.25 3.90 1.23
N GLY C 12 -15.53 3.72 2.52
CA GLY C 12 -16.86 3.98 3.05
C GLY C 12 -18.06 3.55 2.21
N VAL C 13 -18.98 4.48 1.96
CA VAL C 13 -20.17 4.16 1.17
C VAL C 13 -19.85 3.62 -0.20
N PHE C 14 -18.69 3.98 -0.74
CA PHE C 14 -18.35 3.52 -2.07
C PHE C 14 -18.06 2.02 -2.12
N CYS C 15 -18.20 1.36 -0.98
CA CYS C 15 -17.97 -0.08 -0.89
C CYS C 15 -19.27 -0.81 -1.18
N THR C 16 -20.39 -0.09 -1.14
CA THR C 16 -21.70 -0.68 -1.36
C THR C 16 -22.16 -0.76 -2.80
N THR C 17 -21.31 -0.35 -3.74
CA THR C 17 -21.66 -0.39 -5.15
C THR C 17 -21.28 -1.73 -5.77
N SER C 28 -28.43 3.35 -21.28
CA SER C 28 -28.07 3.83 -19.96
C SER C 28 -26.69 4.47 -19.99
N TRP C 29 -25.82 4.07 -19.05
CA TRP C 29 -24.47 4.61 -18.98
C TRP C 29 -23.46 3.76 -19.71
N LYS C 30 -22.28 4.32 -19.96
CA LYS C 30 -21.21 3.62 -20.64
C LYS C 30 -20.41 2.83 -19.61
N LYS C 31 -19.47 2.01 -20.10
CA LYS C 31 -18.63 1.21 -19.23
C LYS C 31 -17.87 2.13 -18.26
N LEU C 32 -17.82 1.72 -17.00
CA LEU C 32 -17.14 2.49 -15.96
C LEU C 32 -15.69 2.78 -16.30
N VAL C 33 -15.25 4.03 -16.09
CA VAL C 33 -13.86 4.40 -16.35
C VAL C 33 -13.16 4.66 -15.03
N ASN C 34 -11.94 4.12 -14.90
CA ASN C 34 -11.16 4.27 -13.68
C ASN C 34 -10.14 5.38 -13.84
N ILE C 35 -10.13 6.29 -12.87
CA ILE C 35 -9.22 7.41 -12.91
C ILE C 35 -8.34 7.48 -11.69
N ALA C 36 -7.04 7.54 -11.91
CA ALA C 36 -6.08 7.66 -10.84
C ALA C 36 -5.74 9.14 -10.77
N VAL C 37 -5.47 9.63 -9.56
CA VAL C 37 -5.13 11.04 -9.37
C VAL C 37 -4.08 11.16 -8.28
N SER C 38 -2.83 11.49 -8.65
CA SER C 38 -1.79 11.63 -7.64
C SER C 38 -1.92 13.04 -7.06
N GLY C 39 -1.31 13.27 -5.89
CA GLY C 39 -1.43 14.56 -5.25
C GLY C 39 -2.91 14.76 -4.92
N ALA C 40 -3.62 13.63 -4.79
CA ALA C 40 -5.05 13.64 -4.52
C ALA C 40 -5.47 14.41 -3.27
N ALA C 41 -4.51 14.79 -2.43
CA ALA C 41 -4.83 15.52 -1.22
C ALA C 41 -4.43 17.00 -1.32
N GLY C 42 -3.98 17.41 -2.50
CA GLY C 42 -3.56 18.80 -2.71
C GLY C 42 -4.71 19.73 -3.06
N MET C 43 -4.39 21.02 -3.19
CA MET C 43 -5.40 22.02 -3.49
C MET C 43 -6.02 21.85 -4.87
N ILE C 44 -5.19 21.59 -5.88
CA ILE C 44 -5.69 21.42 -7.24
C ILE C 44 -6.71 20.29 -7.25
N SER C 45 -6.32 19.17 -6.65
CA SER C 45 -7.18 18.01 -6.57
C SER C 45 -8.47 18.35 -5.84
N ASN C 46 -8.37 19.15 -4.78
CA ASN C 46 -9.54 19.53 -3.98
C ASN C 46 -10.63 20.18 -4.84
N HIS C 47 -10.25 20.68 -6.01
CA HIS C 47 -11.21 21.27 -6.93
C HIS C 47 -11.57 20.26 -8.01
N LEU C 48 -10.55 19.66 -8.60
CA LEU C 48 -10.73 18.69 -9.68
C LEU C 48 -11.65 17.49 -9.42
N LEU C 49 -11.42 16.77 -8.33
CA LEU C 49 -12.21 15.59 -8.02
C LEU C 49 -13.71 15.78 -8.16
N PHE C 50 -14.24 16.82 -7.54
CA PHE C 50 -15.67 17.09 -7.61
C PHE C 50 -16.12 17.41 -9.04
N LYS C 51 -15.23 18.02 -9.83
CA LYS C 51 -15.57 18.30 -11.23
C LYS C 51 -15.79 16.96 -11.92
N LEU C 52 -14.85 16.04 -11.73
CA LEU C 52 -14.92 14.72 -12.35
C LEU C 52 -16.15 13.94 -11.87
N ALA C 53 -16.36 13.95 -10.55
CA ALA C 53 -17.47 13.20 -9.96
C ALA C 53 -18.84 13.66 -10.43
N SER C 54 -18.97 14.95 -10.71
CA SER C 54 -20.25 15.54 -11.13
C SER C 54 -20.61 15.17 -12.56
N GLY C 55 -19.63 14.75 -13.35
CA GLY C 55 -19.89 14.38 -14.72
C GLY C 55 -19.74 15.53 -15.72
N GLU C 56 -19.21 16.67 -15.26
CA GLU C 56 -19.02 17.79 -16.17
C GLU C 56 -17.80 17.56 -17.05
N VAL C 57 -16.92 16.65 -16.67
CA VAL C 57 -15.72 16.36 -17.46
C VAL C 57 -15.98 15.32 -18.57
N PHE C 58 -16.33 14.10 -18.18
CA PHE C 58 -16.57 13.04 -19.16
C PHE C 58 -18.00 12.88 -19.67
N GLY C 59 -18.93 13.65 -19.10
CA GLY C 59 -20.30 13.58 -19.56
C GLY C 59 -21.24 12.90 -18.59
N GLN C 60 -22.49 13.35 -18.58
CA GLN C 60 -23.52 12.83 -17.70
C GLN C 60 -23.91 11.37 -17.93
N ASP C 61 -23.20 10.69 -18.81
CA ASP C 61 -23.53 9.30 -19.10
C ASP C 61 -22.31 8.41 -18.88
N GLN C 62 -21.26 8.99 -18.33
CA GLN C 62 -20.04 8.25 -18.07
C GLN C 62 -19.73 8.08 -16.58
N PRO C 63 -20.19 6.97 -15.97
CA PRO C 63 -19.91 6.76 -14.55
C PRO C 63 -18.42 6.53 -14.35
N ILE C 64 -17.90 6.98 -13.21
CA ILE C 64 -16.47 6.84 -12.93
C ILE C 64 -16.10 6.26 -11.57
N ALA C 65 -14.82 5.92 -11.44
CA ALA C 65 -14.25 5.40 -10.21
C ALA C 65 -12.99 6.25 -10.01
N LEU C 66 -12.76 6.69 -8.79
CA LEU C 66 -11.59 7.50 -8.53
C LEU C 66 -10.65 6.75 -7.59
N LYS C 67 -9.40 6.64 -8.01
CA LYS C 67 -8.36 5.98 -7.22
C LYS C 67 -7.46 7.14 -6.83
N LEU C 68 -7.44 7.45 -5.55
CA LEU C 68 -6.63 8.57 -5.07
C LEU C 68 -5.33 8.16 -4.43
N LEU C 69 -4.25 8.71 -4.97
CA LEU C 69 -2.92 8.41 -4.47
C LEU C 69 -2.39 9.66 -3.77
N GLY C 70 -1.81 9.45 -2.59
CA GLY C 70 -1.22 10.53 -1.82
C GLY C 70 0.15 10.04 -1.37
N SER C 71 0.63 10.52 -0.23
CA SER C 71 1.92 10.09 0.31
C SER C 71 1.79 9.61 1.72
N GLU C 72 2.91 9.28 2.34
CA GLU C 72 2.79 8.58 3.58
C GLU C 72 1.81 9.12 4.62
N ARG C 73 1.79 10.42 4.76
CA ARG C 73 1.12 11.10 5.82
C ARG C 73 0.26 12.17 5.20
N SER C 74 -0.62 11.60 4.41
CA SER C 74 -1.60 12.25 3.64
C SER C 74 -2.76 11.28 3.60
N PHE C 75 -2.52 10.09 4.14
CA PHE C 75 -3.56 9.07 4.16
C PHE C 75 -4.76 9.67 4.88
N GLN C 76 -4.50 10.37 5.98
CA GLN C 76 -5.55 11.00 6.76
C GLN C 76 -6.20 12.12 5.96
N ALA C 77 -5.38 12.90 5.27
CA ALA C 77 -5.87 13.99 4.45
C ALA C 77 -6.73 13.36 3.33
N LEU C 78 -6.24 12.24 2.80
CA LEU C 78 -6.93 11.50 1.75
C LEU C 78 -8.31 11.08 2.25
N GLU C 79 -8.36 10.59 3.48
CA GLU C 79 -9.63 10.17 4.05
C GLU C 79 -10.57 11.37 4.07
N GLY C 80 -10.04 12.53 4.44
CA GLY C 80 -10.85 13.73 4.47
C GLY C 80 -11.48 13.98 3.11
N VAL C 81 -10.66 13.87 2.07
CA VAL C 81 -11.14 14.06 0.69
C VAL C 81 -12.26 13.08 0.38
N ALA C 82 -12.00 11.80 0.60
CA ALA C 82 -12.99 10.75 0.33
C ALA C 82 -14.29 11.00 1.11
N MET C 83 -14.16 11.44 2.36
CA MET C 83 -15.33 11.72 3.19
C MET C 83 -16.13 12.86 2.54
N GLU C 84 -15.43 13.86 2.03
CA GLU C 84 -16.13 14.96 1.40
C GLU C 84 -16.88 14.48 0.15
N LEU C 85 -16.31 13.53 -0.58
CA LEU C 85 -16.98 13.00 -1.75
C LEU C 85 -18.22 12.21 -1.32
N GLU C 86 -18.10 11.45 -0.22
CA GLU C 86 -19.24 10.68 0.30
C GLU C 86 -20.42 11.62 0.55
N ASP C 87 -20.12 12.78 1.12
CA ASP C 87 -21.13 13.75 1.44
C ASP C 87 -21.66 14.49 0.21
N SER C 88 -21.02 14.31 -0.94
CA SER C 88 -21.45 15.00 -2.15
C SER C 88 -22.50 14.26 -2.96
N LEU C 89 -22.76 13.01 -2.61
CA LEU C 89 -23.77 12.19 -3.29
C LEU C 89 -23.75 12.18 -4.83
N TYR C 90 -22.58 12.24 -5.44
CA TYR C 90 -22.53 12.20 -6.90
C TYR C 90 -22.86 10.79 -7.40
N PRO C 91 -23.99 10.63 -8.12
CA PRO C 91 -24.42 9.33 -8.64
C PRO C 91 -23.49 8.69 -9.67
N LEU C 92 -22.71 9.50 -10.37
CA LEU C 92 -21.77 9.00 -11.38
C LEU C 92 -20.49 8.48 -10.75
N LEU C 93 -20.19 8.91 -9.52
CA LEU C 93 -19.00 8.44 -8.81
C LEU C 93 -19.40 7.12 -8.13
N ARG C 94 -19.07 6.00 -8.76
CA ARG C 94 -19.43 4.68 -8.24
C ARG C 94 -18.44 4.06 -7.28
N GLU C 95 -17.17 4.41 -7.42
CA GLU C 95 -16.15 3.86 -6.54
C GLU C 95 -15.10 4.89 -6.19
N VAL C 96 -14.53 4.71 -5.00
CA VAL C 96 -13.49 5.58 -4.48
C VAL C 96 -12.54 4.74 -3.65
N SER C 97 -11.26 4.83 -3.95
CA SER C 97 -10.26 4.10 -3.18
C SER C 97 -9.17 5.09 -2.91
N ILE C 98 -8.44 4.89 -1.81
CA ILE C 98 -7.35 5.78 -1.46
C ILE C 98 -6.13 4.92 -1.16
N GLY C 99 -4.93 5.49 -1.33
CA GLY C 99 -3.72 4.74 -1.07
C GLY C 99 -2.44 5.56 -1.14
N ILE C 100 -1.32 4.91 -0.88
CA ILE C 100 -0.04 5.60 -0.91
C ILE C 100 0.98 4.85 -1.77
N ASP C 101 0.53 3.78 -2.40
CA ASP C 101 1.41 2.98 -3.26
C ASP C 101 0.84 2.93 -4.68
N PRO C 102 1.51 3.58 -5.64
CA PRO C 102 1.05 3.60 -7.03
C PRO C 102 0.74 2.22 -7.62
N TYR C 103 1.47 1.20 -7.18
CA TYR C 103 1.25 -0.16 -7.67
C TYR C 103 -0.13 -0.68 -7.29
N GLU C 104 -0.71 -0.09 -6.25
CA GLU C 104 -2.03 -0.51 -5.82
C GLU C 104 -3.07 0.42 -6.45
N VAL C 105 -2.92 1.72 -6.24
CA VAL C 105 -3.86 2.70 -6.77
C VAL C 105 -4.02 2.71 -8.30
N PHE C 106 -2.93 2.51 -9.03
CA PHE C 106 -2.98 2.51 -10.49
C PHE C 106 -3.60 1.28 -11.16
N GLU C 107 -3.93 0.26 -10.38
CA GLU C 107 -4.47 -0.96 -10.99
C GLU C 107 -5.68 -0.79 -11.91
N ASP C 108 -5.48 -1.19 -13.18
CA ASP C 108 -6.51 -1.14 -14.21
C ASP C 108 -7.07 0.25 -14.55
N VAL C 109 -6.46 1.32 -14.03
CA VAL C 109 -6.96 2.66 -14.33
C VAL C 109 -6.78 3.03 -15.79
N ASP C 110 -7.77 3.71 -16.34
CA ASP C 110 -7.75 4.15 -17.74
C ASP C 110 -7.10 5.52 -17.90
N TRP C 111 -7.18 6.33 -16.85
CA TRP C 111 -6.58 7.65 -16.84
C TRP C 111 -5.73 7.78 -15.59
N ALA C 112 -4.67 8.56 -15.67
CA ALA C 112 -3.80 8.79 -14.53
C ALA C 112 -3.42 10.27 -14.50
N LEU C 113 -4.16 11.04 -13.72
CA LEU C 113 -3.90 12.47 -13.59
C LEU C 113 -2.82 12.61 -12.50
N LEU C 114 -1.58 12.81 -12.92
CA LEU C 114 -0.46 12.90 -11.99
C LEU C 114 -0.09 14.31 -11.55
N ILE C 115 -0.78 14.78 -10.52
CA ILE C 115 -0.59 16.11 -9.98
C ILE C 115 0.50 16.13 -8.91
N GLY C 116 0.64 15.01 -8.21
CA GLY C 116 1.61 14.90 -7.14
C GLY C 116 3.04 15.19 -7.55
N ALA C 117 3.70 16.07 -6.80
CA ALA C 117 5.07 16.44 -7.07
C ALA C 117 5.57 17.27 -5.90
N LYS C 118 6.85 17.17 -5.58
CA LYS C 118 7.41 17.94 -4.49
C LYS C 118 7.70 19.38 -4.94
N PRO C 119 7.47 20.36 -4.06
CA PRO C 119 7.71 21.77 -4.35
C PRO C 119 9.20 22.08 -4.38
N ARG C 120 9.59 23.18 -5.03
CA ARG C 120 11.00 23.54 -5.08
C ARG C 120 11.41 23.95 -3.68
N GLY C 121 12.16 23.07 -3.00
CA GLY C 121 12.59 23.34 -1.65
C GLY C 121 13.36 24.63 -1.39
N PRO C 122 13.87 24.82 -0.16
CA PRO C 122 14.62 26.02 0.21
C PRO C 122 15.99 26.01 -0.46
N GLY C 123 16.22 26.97 -1.35
CA GLY C 123 17.50 27.03 -2.05
C GLY C 123 17.78 25.68 -2.67
N MET C 124 16.86 25.23 -3.52
CA MET C 124 16.98 23.95 -4.20
C MET C 124 17.18 24.19 -5.69
N GLU C 125 18.37 23.89 -6.18
CA GLU C 125 18.67 24.09 -7.60
C GLU C 125 17.75 23.28 -8.51
N ARG C 126 17.61 23.77 -9.74
CA ARG C 126 16.78 23.12 -10.75
C ARG C 126 17.16 21.66 -10.93
N ALA C 127 18.45 21.38 -10.97
CA ALA C 127 18.94 20.01 -11.13
C ALA C 127 18.41 19.13 -10.01
N ALA C 128 18.46 19.63 -8.79
CA ALA C 128 17.97 18.87 -7.64
C ALA C 128 16.46 18.59 -7.76
N LEU C 129 15.70 19.58 -8.24
CA LEU C 129 14.27 19.43 -8.41
C LEU C 129 13.96 18.32 -9.41
N LEU C 130 14.61 18.39 -10.57
CA LEU C 130 14.42 17.39 -11.62
C LEU C 130 14.66 15.98 -11.09
N ASP C 131 15.72 15.80 -10.33
CA ASP C 131 16.04 14.48 -9.78
C ASP C 131 14.92 13.96 -8.87
N ILE C 132 14.62 14.70 -7.81
CA ILE C 132 13.61 14.29 -6.85
C ILE C 132 12.27 13.92 -7.48
N ASN C 133 11.69 14.82 -8.25
CA ASN C 133 10.41 14.51 -8.87
C ASN C 133 10.55 13.47 -9.97
N GLY C 134 11.69 13.48 -10.67
CA GLY C 134 11.91 12.51 -11.72
C GLY C 134 11.91 11.10 -11.15
N GLN C 135 12.41 10.97 -9.93
CA GLN C 135 12.48 9.68 -9.26
C GLN C 135 11.08 9.23 -8.85
N ILE C 136 10.20 10.20 -8.65
CA ILE C 136 8.83 9.92 -8.27
C ILE C 136 8.05 9.47 -9.50
N PHE C 137 8.34 10.09 -10.64
CA PHE C 137 7.66 9.71 -11.87
C PHE C 137 8.26 8.46 -12.50
N ALA C 138 9.48 8.11 -12.09
CA ALA C 138 10.12 6.90 -12.60
C ALA C 138 9.36 5.73 -11.99
N ASP C 139 9.20 5.77 -10.66
CA ASP C 139 8.49 4.73 -9.93
C ASP C 139 7.06 4.62 -10.40
N GLN C 140 6.44 5.78 -10.62
CA GLN C 140 5.06 5.81 -11.08
C GLN C 140 4.97 5.25 -12.50
N GLY C 141 6.04 5.42 -13.27
CA GLY C 141 6.07 4.90 -14.62
C GLY C 141 6.00 3.39 -14.61
N LYS C 142 6.82 2.80 -13.73
CA LYS C 142 6.90 1.35 -13.59
C LYS C 142 5.56 0.81 -13.10
N ALA C 143 4.98 1.49 -12.12
CA ALA C 143 3.68 1.07 -11.58
C ALA C 143 2.63 1.07 -12.69
N LEU C 144 2.58 2.14 -13.47
CA LEU C 144 1.60 2.23 -14.56
C LEU C 144 1.87 1.09 -15.53
N ASN C 145 3.14 0.84 -15.82
CA ASN C 145 3.49 -0.23 -16.75
C ASN C 145 3.07 -1.61 -16.25
N ALA C 146 3.14 -1.81 -14.93
CA ALA C 146 2.82 -3.10 -14.32
C ALA C 146 1.38 -3.41 -13.95
N VAL C 147 0.55 -2.41 -13.67
CA VAL C 147 -0.82 -2.71 -13.28
C VAL C 147 -1.94 -1.95 -13.98
N ALA C 148 -1.61 -0.87 -14.66
CA ALA C 148 -2.61 -0.06 -15.34
C ALA C 148 -3.07 -0.63 -16.67
N SER C 149 -4.07 0.02 -17.27
CA SER C 149 -4.56 -0.39 -18.57
C SER C 149 -3.44 -0.06 -19.54
N LYS C 150 -3.29 -0.84 -20.61
CA LYS C 150 -2.22 -0.60 -21.57
C LYS C 150 -2.48 0.60 -22.47
N ASN C 151 -3.72 1.07 -22.49
CA ASN C 151 -4.04 2.23 -23.32
C ASN C 151 -4.40 3.40 -22.40
N VAL C 152 -3.78 3.42 -21.23
CA VAL C 152 -4.02 4.45 -20.23
C VAL C 152 -3.47 5.81 -20.65
N LYS C 153 -4.26 6.86 -20.42
CA LYS C 153 -3.82 8.21 -20.76
C LYS C 153 -3.23 8.83 -19.49
N VAL C 154 -2.01 9.33 -19.61
CA VAL C 154 -1.31 9.92 -18.49
C VAL C 154 -1.12 11.43 -18.66
N LEU C 155 -1.84 12.21 -17.86
CA LEU C 155 -1.71 13.66 -17.93
C LEU C 155 -0.85 14.09 -16.76
N VAL C 156 0.33 14.64 -17.07
CA VAL C 156 1.26 15.09 -16.04
C VAL C 156 1.14 16.58 -15.76
N VAL C 157 0.90 16.91 -14.50
CA VAL C 157 0.76 18.30 -14.06
C VAL C 157 1.87 18.63 -13.07
N GLY C 158 2.28 17.63 -12.28
CA GLY C 158 3.34 17.83 -11.31
C GLY C 158 4.61 18.26 -12.03
N ASN C 159 5.24 19.32 -11.55
CA ASN C 159 6.45 19.82 -12.18
C ASN C 159 7.77 19.17 -11.79
N PRO C 160 8.75 19.16 -12.72
CA PRO C 160 8.69 19.70 -14.09
C PRO C 160 7.88 18.82 -15.03
N CYS C 161 6.76 19.34 -15.54
CA CYS C 161 5.86 18.60 -16.44
C CYS C 161 6.45 17.78 -17.58
N ASN C 162 7.02 18.46 -18.58
CA ASN C 162 7.59 17.80 -19.74
C ASN C 162 8.56 16.67 -19.42
N THR C 163 9.58 16.98 -18.63
CA THR C 163 10.59 16.00 -18.26
C THR C 163 10.00 14.88 -17.41
N ASN C 164 9.10 15.21 -16.48
CA ASN C 164 8.47 14.18 -15.66
C ASN C 164 7.76 13.20 -16.57
N ALA C 165 6.95 13.75 -17.47
CA ALA C 165 6.22 12.94 -18.42
C ALA C 165 7.19 12.09 -19.23
N LEU C 166 8.29 12.71 -19.66
CA LEU C 166 9.32 12.01 -20.43
C LEU C 166 9.84 10.83 -19.62
N ILE C 167 10.30 11.11 -18.40
CA ILE C 167 10.81 10.08 -17.53
C ILE C 167 9.74 9.02 -17.30
N CYS C 168 8.49 9.47 -17.15
CA CYS C 168 7.40 8.54 -16.90
C CYS C 168 7.17 7.53 -18.03
N LEU C 169 7.07 8.00 -19.28
CA LEU C 169 6.84 7.07 -20.39
C LEU C 169 8.07 6.23 -20.70
N LYS C 170 9.26 6.72 -20.32
CA LYS C 170 10.49 5.97 -20.55
C LYS C 170 10.53 4.76 -19.62
N ASN C 171 9.82 4.87 -18.50
CA ASN C 171 9.79 3.79 -17.53
C ASN C 171 8.55 2.93 -17.72
N ALA C 172 7.78 3.25 -18.76
CA ALA C 172 6.56 2.52 -19.07
C ALA C 172 6.56 2.15 -20.56
N PRO C 173 7.57 1.38 -21.00
CA PRO C 173 7.68 0.97 -22.41
C PRO C 173 6.48 0.22 -22.98
N ASP C 174 5.78 -0.54 -22.14
CA ASP C 174 4.62 -1.29 -22.59
C ASP C 174 3.40 -0.40 -22.81
N ILE C 175 3.55 0.88 -22.49
CA ILE C 175 2.48 1.86 -22.69
C ILE C 175 2.93 2.84 -23.78
N PRO C 176 2.07 3.07 -24.78
CA PRO C 176 2.34 3.98 -25.91
C PRO C 176 2.85 5.35 -25.48
N ALA C 177 4.01 5.74 -26.01
CA ALA C 177 4.60 7.04 -25.70
C ALA C 177 3.58 8.12 -26.06
N LYS C 178 2.71 7.77 -27.00
CA LYS C 178 1.64 8.61 -27.52
C LYS C 178 0.75 9.14 -26.39
N ASN C 179 0.44 8.25 -25.44
CA ASN C 179 -0.46 8.54 -24.31
C ASN C 179 -0.04 9.49 -23.17
N PHE C 180 1.20 9.93 -23.15
CA PHE C 180 1.65 10.82 -22.09
C PHE C 180 1.47 12.29 -22.48
N HIS C 181 1.08 13.12 -21.51
CA HIS C 181 0.85 14.55 -21.73
C HIS C 181 1.44 15.38 -20.59
N ALA C 182 1.92 16.57 -20.90
CA ALA C 182 2.43 17.51 -19.91
C ALA C 182 1.47 18.69 -20.12
N LEU C 183 0.65 18.99 -19.13
CA LEU C 183 -0.34 20.06 -19.31
C LEU C 183 0.17 21.49 -19.40
N THR C 184 -0.21 22.15 -20.49
CA THR C 184 0.13 23.54 -20.78
C THR C 184 -1.20 24.26 -21.09
N ARG C 185 -2.32 23.57 -20.88
CA ARG C 185 -3.63 24.15 -21.18
C ARG C 185 -3.97 25.40 -20.38
N LEU C 186 -3.44 25.51 -19.16
CA LEU C 186 -3.70 26.68 -18.34
C LEU C 186 -3.09 27.91 -19.02
N ASP C 187 -1.83 27.77 -19.42
CA ASP C 187 -1.14 28.87 -20.10
C ASP C 187 -1.87 29.24 -21.38
N GLU C 188 -2.40 28.24 -22.07
CA GLU C 188 -3.15 28.50 -23.29
C GLU C 188 -4.39 29.32 -22.90
N ASN C 189 -5.16 28.83 -21.93
CA ASN C 189 -6.35 29.54 -21.49
C ASN C 189 -6.03 30.99 -21.07
N ARG C 190 -4.94 31.17 -20.33
CA ARG C 190 -4.55 32.51 -19.89
C ARG C 190 -4.16 33.35 -21.09
N ALA C 191 -3.55 32.69 -22.07
CA ALA C 191 -3.10 33.33 -23.30
C ALA C 191 -4.30 33.88 -24.08
N LYS C 192 -5.31 33.03 -24.24
CA LYS C 192 -6.52 33.41 -24.95
C LYS C 192 -7.21 34.56 -24.25
N CYS C 193 -7.14 34.59 -22.92
CA CYS C 193 -7.77 35.67 -22.16
C CYS C 193 -7.07 36.99 -22.42
N GLN C 194 -5.75 36.97 -22.46
CA GLN C 194 -4.98 38.19 -22.70
C GLN C 194 -5.24 38.71 -24.11
N LEU C 195 -5.44 37.79 -25.05
CA LEU C 195 -5.73 38.16 -26.43
C LEU C 195 -7.12 38.77 -26.51
N ALA C 196 -8.08 38.11 -25.88
CA ALA C 196 -9.46 38.60 -25.86
C ALA C 196 -9.48 40.00 -25.26
N LEU C 197 -8.73 40.16 -24.18
CA LEU C 197 -8.66 41.43 -23.49
C LEU C 197 -8.07 42.51 -24.41
N LYS C 198 -6.87 42.25 -24.92
CA LYS C 198 -6.18 43.17 -25.80
C LYS C 198 -7.05 43.56 -27.02
N ALA C 199 -7.71 42.57 -27.61
CA ALA C 199 -8.55 42.79 -28.78
C ALA C 199 -9.90 43.42 -28.42
N GLY C 200 -10.15 43.59 -27.13
CA GLY C 200 -11.42 44.16 -26.71
C GLY C 200 -12.56 43.24 -27.12
N VAL C 201 -12.33 41.93 -27.04
CA VAL C 201 -13.34 40.95 -27.38
C VAL C 201 -13.45 39.89 -26.29
N PHE C 202 -14.59 39.21 -26.19
CA PHE C 202 -14.76 38.19 -25.16
C PHE C 202 -13.92 36.95 -25.48
N TYR C 203 -13.51 36.19 -24.46
CA TYR C 203 -12.67 35.02 -24.70
C TYR C 203 -13.25 33.89 -25.54
N ASP C 204 -14.57 33.87 -25.74
CA ASP C 204 -15.18 32.81 -26.55
C ASP C 204 -15.13 33.15 -28.04
N LYS C 205 -14.34 34.17 -28.38
CA LYS C 205 -14.18 34.58 -29.76
C LYS C 205 -12.69 34.54 -30.12
N VAL C 206 -11.92 33.80 -29.33
CA VAL C 206 -10.49 33.63 -29.56
C VAL C 206 -10.22 32.14 -29.70
N SER C 207 -9.61 31.76 -30.82
CA SER C 207 -9.32 30.35 -31.06
C SER C 207 -7.88 30.16 -31.52
N ASN C 208 -7.54 28.93 -31.86
CA ASN C 208 -6.23 28.58 -32.36
C ASN C 208 -5.05 29.16 -31.58
N VAL C 209 -5.16 29.16 -30.26
CA VAL C 209 -4.09 29.66 -29.40
C VAL C 209 -3.18 28.49 -29.01
N THR C 210 -1.92 28.59 -29.38
CA THR C 210 -0.96 27.55 -29.10
C THR C 210 0.15 27.98 -28.16
N ILE C 211 0.51 27.09 -27.26
CA ILE C 211 1.61 27.35 -26.33
C ILE C 211 2.66 26.30 -26.72
N TRP C 212 3.75 26.73 -27.36
CA TRP C 212 4.80 25.80 -27.78
C TRP C 212 5.86 25.63 -26.71
N GLY C 213 6.58 24.52 -26.76
CA GLY C 213 7.67 24.30 -25.81
C GLY C 213 7.30 23.61 -24.52
N ASN C 214 8.09 23.83 -23.47
CA ASN C 214 7.78 23.19 -22.21
C ASN C 214 7.19 24.19 -21.21
N HIS C 215 6.51 23.65 -20.21
CA HIS C 215 5.87 24.46 -19.18
C HIS C 215 6.93 25.19 -18.33
N SER C 216 7.31 26.39 -18.78
CA SER C 216 8.30 27.18 -18.07
C SER C 216 8.37 28.60 -18.65
N THR C 217 9.37 29.36 -18.24
CA THR C 217 9.52 30.72 -18.73
C THR C 217 9.84 30.74 -20.21
N THR C 218 10.35 29.62 -20.74
CA THR C 218 10.68 29.55 -22.16
C THR C 218 9.50 29.10 -23.02
N GLN C 219 8.36 28.83 -22.40
CA GLN C 219 7.20 28.42 -23.19
C GLN C 219 6.95 29.50 -24.25
N VAL C 220 6.36 29.12 -25.36
CA VAL C 220 6.12 30.08 -26.44
C VAL C 220 4.66 30.30 -26.82
N PRO C 221 4.07 31.43 -26.39
CA PRO C 221 2.68 31.77 -26.71
C PRO C 221 2.69 32.26 -28.16
N ASP C 222 2.09 31.48 -29.06
CA ASP C 222 2.10 31.80 -30.49
C ASP C 222 0.96 32.63 -31.06
N PHE C 223 1.25 33.88 -31.40
CA PHE C 223 0.21 34.74 -31.97
C PHE C 223 0.02 34.53 -33.47
N LEU C 224 1.11 34.33 -34.21
CA LEU C 224 1.04 34.12 -35.66
C LEU C 224 -0.15 33.29 -36.11
N ASN C 225 -0.40 32.18 -35.41
CA ASN C 225 -1.52 31.30 -35.76
C ASN C 225 -2.85 31.51 -35.03
N ALA C 226 -2.87 32.42 -34.06
CA ALA C 226 -4.09 32.70 -33.30
C ALA C 226 -5.15 33.43 -34.12
N LYS C 227 -6.41 33.07 -33.88
CA LYS C 227 -7.53 33.68 -34.57
C LYS C 227 -8.49 34.39 -33.62
N ILE C 228 -9.13 35.44 -34.10
CA ILE C 228 -10.12 36.19 -33.31
C ILE C 228 -11.39 36.28 -34.15
N ASP C 229 -12.38 35.48 -33.78
CA ASP C 229 -13.65 35.45 -34.47
C ASP C 229 -13.47 34.92 -35.90
N GLY C 230 -12.42 34.14 -36.11
CA GLY C 230 -12.18 33.56 -37.42
C GLY C 230 -10.96 34.10 -38.14
N ARG C 231 -10.76 35.41 -38.10
CA ARG C 231 -9.63 36.04 -38.78
C ARG C 231 -8.36 35.99 -37.93
N PRO C 232 -7.18 36.14 -38.58
CA PRO C 232 -5.89 36.11 -37.89
C PRO C 232 -5.80 37.18 -36.81
N VAL C 233 -5.04 36.90 -35.77
CA VAL C 233 -4.90 37.85 -34.68
C VAL C 233 -4.23 39.13 -35.18
N LYS C 234 -3.11 38.97 -35.90
CA LYS C 234 -2.37 40.12 -36.44
C LYS C 234 -3.27 41.09 -37.22
N GLU C 235 -4.44 40.59 -37.62
CA GLU C 235 -5.40 41.40 -38.37
C GLU C 235 -6.23 42.31 -37.46
N VAL C 236 -6.44 41.89 -36.21
CA VAL C 236 -7.23 42.67 -35.27
C VAL C 236 -6.34 43.48 -34.33
N ILE C 237 -5.47 42.78 -33.59
CA ILE C 237 -4.55 43.45 -32.69
C ILE C 237 -3.49 44.11 -33.57
N LYS C 238 -3.31 45.42 -33.38
CA LYS C 238 -2.32 46.14 -34.19
C LYS C 238 -1.01 46.46 -33.49
N ARG C 239 -1.04 46.63 -32.17
CA ARG C 239 0.20 46.93 -31.46
C ARG C 239 1.14 45.74 -31.54
N THR C 240 1.94 45.69 -32.59
CA THR C 240 2.87 44.61 -32.79
C THR C 240 3.90 44.54 -31.67
N LYS C 241 4.15 45.67 -31.01
CA LYS C 241 5.09 45.72 -29.91
C LYS C 241 4.53 44.92 -28.75
N TRP C 242 3.20 44.79 -28.73
CA TRP C 242 2.51 44.04 -27.68
C TRP C 242 2.68 42.56 -27.96
N LEU C 243 2.19 42.13 -29.12
CA LEU C 243 2.25 40.73 -29.55
C LEU C 243 3.64 40.12 -29.49
N GLU C 244 4.67 40.93 -29.71
CA GLU C 244 6.04 40.43 -29.71
C GLU C 244 6.82 40.51 -28.39
N GLU C 245 6.41 41.39 -27.49
CA GLU C 245 7.13 41.53 -26.22
C GLU C 245 6.24 41.46 -24.99
N GLU C 246 5.11 42.15 -25.01
CA GLU C 246 4.20 42.17 -23.87
C GLU C 246 3.32 40.93 -23.75
N PHE C 247 2.73 40.50 -24.87
CA PHE C 247 1.86 39.32 -24.87
C PHE C 247 2.46 38.13 -24.14
N THR C 248 3.72 37.81 -24.43
CA THR C 248 4.38 36.69 -23.79
C THR C 248 4.64 36.96 -22.31
N ILE C 249 4.98 38.20 -21.98
CA ILE C 249 5.27 38.57 -20.60
C ILE C 249 4.04 38.60 -19.68
N THR C 250 2.87 38.94 -20.23
CA THR C 250 1.66 38.96 -19.41
C THR C 250 1.23 37.53 -19.08
N VAL C 251 1.34 36.64 -20.07
CA VAL C 251 0.99 35.23 -19.88
C VAL C 251 1.96 34.60 -18.88
N GLN C 252 3.23 34.84 -19.10
CA GLN C 252 4.30 34.33 -18.23
C GLN C 252 4.21 34.88 -16.81
N LYS C 253 3.58 36.04 -16.65
CA LYS C 253 3.46 36.70 -15.35
C LYS C 253 2.12 36.47 -14.63
N ARG C 254 1.10 36.08 -15.38
CA ARG C 254 -0.23 35.84 -14.85
C ARG C 254 -0.25 35.12 -13.50
N GLY C 255 0.47 34.00 -13.41
CA GLY C 255 0.50 33.24 -12.18
C GLY C 255 1.03 34.03 -10.98
N GLY C 256 1.98 34.93 -11.24
CA GLY C 256 2.56 35.73 -10.19
C GLY C 256 1.63 36.85 -9.79
N ALA C 257 1.05 37.52 -10.79
CA ALA C 257 0.13 38.61 -10.56
C ALA C 257 -1.08 38.09 -9.80
N LEU C 258 -1.24 36.77 -9.80
CA LEU C 258 -2.35 36.12 -9.12
C LEU C 258 -1.99 35.76 -7.68
N ILE C 259 -0.72 35.83 -7.35
CA ILE C 259 -0.26 35.50 -6.00
C ILE C 259 -0.36 36.71 -5.10
N GLN C 260 -0.13 37.90 -5.65
CA GLN C 260 -0.21 39.13 -4.88
C GLN C 260 -1.66 39.43 -4.54
N LYS C 261 -2.57 38.94 -5.37
CA LYS C 261 -4.00 39.16 -5.18
C LYS C 261 -4.61 38.07 -4.30
N TRP C 262 -4.88 36.91 -4.89
CA TRP C 262 -5.46 35.78 -4.18
C TRP C 262 -4.74 35.53 -2.86
N GLY C 263 -3.41 35.53 -2.92
CA GLY C 263 -2.62 35.30 -1.73
C GLY C 263 -1.91 33.97 -1.83
N ARG C 264 -2.62 32.97 -2.36
CA ARG C 264 -2.05 31.64 -2.51
C ARG C 264 -2.36 31.09 -3.90
N SER C 265 -1.94 29.84 -4.13
CA SER C 265 -2.13 29.16 -5.40
C SER C 265 -3.50 29.40 -6.02
N SER C 266 -3.52 29.34 -7.36
CA SER C 266 -4.74 29.53 -8.14
C SER C 266 -5.25 28.14 -8.56
N ALA C 267 -5.47 27.29 -7.56
CA ALA C 267 -5.93 25.92 -7.76
C ALA C 267 -7.24 25.77 -8.54
N ALA C 268 -8.20 26.65 -8.30
CA ALA C 268 -9.47 26.57 -9.00
C ALA C 268 -9.30 26.66 -10.50
N SER C 269 -8.62 27.70 -10.98
CA SER C 269 -8.44 27.83 -12.41
C SER C 269 -7.53 26.76 -13.01
N THR C 270 -6.49 26.32 -12.31
CA THR C 270 -5.69 25.28 -12.95
C THR C 270 -6.48 23.97 -12.97
N ALA C 271 -7.46 23.83 -12.08
CA ALA C 271 -8.28 22.61 -12.08
C ALA C 271 -9.21 22.66 -13.30
N VAL C 272 -9.63 23.88 -13.66
CA VAL C 272 -10.49 24.09 -14.80
C VAL C 272 -9.72 23.66 -16.05
N SER C 273 -8.46 24.07 -16.13
CA SER C 273 -7.65 23.73 -17.29
C SER C 273 -7.45 22.22 -17.42
N ILE C 274 -7.15 21.55 -16.30
CA ILE C 274 -6.96 20.10 -16.35
C ILE C 274 -8.24 19.47 -16.92
N ALA C 275 -9.40 19.94 -16.48
CA ALA C 275 -10.65 19.39 -17.00
C ALA C 275 -10.78 19.70 -18.51
N ASP C 276 -10.35 20.89 -18.92
CA ASP C 276 -10.42 21.25 -20.33
C ASP C 276 -9.52 20.34 -21.15
N ALA C 277 -8.29 20.15 -20.69
CA ALA C 277 -7.33 19.30 -21.38
C ALA C 277 -7.85 17.86 -21.50
N ILE C 278 -8.65 17.41 -20.53
CA ILE C 278 -9.20 16.07 -20.61
C ILE C 278 -10.32 16.08 -21.64
N LYS C 279 -11.21 17.07 -21.53
CA LYS C 279 -12.33 17.19 -22.45
C LYS C 279 -11.89 17.30 -23.91
N SER C 280 -10.72 17.91 -24.14
CA SER C 280 -10.21 18.06 -25.50
C SER C 280 -9.82 16.72 -26.10
N LEU C 281 -9.68 15.71 -25.26
CA LEU C 281 -9.30 14.38 -25.72
C LEU C 281 -10.50 13.45 -25.84
N VAL C 282 -11.61 13.79 -25.17
CA VAL C 282 -12.79 12.94 -25.24
C VAL C 282 -13.93 13.55 -26.03
N THR C 283 -13.67 14.66 -26.71
CA THR C 283 -14.69 15.28 -27.54
C THR C 283 -14.01 15.81 -28.80
N PRO C 284 -14.71 15.71 -29.94
CA PRO C 284 -14.18 16.16 -31.23
C PRO C 284 -13.77 17.64 -31.21
N THR C 285 -12.52 17.89 -31.61
CA THR C 285 -12.03 19.26 -31.67
C THR C 285 -12.87 19.99 -32.71
N PRO C 286 -13.37 21.18 -32.37
CA PRO C 286 -14.17 21.93 -33.35
C PRO C 286 -13.36 22.12 -34.64
N GLU C 287 -14.05 22.01 -35.77
CA GLU C 287 -13.42 22.15 -37.08
C GLU C 287 -12.52 23.39 -37.20
N GLY C 288 -11.24 23.16 -37.48
CA GLY C 288 -10.30 24.27 -37.64
C GLY C 288 -9.48 24.62 -36.43
N ASP C 289 -10.01 24.36 -35.24
CA ASP C 289 -9.32 24.69 -34.00
C ASP C 289 -8.44 23.55 -33.51
N TRP C 290 -7.76 23.78 -32.40
CA TRP C 290 -6.89 22.77 -31.80
C TRP C 290 -6.59 23.13 -30.34
N PHE C 291 -5.96 22.21 -29.61
CA PHE C 291 -5.63 22.44 -28.22
C PHE C 291 -4.16 22.14 -27.96
N SER C 292 -3.57 22.91 -27.05
CA SER C 292 -2.15 22.77 -26.72
C SER C 292 -1.89 21.72 -25.66
N THR C 293 -0.82 20.97 -25.83
CA THR C 293 -0.45 19.92 -24.89
C THR C 293 0.98 19.40 -25.13
N GLY C 294 1.73 19.21 -24.05
CA GLY C 294 3.08 18.68 -24.16
C GLY C 294 2.95 17.22 -24.50
N VAL C 295 3.43 16.83 -25.67
CA VAL C 295 3.33 15.47 -26.14
C VAL C 295 4.66 14.90 -26.67
N TYR C 296 4.72 13.59 -26.86
CA TYR C 296 5.93 12.93 -27.37
C TYR C 296 6.20 13.44 -28.81
N THR C 297 7.39 13.99 -29.03
CA THR C 297 7.74 14.58 -30.34
C THR C 297 8.15 13.67 -31.50
N THR C 298 8.57 12.45 -31.21
CA THR C 298 8.99 11.55 -32.28
C THR C 298 7.87 11.36 -33.31
N GLY C 299 8.12 11.82 -34.53
CA GLY C 299 7.13 11.71 -35.59
C GLY C 299 6.43 13.02 -35.89
N ASN C 300 6.83 14.07 -35.18
CA ASN C 300 6.23 15.40 -35.36
C ASN C 300 6.62 15.96 -36.73
N PRO C 301 5.70 16.73 -37.35
CA PRO C 301 5.93 17.34 -38.66
C PRO C 301 6.45 18.79 -38.66
N TYR C 302 6.99 19.27 -37.55
CA TYR C 302 7.51 20.63 -37.50
C TYR C 302 9.03 20.64 -37.48
N GLY C 303 9.62 19.44 -37.49
CA GLY C 303 11.07 19.34 -37.46
C GLY C 303 11.64 19.70 -36.11
N ILE C 304 10.93 19.35 -35.04
CA ILE C 304 11.40 19.64 -33.69
C ILE C 304 12.07 18.36 -33.15
N ALA C 305 13.11 18.55 -32.35
CA ALA C 305 13.86 17.42 -31.78
C ALA C 305 12.95 16.29 -31.33
N GLU C 306 13.39 15.06 -31.59
CA GLU C 306 12.62 13.88 -31.24
C GLU C 306 12.93 13.35 -29.85
N ASP C 307 12.20 12.32 -29.46
CA ASP C 307 12.35 11.66 -28.17
C ASP C 307 12.30 12.62 -26.98
N ILE C 308 11.29 13.48 -26.97
CA ILE C 308 11.08 14.43 -25.88
C ILE C 308 9.62 14.85 -25.85
N VAL C 309 9.22 15.54 -24.79
CA VAL C 309 7.86 16.02 -24.65
C VAL C 309 7.90 17.52 -24.89
N PHE C 310 7.09 17.97 -25.85
CA PHE C 310 7.06 19.37 -26.24
C PHE C 310 5.60 19.76 -26.42
N SER C 311 5.21 20.92 -25.91
CA SER C 311 3.84 21.37 -26.05
C SER C 311 3.61 21.73 -27.52
N MET C 312 2.60 21.11 -28.13
CA MET C 312 2.30 21.35 -29.54
C MET C 312 0.81 21.40 -29.82
N PRO C 313 0.42 21.99 -30.98
CA PRO C 313 -0.98 22.10 -31.37
C PRO C 313 -1.55 20.75 -31.82
N CYS C 314 -2.60 20.28 -31.15
CA CYS C 314 -3.20 18.99 -31.48
C CYS C 314 -4.72 19.08 -31.62
N ARG C 315 -5.31 18.09 -32.29
CA ARG C 315 -6.75 18.03 -32.40
C ARG C 315 -7.12 16.58 -32.18
N SER C 316 -8.40 16.31 -31.97
CA SER C 316 -8.83 14.94 -31.69
C SER C 316 -10.25 14.58 -32.11
N LYS C 317 -10.45 13.30 -32.41
CA LYS C 317 -11.76 12.81 -32.80
C LYS C 317 -12.59 12.61 -31.53
N GLY C 318 -11.97 12.84 -30.38
CA GLY C 318 -12.66 12.68 -29.12
C GLY C 318 -12.67 11.23 -28.68
N ASP C 319 -11.75 10.44 -29.23
CA ASP C 319 -11.65 9.03 -28.92
C ASP C 319 -10.61 8.76 -27.83
N GLY C 320 -10.05 9.84 -27.27
CA GLY C 320 -9.05 9.68 -26.23
C GLY C 320 -7.67 9.94 -26.81
N ASP C 321 -7.55 9.87 -28.13
CA ASP C 321 -6.28 10.10 -28.81
C ASP C 321 -6.23 11.49 -29.41
N TYR C 322 -5.19 11.74 -30.20
CA TYR C 322 -4.99 13.04 -30.81
C TYR C 322 -3.99 12.95 -31.96
N GLU C 323 -3.95 14.00 -32.77
CA GLU C 323 -3.03 14.09 -33.90
C GLU C 323 -2.53 15.52 -33.95
N LEU C 324 -1.27 15.70 -34.37
CA LEU C 324 -0.71 17.04 -34.46
C LEU C 324 -1.42 17.81 -35.58
N ALA C 325 -1.40 19.13 -35.47
CA ALA C 325 -2.04 19.97 -36.48
C ALA C 325 -1.03 20.32 -37.57
N THR C 326 -1.41 20.09 -38.82
CA THR C 326 -0.53 20.37 -39.94
C THR C 326 -0.80 21.78 -40.48
N ASP C 327 -2.04 22.24 -40.34
CA ASP C 327 -2.45 23.56 -40.79
C ASP C 327 -1.84 24.66 -39.92
N VAL C 328 -0.52 24.57 -39.73
CA VAL C 328 0.25 25.50 -38.91
C VAL C 328 1.30 26.24 -39.73
N SER C 329 1.40 27.55 -39.51
CA SER C 329 2.37 28.37 -40.22
C SER C 329 3.51 28.66 -39.25
N ASN C 330 4.68 28.96 -39.78
CA ASN C 330 5.81 29.26 -38.92
C ASN C 330 6.76 30.26 -39.57
N ASP C 331 7.30 31.15 -38.76
CA ASP C 331 8.23 32.16 -39.23
C ASP C 331 9.41 32.13 -38.27
N ASP C 332 10.46 32.88 -38.58
CA ASP C 332 11.65 32.88 -37.73
C ASP C 332 11.44 33.39 -36.31
N PHE C 333 10.48 34.30 -36.12
CA PHE C 333 10.23 34.82 -34.79
C PHE C 333 9.76 33.66 -33.91
N LEU C 334 8.73 32.96 -34.37
CA LEU C 334 8.17 31.83 -33.63
C LEU C 334 9.13 30.66 -33.56
N TRP C 335 9.77 30.34 -34.69
CA TRP C 335 10.67 29.20 -34.69
C TRP C 335 11.92 29.41 -33.83
N GLU C 336 12.39 30.65 -33.73
CA GLU C 336 13.56 30.92 -32.89
C GLU C 336 13.17 30.59 -31.45
N ARG C 337 11.98 31.04 -31.05
CA ARG C 337 11.47 30.79 -29.71
C ARG C 337 11.25 29.30 -29.47
N ILE C 338 10.63 28.64 -30.43
CA ILE C 338 10.39 27.21 -30.30
C ILE C 338 11.71 26.48 -30.03
N LYS C 339 12.77 26.88 -30.75
CA LYS C 339 14.08 26.25 -30.60
C LYS C 339 14.75 26.47 -29.25
N LYS C 340 14.64 27.68 -28.69
CA LYS C 340 15.24 27.94 -27.39
C LYS C 340 14.60 27.03 -26.36
N SER C 341 13.28 26.91 -26.41
CA SER C 341 12.58 26.06 -25.47
C SER C 341 13.09 24.63 -25.66
N GLU C 342 13.20 24.22 -26.91
CA GLU C 342 13.69 22.88 -27.25
C GLU C 342 15.04 22.64 -26.57
N ALA C 343 15.87 23.66 -26.56
CA ALA C 343 17.20 23.56 -25.94
C ALA C 343 17.07 23.28 -24.45
N GLU C 344 16.18 23.99 -23.78
CA GLU C 344 15.98 23.79 -22.34
C GLU C 344 15.58 22.33 -22.07
N LEU C 345 14.64 21.81 -22.83
CA LEU C 345 14.19 20.43 -22.67
C LEU C 345 15.34 19.44 -22.92
N LEU C 346 16.17 19.74 -23.91
CA LEU C 346 17.31 18.88 -24.23
C LEU C 346 18.26 18.81 -23.03
N ALA C 347 18.50 19.95 -22.40
CA ALA C 347 19.39 19.98 -21.23
C ALA C 347 18.71 19.31 -20.04
N GLU C 348 17.40 19.57 -19.89
CA GLU C 348 16.64 18.98 -18.80
C GLU C 348 16.74 17.47 -18.93
N LYS C 349 16.47 16.99 -20.15
CA LYS C 349 16.52 15.57 -20.44
C LYS C 349 17.86 14.94 -20.07
N LYS C 350 18.94 15.61 -20.42
CA LYS C 350 20.25 15.07 -20.13
C LYS C 350 20.54 15.13 -18.64
N CYS C 351 19.85 16.02 -17.92
CA CYS C 351 20.06 16.13 -16.48
C CYS C 351 19.41 14.96 -15.75
N VAL C 352 18.52 14.26 -16.44
CA VAL C 352 17.83 13.11 -15.85
C VAL C 352 17.97 11.86 -16.71
N ALA C 353 19.14 11.68 -17.32
CA ALA C 353 19.37 10.51 -18.16
C ALA C 353 19.46 9.26 -17.29
N HIS C 354 19.89 9.45 -16.05
CA HIS C 354 20.01 8.34 -15.12
C HIS C 354 18.63 7.85 -14.70
N LEU C 355 17.62 8.66 -15.03
CA LEU C 355 16.23 8.34 -14.70
C LEU C 355 15.46 7.83 -15.91
N THR C 356 15.95 8.12 -17.10
CA THR C 356 15.30 7.66 -18.33
C THR C 356 15.97 6.38 -18.79
N GLY C 357 17.03 6.01 -18.09
CA GLY C 357 17.76 4.80 -18.44
C GLY C 357 18.52 4.99 -19.73
N GLU C 358 18.65 6.24 -20.17
CA GLU C 358 19.35 6.50 -21.42
C GLU C 358 20.87 6.48 -21.31
N GLY C 359 21.47 7.57 -20.84
CA GLY C 359 22.92 7.58 -20.74
C GLY C 359 23.48 8.17 -19.47
N ASN C 360 24.70 8.70 -19.56
CA ASN C 360 25.35 9.31 -18.43
C ASN C 360 24.62 10.63 -18.17
N ALA C 361 24.42 10.95 -16.90
CA ALA C 361 23.73 12.18 -16.56
C ALA C 361 24.67 13.38 -16.59
N TYR C 362 24.13 14.53 -17.01
CA TYR C 362 24.88 15.77 -17.10
C TYR C 362 23.88 16.90 -16.90
N CYS C 363 24.06 17.67 -15.82
CA CYS C 363 23.15 18.76 -15.51
C CYS C 363 23.71 20.17 -15.69
N ASP C 364 23.27 20.82 -16.76
CA ASP C 364 23.67 22.19 -17.06
C ASP C 364 22.38 22.91 -17.44
N VAL C 365 21.56 23.21 -16.44
CA VAL C 365 20.28 23.89 -16.68
C VAL C 365 20.16 25.25 -16.00
N PRO C 366 19.26 26.11 -16.51
CA PRO C 366 19.01 27.45 -15.97
C PRO C 366 18.26 27.35 -14.63
N GLU C 367 18.45 28.34 -13.76
CA GLU C 367 17.81 28.33 -12.45
C GLU C 367 16.50 29.11 -12.33
N ASP C 368 16.31 30.14 -13.15
CA ASP C 368 15.08 30.92 -13.08
C ASP C 368 14.17 30.76 -14.29
N THR C 369 13.60 29.57 -14.46
CA THR C 369 12.72 29.30 -15.58
C THR C 369 11.36 28.78 -15.13
N MET C 370 11.16 28.72 -13.83
CA MET C 370 9.89 28.26 -13.27
C MET C 370 8.87 29.38 -13.30
N ARG D 7 -16.39 50.70 -17.62
CA ARG D 7 -17.51 50.76 -16.69
C ARG D 7 -17.17 50.26 -15.28
N LYS D 8 -17.96 50.68 -14.30
CA LYS D 8 -17.76 50.30 -12.91
C LYS D 8 -18.51 48.99 -12.62
N ASP D 9 -19.52 48.75 -13.46
CA ASP D 9 -20.39 47.59 -13.38
C ASP D 9 -19.75 46.29 -13.89
N CYS D 10 -18.48 46.34 -14.32
CA CYS D 10 -17.83 45.15 -14.89
C CYS D 10 -16.35 44.95 -14.54
N PHE D 11 -15.86 43.73 -14.72
CA PHE D 11 -14.47 43.39 -14.43
C PHE D 11 -13.74 42.79 -15.63
N GLY D 12 -12.49 43.18 -15.81
CA GLY D 12 -11.65 42.67 -16.88
C GLY D 12 -12.33 42.39 -18.21
N VAL D 13 -12.05 41.22 -18.78
CA VAL D 13 -12.62 40.82 -20.07
C VAL D 13 -14.13 40.73 -20.07
N PHE D 14 -14.72 40.67 -18.88
CA PHE D 14 -16.18 40.57 -18.81
C PHE D 14 -16.86 41.90 -19.16
N CYS D 15 -16.06 42.94 -19.41
CA CYS D 15 -16.62 44.23 -19.78
C CYS D 15 -17.06 44.29 -21.23
N THR D 16 -16.58 43.34 -22.04
CA THR D 16 -16.88 43.32 -23.47
C THR D 16 -18.20 42.68 -23.90
N THR D 17 -18.82 41.92 -23.02
CA THR D 17 -20.06 41.25 -23.38
C THR D 17 -21.30 42.10 -23.23
N TYR D 18 -22.38 41.57 -23.71
CA TYR D 18 -23.69 42.22 -23.67
C TYR D 18 -24.71 41.21 -24.17
N ASP D 19 -26.10 41.37 -23.86
CA ASP D 19 -26.81 40.20 -24.33
C ASP D 19 -28.20 40.56 -24.81
N TRP D 29 -30.83 29.62 -25.11
CA TRP D 29 -30.36 30.52 -24.05
C TRP D 29 -31.41 31.49 -23.54
N LYS D 30 -31.71 31.40 -22.26
CA LYS D 30 -32.67 32.28 -21.62
C LYS D 30 -31.97 33.60 -21.28
N LYS D 31 -32.73 34.61 -20.86
CA LYS D 31 -32.09 35.88 -20.53
C LYS D 31 -31.18 35.70 -19.33
N LEU D 32 -30.15 36.53 -19.26
CA LEU D 32 -29.16 36.48 -18.19
C LEU D 32 -29.77 36.48 -16.79
N VAL D 33 -29.32 35.58 -15.93
CA VAL D 33 -29.80 35.56 -14.56
C VAL D 33 -28.67 36.12 -13.72
N ASN D 34 -29.00 37.08 -12.86
CA ASN D 34 -28.01 37.74 -12.02
C ASN D 34 -27.89 37.09 -10.64
N ILE D 35 -26.65 36.75 -10.28
CA ILE D 35 -26.38 36.09 -9.02
C ILE D 35 -25.40 36.86 -8.14
N ALA D 36 -25.82 37.20 -6.93
CA ALA D 36 -24.94 37.90 -6.00
C ALA D 36 -24.38 36.85 -5.05
N VAL D 37 -23.13 37.03 -4.66
CA VAL D 37 -22.48 36.12 -3.74
C VAL D 37 -21.69 36.93 -2.71
N SER D 38 -22.10 36.88 -1.44
CA SER D 38 -21.39 37.58 -0.38
C SER D 38 -20.32 36.58 0.12
N GLY D 39 -19.32 37.06 0.85
CA GLY D 39 -18.26 36.16 1.30
C GLY D 39 -17.56 35.59 0.06
N ALA D 40 -17.68 36.31 -1.06
CA ALA D 40 -17.13 35.91 -2.35
C ALA D 40 -15.65 35.57 -2.39
N ALA D 41 -14.87 36.04 -1.43
CA ALA D 41 -13.44 35.75 -1.42
C ALA D 41 -13.12 34.53 -0.53
N GLY D 42 -14.12 34.00 0.16
CA GLY D 42 -13.91 32.86 1.05
C GLY D 42 -13.73 31.51 0.35
N MET D 43 -13.54 30.47 1.16
CA MET D 43 -13.31 29.12 0.65
C MET D 43 -14.51 28.47 -0.04
N ILE D 44 -15.69 28.61 0.56
CA ILE D 44 -16.89 28.03 -0.03
C ILE D 44 -17.08 28.62 -1.42
N SER D 45 -17.01 29.95 -1.50
CA SER D 45 -17.20 30.68 -2.75
C SER D 45 -16.20 30.24 -3.80
N ASN D 46 -14.95 30.02 -3.37
CA ASN D 46 -13.93 29.61 -4.31
C ASN D 46 -14.26 28.30 -5.05
N HIS D 47 -15.10 27.47 -4.45
CA HIS D 47 -15.50 26.23 -5.11
C HIS D 47 -16.83 26.48 -5.82
N LEU D 48 -17.73 27.19 -5.17
CA LEU D 48 -19.06 27.47 -5.74
C LEU D 48 -19.08 28.29 -7.03
N LEU D 49 -18.36 29.40 -7.09
CA LEU D 49 -18.34 30.25 -8.27
C LEU D 49 -18.10 29.51 -9.59
N PHE D 50 -17.08 28.64 -9.61
CA PHE D 50 -16.77 27.88 -10.81
C PHE D 50 -17.86 26.86 -11.14
N LYS D 51 -18.55 26.35 -10.12
CA LYS D 51 -19.64 25.42 -10.40
C LYS D 51 -20.73 26.19 -11.13
N LEU D 52 -21.03 27.39 -10.63
CA LEU D 52 -22.06 28.23 -11.24
C LEU D 52 -21.70 28.59 -12.68
N ALA D 53 -20.46 29.01 -12.89
CA ALA D 53 -19.99 29.41 -14.21
C ALA D 53 -19.94 28.28 -15.25
N SER D 54 -19.81 27.03 -14.79
CA SER D 54 -19.75 25.88 -15.70
C SER D 54 -21.11 25.55 -16.29
N GLY D 55 -22.16 26.03 -15.65
CA GLY D 55 -23.51 25.77 -16.12
C GLY D 55 -24.12 24.55 -15.44
N GLU D 56 -23.31 23.82 -14.68
CA GLU D 56 -23.78 22.61 -13.99
C GLU D 56 -24.94 22.88 -13.03
N VAL D 57 -25.04 24.11 -12.53
CA VAL D 57 -26.11 24.45 -11.59
C VAL D 57 -27.41 24.93 -12.25
N PHE D 58 -27.35 26.01 -13.03
CA PHE D 58 -28.55 26.51 -13.67
C PHE D 58 -28.86 25.89 -15.04
N GLY D 59 -27.94 25.11 -15.58
CA GLY D 59 -28.15 24.49 -16.87
C GLY D 59 -27.26 25.07 -17.96
N GLN D 60 -27.06 24.32 -19.03
CA GLN D 60 -26.22 24.78 -20.13
C GLN D 60 -26.95 25.80 -21.01
N ASP D 61 -28.24 25.97 -20.76
CA ASP D 61 -29.07 26.91 -21.53
C ASP D 61 -29.30 28.18 -20.73
N GLN D 62 -28.47 28.45 -19.74
CA GLN D 62 -28.66 29.65 -18.93
C GLN D 62 -27.41 30.46 -18.63
N PRO D 63 -27.20 31.55 -19.39
CA PRO D 63 -26.01 32.38 -19.14
C PRO D 63 -26.20 33.13 -17.82
N ILE D 64 -25.11 33.52 -17.18
CA ILE D 64 -25.22 34.19 -15.88
C ILE D 64 -24.27 35.35 -15.65
N ALA D 65 -24.61 36.16 -14.67
CA ALA D 65 -23.80 37.29 -14.26
C ALA D 65 -23.49 37.03 -12.78
N LEU D 66 -22.22 37.16 -12.41
CA LEU D 66 -21.78 36.97 -11.02
C LEU D 66 -21.42 38.32 -10.41
N LYS D 67 -22.11 38.69 -9.33
CA LYS D 67 -21.86 39.95 -8.65
C LYS D 67 -21.25 39.55 -7.31
N LEU D 68 -19.95 39.75 -7.18
CA LEU D 68 -19.23 39.36 -5.99
C LEU D 68 -19.07 40.46 -4.94
N LEU D 69 -19.59 40.19 -3.75
CA LEU D 69 -19.48 41.13 -2.64
C LEU D 69 -18.45 40.60 -1.66
N GLY D 70 -17.45 41.42 -1.38
CA GLY D 70 -16.43 41.03 -0.43
C GLY D 70 -16.25 42.07 0.65
N SER D 71 -15.21 41.90 1.45
CA SER D 71 -14.87 42.81 2.53
C SER D 71 -13.74 43.72 2.06
N GLU D 72 -13.72 44.95 2.53
CA GLU D 72 -12.66 45.88 2.15
C GLU D 72 -11.31 45.18 2.32
N ARG D 73 -11.18 44.46 3.43
CA ARG D 73 -9.97 43.73 3.74
C ARG D 73 -9.72 42.59 2.73
N SER D 74 -10.79 42.06 2.14
CA SER D 74 -10.64 40.96 1.19
C SER D 74 -10.82 41.39 -0.28
N PHE D 75 -10.67 42.68 -0.55
CA PHE D 75 -10.84 43.17 -1.90
C PHE D 75 -9.81 42.63 -2.89
N GLN D 76 -8.53 42.67 -2.53
CA GLN D 76 -7.52 42.17 -3.45
C GLN D 76 -7.70 40.67 -3.69
N ALA D 77 -8.05 39.93 -2.63
CA ALA D 77 -8.28 38.50 -2.76
C ALA D 77 -9.47 38.30 -3.70
N LEU D 78 -10.38 39.25 -3.68
CA LEU D 78 -11.55 39.22 -4.52
C LEU D 78 -11.18 39.44 -5.99
N GLU D 79 -10.17 40.27 -6.22
CA GLU D 79 -9.73 40.54 -7.59
C GLU D 79 -9.08 39.27 -8.16
N GLY D 80 -8.33 38.56 -7.31
CA GLY D 80 -7.70 37.33 -7.74
C GLY D 80 -8.75 36.34 -8.21
N VAL D 81 -9.90 36.35 -7.55
CA VAL D 81 -11.00 35.47 -7.89
C VAL D 81 -11.59 35.85 -9.25
N ALA D 82 -11.71 37.14 -9.52
CA ALA D 82 -12.27 37.58 -10.78
C ALA D 82 -11.30 37.19 -11.89
N MET D 83 -10.02 37.25 -11.57
CA MET D 83 -8.99 36.92 -12.53
C MET D 83 -9.03 35.43 -12.86
N GLU D 84 -9.11 34.59 -11.82
CA GLU D 84 -9.16 33.15 -12.03
C GLU D 84 -10.39 32.82 -12.87
N LEU D 85 -11.46 33.60 -12.69
CA LEU D 85 -12.67 33.40 -13.49
C LEU D 85 -12.38 33.81 -14.95
N GLU D 86 -11.59 34.88 -15.13
CA GLU D 86 -11.21 35.34 -16.47
C GLU D 86 -10.40 34.26 -17.15
N ASP D 87 -9.47 33.66 -16.41
CA ASP D 87 -8.61 32.61 -16.95
C ASP D 87 -9.30 31.25 -17.13
N SER D 88 -10.59 31.16 -16.77
CA SER D 88 -11.32 29.90 -16.89
C SER D 88 -12.15 29.78 -18.17
N LEU D 89 -12.30 30.89 -18.89
CA LEU D 89 -13.03 30.90 -20.16
C LEU D 89 -14.41 30.20 -20.17
N TYR D 90 -15.24 30.47 -19.18
CA TYR D 90 -16.58 29.86 -19.15
C TYR D 90 -17.54 30.65 -20.02
N PRO D 91 -17.98 30.05 -21.14
CA PRO D 91 -18.91 30.74 -22.03
C PRO D 91 -20.25 31.15 -21.40
N LEU D 92 -20.68 30.48 -20.33
CA LEU D 92 -21.96 30.87 -19.73
C LEU D 92 -21.84 32.03 -18.74
N LEU D 93 -20.63 32.29 -18.29
CA LEU D 93 -20.37 33.39 -17.36
C LEU D 93 -20.08 34.63 -18.20
N ARG D 94 -21.12 35.39 -18.49
CA ARG D 94 -20.99 36.59 -19.31
C ARG D 94 -20.57 37.83 -18.52
N GLU D 95 -21.00 37.93 -17.28
CA GLU D 95 -20.67 39.09 -16.47
C GLU D 95 -20.09 38.83 -15.09
N VAL D 96 -19.13 39.67 -14.71
CA VAL D 96 -18.48 39.56 -13.41
C VAL D 96 -18.18 40.94 -12.84
N SER D 97 -18.71 41.20 -11.64
CA SER D 97 -18.44 42.47 -10.98
C SER D 97 -18.06 42.15 -9.54
N ILE D 98 -17.12 42.91 -9.00
CA ILE D 98 -16.67 42.73 -7.63
C ILE D 98 -16.89 44.05 -6.92
N GLY D 99 -17.12 44.00 -5.61
CA GLY D 99 -17.34 45.22 -4.86
C GLY D 99 -17.47 45.00 -3.36
N ILE D 100 -17.61 46.10 -2.63
CA ILE D 100 -17.71 46.04 -1.18
C ILE D 100 -18.98 46.68 -0.63
N ASP D 101 -19.86 47.17 -1.49
CA ASP D 101 -21.10 47.81 -1.07
C ASP D 101 -22.29 47.00 -1.58
N PRO D 102 -23.11 46.46 -0.67
CA PRO D 102 -24.26 45.67 -1.10
C PRO D 102 -25.24 46.44 -1.98
N TYR D 103 -25.45 47.72 -1.68
CA TYR D 103 -26.38 48.53 -2.46
C TYR D 103 -25.96 48.63 -3.93
N GLU D 104 -24.71 48.31 -4.18
CA GLU D 104 -24.16 48.33 -5.54
C GLU D 104 -24.23 46.91 -6.09
N VAL D 105 -23.55 45.99 -5.41
CA VAL D 105 -23.49 44.60 -5.83
C VAL D 105 -24.85 43.94 -6.06
N PHE D 106 -25.79 44.13 -5.14
CA PHE D 106 -27.12 43.51 -5.28
C PHE D 106 -28.02 44.15 -6.33
N GLU D 107 -27.49 45.11 -7.08
CA GLU D 107 -28.27 45.77 -8.12
C GLU D 107 -28.94 44.77 -9.05
N ASP D 108 -30.27 44.73 -9.03
CA ASP D 108 -31.02 43.86 -9.92
C ASP D 108 -30.76 42.34 -9.91
N VAL D 109 -30.15 41.80 -8.85
CA VAL D 109 -29.90 40.35 -8.82
C VAL D 109 -31.17 39.53 -8.62
N ASP D 110 -31.20 38.32 -9.18
CA ASP D 110 -32.33 37.41 -9.07
C ASP D 110 -32.07 36.40 -7.96
N TRP D 111 -30.79 36.23 -7.66
CA TRP D 111 -30.34 35.32 -6.61
C TRP D 111 -29.31 36.04 -5.76
N ALA D 112 -29.35 35.74 -4.47
CA ALA D 112 -28.40 36.31 -3.52
C ALA D 112 -27.94 35.15 -2.62
N LEU D 113 -26.68 34.76 -2.79
CA LEU D 113 -26.10 33.67 -2.03
C LEU D 113 -25.29 34.30 -0.90
N LEU D 114 -25.91 34.42 0.27
CA LEU D 114 -25.27 35.08 1.41
C LEU D 114 -24.45 34.17 2.32
N ILE D 115 -23.18 34.06 1.97
CA ILE D 115 -22.23 33.22 2.68
C ILE D 115 -21.48 34.01 3.75
N GLY D 116 -21.12 35.25 3.41
CA GLY D 116 -20.38 36.10 4.32
C GLY D 116 -20.97 36.30 5.71
N ALA D 117 -20.15 36.04 6.72
CA ALA D 117 -20.51 36.20 8.12
C ALA D 117 -19.26 35.89 8.93
N LYS D 118 -19.15 36.51 10.10
CA LYS D 118 -18.02 36.28 10.97
C LYS D 118 -18.27 34.94 11.66
N PRO D 119 -17.26 34.06 11.70
CA PRO D 119 -17.39 32.74 12.32
C PRO D 119 -17.29 32.82 13.85
N ARG D 120 -17.75 31.79 14.54
CA ARG D 120 -17.68 31.78 16.01
C ARG D 120 -16.26 31.40 16.39
N GLY D 121 -15.52 32.37 16.89
CA GLY D 121 -14.14 32.12 17.27
C GLY D 121 -13.90 31.61 18.67
N PRO D 122 -12.82 32.05 19.31
CA PRO D 122 -12.44 31.65 20.67
C PRO D 122 -13.43 32.07 21.75
N GLY D 123 -13.46 33.36 22.04
CA GLY D 123 -14.35 33.85 23.09
C GLY D 123 -15.60 34.60 22.65
N MET D 124 -16.38 34.00 21.75
CA MET D 124 -17.61 34.64 21.31
C MET D 124 -18.81 33.83 21.81
N GLU D 125 -19.72 34.52 22.50
CA GLU D 125 -20.92 33.87 23.02
C GLU D 125 -21.82 33.51 21.84
N ARG D 126 -22.99 32.97 22.14
CA ARG D 126 -23.95 32.63 21.08
C ARG D 126 -24.74 33.90 20.81
N ALA D 127 -25.02 34.66 21.86
CA ALA D 127 -25.77 35.90 21.76
C ALA D 127 -25.00 36.92 20.91
N ALA D 128 -23.69 36.94 21.06
CA ALA D 128 -22.84 37.87 20.30
C ALA D 128 -22.94 37.56 18.81
N LEU D 129 -22.84 36.29 18.46
CA LEU D 129 -22.91 35.88 17.06
C LEU D 129 -24.25 36.29 16.45
N LEU D 130 -25.30 36.21 17.25
CA LEU D 130 -26.64 36.58 16.78
C LEU D 130 -26.74 38.08 16.51
N ASP D 131 -26.12 38.89 17.36
CA ASP D 131 -26.19 40.34 17.19
C ASP D 131 -25.28 40.84 16.06
N ILE D 132 -24.04 40.37 16.05
CA ILE D 132 -23.06 40.77 15.03
C ILE D 132 -23.42 40.39 13.59
N ASN D 133 -23.57 39.09 13.32
CA ASN D 133 -23.93 38.68 11.98
C ASN D 133 -25.34 39.15 11.67
N GLY D 134 -26.17 39.26 12.69
CA GLY D 134 -27.53 39.72 12.49
C GLY D 134 -27.56 41.13 11.90
N GLN D 135 -26.63 41.98 12.33
CA GLN D 135 -26.57 43.34 11.82
C GLN D 135 -26.16 43.31 10.36
N ILE D 136 -25.21 42.42 10.04
CA ILE D 136 -24.73 42.26 8.68
C ILE D 136 -25.90 41.94 7.75
N PHE D 137 -26.77 41.03 8.20
CA PHE D 137 -27.93 40.62 7.41
C PHE D 137 -29.07 41.62 7.39
N ALA D 138 -29.19 42.44 8.43
CA ALA D 138 -30.25 43.45 8.47
C ALA D 138 -29.91 44.46 7.36
N ASP D 139 -28.64 44.86 7.34
CA ASP D 139 -28.09 45.79 6.36
C ASP D 139 -28.26 45.23 4.94
N GLN D 140 -27.82 43.99 4.74
CA GLN D 140 -27.95 43.35 3.43
C GLN D 140 -29.41 43.21 3.03
N GLY D 141 -30.29 42.95 4.00
CA GLY D 141 -31.70 42.83 3.70
C GLY D 141 -32.25 44.17 3.20
N LYS D 142 -31.76 45.26 3.77
CA LYS D 142 -32.21 46.60 3.35
C LYS D 142 -31.74 46.86 1.93
N ALA D 143 -30.50 46.47 1.64
CA ALA D 143 -29.93 46.65 0.31
C ALA D 143 -30.77 45.88 -0.71
N LEU D 144 -31.06 44.62 -0.41
CA LEU D 144 -31.84 43.78 -1.31
C LEU D 144 -33.20 44.39 -1.56
N ASN D 145 -33.82 44.92 -0.50
CA ASN D 145 -35.15 45.50 -0.66
C ASN D 145 -35.11 46.73 -1.58
N ALA D 146 -34.02 47.49 -1.51
CA ALA D 146 -33.88 48.69 -2.32
C ALA D 146 -33.44 48.48 -3.77
N VAL D 147 -32.47 47.60 -4.02
CA VAL D 147 -31.97 47.42 -5.38
C VAL D 147 -32.12 46.08 -6.09
N ALA D 148 -32.32 44.99 -5.34
CA ALA D 148 -32.46 43.68 -5.96
C ALA D 148 -33.80 43.50 -6.66
N SER D 149 -33.92 42.44 -7.43
CA SER D 149 -35.20 42.16 -8.10
C SER D 149 -36.23 41.90 -7.01
N LYS D 150 -37.49 42.24 -7.26
CA LYS D 150 -38.53 42.03 -6.27
C LYS D 150 -38.87 40.55 -6.12
N ASN D 151 -38.26 39.72 -6.97
CA ASN D 151 -38.50 38.28 -6.91
C ASN D 151 -37.17 37.56 -6.67
N VAL D 152 -36.24 38.25 -6.01
CA VAL D 152 -34.93 37.66 -5.73
C VAL D 152 -35.07 36.49 -4.75
N LYS D 153 -34.34 35.41 -4.99
CA LYS D 153 -34.38 34.26 -4.08
C LYS D 153 -33.12 34.42 -3.25
N VAL D 154 -33.27 34.37 -1.92
CA VAL D 154 -32.15 34.55 -1.03
C VAL D 154 -31.82 33.30 -0.24
N LEU D 155 -30.60 32.80 -0.45
CA LEU D 155 -30.13 31.61 0.24
C LEU D 155 -29.10 32.05 1.26
N VAL D 156 -29.38 31.77 2.54
CA VAL D 156 -28.45 32.14 3.59
C VAL D 156 -27.59 30.96 4.04
N VAL D 157 -26.28 31.18 3.99
CA VAL D 157 -25.29 30.18 4.40
C VAL D 157 -24.49 30.67 5.62
N GLY D 158 -24.57 31.96 5.93
CA GLY D 158 -23.86 32.49 7.09
C GLY D 158 -24.49 32.17 8.44
N ASN D 159 -23.69 31.66 9.38
CA ASN D 159 -24.20 31.35 10.71
C ASN D 159 -24.60 32.61 11.47
N PRO D 160 -25.71 32.56 12.23
CA PRO D 160 -26.61 31.42 12.42
C PRO D 160 -27.67 31.58 11.32
N CYS D 161 -27.64 30.67 10.34
CA CYS D 161 -28.54 30.72 9.18
C CYS D 161 -30.01 31.11 9.33
N ASN D 162 -30.80 30.29 10.01
CA ASN D 162 -32.23 30.57 10.14
C ASN D 162 -32.58 31.99 10.64
N THR D 163 -31.94 32.42 11.71
CA THR D 163 -32.21 33.73 12.26
C THR D 163 -31.74 34.85 11.32
N ASN D 164 -30.56 34.67 10.71
CA ASN D 164 -30.06 35.71 9.79
C ASN D 164 -31.08 35.89 8.67
N ALA D 165 -31.65 34.79 8.19
CA ALA D 165 -32.64 34.88 7.11
C ALA D 165 -33.88 35.60 7.61
N LEU D 166 -34.26 35.35 8.85
CA LEU D 166 -35.43 36.01 9.41
C LEU D 166 -35.15 37.52 9.48
N ILE D 167 -33.99 37.87 10.02
CA ILE D 167 -33.60 39.27 10.15
C ILE D 167 -33.58 39.94 8.76
N CYS D 168 -32.88 39.31 7.81
CA CYS D 168 -32.77 39.78 6.43
C CYS D 168 -34.15 40.01 5.84
N LEU D 169 -35.01 39.01 6.04
CA LEU D 169 -36.39 38.99 5.57
C LEU D 169 -37.23 40.12 6.19
N LYS D 170 -37.02 40.38 7.48
CA LYS D 170 -37.76 41.42 8.19
C LYS D 170 -37.33 42.81 7.71
N ASN D 171 -36.12 42.91 7.19
CA ASN D 171 -35.60 44.18 6.70
C ASN D 171 -35.88 44.35 5.22
N ALA D 172 -36.69 43.46 4.65
CA ALA D 172 -37.03 43.52 3.24
C ALA D 172 -38.51 43.21 3.04
N PRO D 173 -39.39 44.01 3.66
CA PRO D 173 -40.84 43.80 3.56
C PRO D 173 -41.36 43.80 2.13
N ASP D 174 -40.57 44.33 1.20
CA ASP D 174 -40.99 44.38 -0.19
C ASP D 174 -40.62 43.15 -1.01
N ILE D 175 -39.92 42.22 -0.37
CA ILE D 175 -39.55 40.97 -1.03
C ILE D 175 -40.38 39.89 -0.36
N PRO D 176 -41.08 39.06 -1.16
CA PRO D 176 -41.90 37.99 -0.57
C PRO D 176 -41.09 37.24 0.49
N ALA D 177 -41.66 37.10 1.68
CA ALA D 177 -41.00 36.41 2.78
C ALA D 177 -40.64 34.98 2.43
N LYS D 178 -41.41 34.35 1.55
CA LYS D 178 -41.15 32.97 1.15
C LYS D 178 -39.95 32.80 0.21
N ASN D 179 -39.25 33.89 -0.10
CA ASN D 179 -38.09 33.85 -0.99
C ASN D 179 -36.77 33.67 -0.26
N PHE D 180 -36.81 33.70 1.08
CA PHE D 180 -35.60 33.57 1.88
C PHE D 180 -35.41 32.15 2.40
N HIS D 181 -34.21 31.61 2.21
CA HIS D 181 -33.87 30.24 2.62
C HIS D 181 -32.67 30.16 3.54
N ALA D 182 -32.71 29.21 4.45
CA ALA D 182 -31.60 28.96 5.37
C ALA D 182 -31.17 27.56 4.94
N LEU D 183 -29.91 27.44 4.54
CA LEU D 183 -29.39 26.18 4.05
C LEU D 183 -29.23 25.02 5.03
N THR D 184 -29.96 23.93 4.79
CA THR D 184 -29.84 22.74 5.63
C THR D 184 -29.52 21.55 4.72
N ARG D 185 -29.32 21.83 3.43
CA ARG D 185 -29.03 20.79 2.44
C ARG D 185 -27.75 20.02 2.72
N LEU D 186 -26.71 20.69 3.22
CA LEU D 186 -25.49 19.97 3.52
C LEU D 186 -25.77 18.88 4.56
N ASP D 187 -26.54 19.22 5.60
CA ASP D 187 -26.87 18.23 6.62
C ASP D 187 -27.78 17.15 6.08
N GLU D 188 -28.64 17.52 5.13
CA GLU D 188 -29.51 16.52 4.54
C GLU D 188 -28.65 15.53 3.74
N ASN D 189 -27.65 16.05 3.04
CA ASN D 189 -26.76 15.20 2.25
C ASN D 189 -25.95 14.26 3.14
N ARG D 190 -25.47 14.79 4.24
CA ARG D 190 -24.69 14.00 5.16
C ARG D 190 -25.57 12.93 5.82
N ALA D 191 -26.80 13.30 6.16
CA ALA D 191 -27.71 12.36 6.79
C ALA D 191 -28.02 11.26 5.78
N LYS D 192 -28.21 11.66 4.53
CA LYS D 192 -28.49 10.73 3.45
C LYS D 192 -27.31 9.77 3.35
N CYS D 193 -26.10 10.32 3.43
CA CYS D 193 -24.90 9.51 3.37
C CYS D 193 -24.83 8.52 4.54
N GLN D 194 -25.13 9.00 5.74
CA GLN D 194 -25.08 8.11 6.90
C GLN D 194 -26.13 7.00 6.88
N LEU D 195 -27.32 7.29 6.38
CA LEU D 195 -28.38 6.30 6.29
C LEU D 195 -27.97 5.19 5.30
N ALA D 196 -27.36 5.60 4.18
CA ALA D 196 -26.93 4.65 3.15
C ALA D 196 -25.84 3.71 3.68
N LEU D 197 -24.86 4.27 4.38
CA LEU D 197 -23.80 3.45 4.95
C LEU D 197 -24.42 2.44 5.91
N LYS D 198 -25.12 2.96 6.92
CA LYS D 198 -25.77 2.11 7.92
C LYS D 198 -26.50 0.94 7.26
N ALA D 199 -27.38 1.24 6.30
CA ALA D 199 -28.16 0.23 5.61
C ALA D 199 -27.35 -0.58 4.60
N GLY D 200 -26.08 -0.24 4.41
CA GLY D 200 -25.25 -0.94 3.45
C GLY D 200 -25.71 -0.79 2.01
N VAL D 201 -26.25 0.37 1.66
CA VAL D 201 -26.74 0.66 0.32
C VAL D 201 -26.00 1.88 -0.25
N PHE D 202 -26.09 2.12 -1.55
CA PHE D 202 -25.41 3.27 -2.14
C PHE D 202 -26.33 4.48 -1.96
N TYR D 203 -25.76 5.68 -1.86
CA TYR D 203 -26.58 6.86 -1.62
C TYR D 203 -27.69 7.23 -2.61
N ASP D 204 -27.56 6.85 -3.88
CA ASP D 204 -28.61 7.19 -4.84
C ASP D 204 -29.88 6.40 -4.61
N LYS D 205 -29.85 5.47 -3.66
CA LYS D 205 -31.02 4.67 -3.34
C LYS D 205 -31.65 5.07 -2.00
N VAL D 206 -31.41 6.32 -1.60
CA VAL D 206 -31.96 6.88 -0.37
C VAL D 206 -32.70 8.17 -0.73
N SER D 207 -33.92 8.32 -0.26
CA SER D 207 -34.67 9.52 -0.59
C SER D 207 -35.51 9.99 0.58
N ASN D 208 -36.18 11.14 0.38
CA ASN D 208 -37.08 11.68 1.39
C ASN D 208 -36.38 11.92 2.73
N VAL D 209 -35.12 12.34 2.67
CA VAL D 209 -34.35 12.62 3.88
C VAL D 209 -34.60 14.08 4.26
N THR D 210 -35.26 14.30 5.39
CA THR D 210 -35.55 15.66 5.83
C THR D 210 -34.76 16.11 7.03
N ILE D 211 -34.32 17.37 7.00
CA ILE D 211 -33.65 17.98 8.14
C ILE D 211 -34.68 19.04 8.54
N TRP D 212 -35.24 18.94 9.74
CA TRP D 212 -36.22 19.94 10.18
C TRP D 212 -35.56 20.92 11.15
N GLY D 213 -36.18 22.09 11.28
CA GLY D 213 -35.71 23.07 12.24
C GLY D 213 -34.59 24.04 11.95
N ASN D 214 -33.92 24.39 13.03
CA ASN D 214 -32.84 25.35 13.00
C ASN D 214 -31.57 24.67 12.54
N HIS D 215 -30.78 25.37 11.74
CA HIS D 215 -29.51 24.80 11.28
C HIS D 215 -28.55 24.98 12.45
N SER D 216 -28.67 24.09 13.43
CA SER D 216 -27.82 24.15 14.61
C SER D 216 -27.80 22.77 15.24
N THR D 217 -27.37 22.69 16.49
CA THR D 217 -27.33 21.40 17.15
C THR D 217 -28.72 20.86 17.44
N THR D 218 -29.77 21.65 17.22
CA THR D 218 -31.13 21.14 17.46
C THR D 218 -31.77 20.73 16.13
N GLN D 219 -30.96 20.66 15.06
CA GLN D 219 -31.54 20.24 13.79
C GLN D 219 -32.09 18.82 13.96
N VAL D 220 -33.16 18.51 13.25
CA VAL D 220 -33.75 17.20 13.38
C VAL D 220 -33.69 16.33 12.14
N PRO D 221 -32.81 15.31 12.14
CA PRO D 221 -32.76 14.46 10.95
C PRO D 221 -33.95 13.52 11.11
N ASP D 222 -34.82 13.48 10.11
CA ASP D 222 -36.02 12.66 10.17
C ASP D 222 -35.92 11.34 9.38
N PHE D 223 -35.87 10.22 10.10
CA PHE D 223 -35.79 8.89 9.47
C PHE D 223 -37.17 8.27 9.26
N LEU D 224 -38.13 8.70 10.07
CA LEU D 224 -39.48 8.19 9.95
C LEU D 224 -40.02 8.37 8.54
N ASN D 225 -39.67 9.46 7.87
CA ASN D 225 -40.15 9.73 6.52
C ASN D 225 -39.16 9.38 5.41
N ALA D 226 -37.91 9.09 5.79
CA ALA D 226 -36.91 8.76 4.81
C ALA D 226 -37.20 7.39 4.20
N LYS D 227 -36.57 7.09 3.07
CA LYS D 227 -36.77 5.82 2.41
C LYS D 227 -35.47 5.28 1.86
N ILE D 228 -35.40 3.95 1.78
CA ILE D 228 -34.23 3.29 1.24
C ILE D 228 -34.73 2.33 0.17
N ASP D 229 -34.50 2.72 -1.08
CA ASP D 229 -34.93 1.95 -2.22
C ASP D 229 -36.43 1.71 -2.15
N GLY D 230 -37.17 2.81 -1.94
CA GLY D 230 -38.62 2.73 -1.86
C GLY D 230 -39.24 2.31 -0.54
N ARG D 231 -38.49 1.61 0.31
CA ARG D 231 -39.03 1.18 1.59
C ARG D 231 -38.72 2.15 2.74
N PRO D 232 -39.66 2.27 3.69
CA PRO D 232 -39.49 3.17 4.83
C PRO D 232 -38.20 2.77 5.56
N VAL D 233 -37.50 3.75 6.11
CA VAL D 233 -36.25 3.52 6.80
C VAL D 233 -36.38 2.61 8.02
N LYS D 234 -37.46 2.76 8.75
CA LYS D 234 -37.67 1.95 9.95
C LYS D 234 -37.90 0.47 9.67
N GLU D 235 -38.26 0.13 8.43
CA GLU D 235 -38.46 -1.25 8.05
C GLU D 235 -37.15 -1.86 7.55
N VAL D 236 -36.21 -1.01 7.16
CA VAL D 236 -34.93 -1.48 6.65
C VAL D 236 -33.87 -1.53 7.73
N ILE D 237 -33.67 -0.40 8.41
CA ILE D 237 -32.69 -0.33 9.49
C ILE D 237 -33.44 -0.68 10.77
N LYS D 238 -33.06 -1.79 11.41
CA LYS D 238 -33.75 -2.18 12.63
C LYS D 238 -33.07 -1.80 13.94
N ARG D 239 -31.85 -1.27 13.86
CA ARG D 239 -31.14 -0.83 15.05
C ARG D 239 -31.75 0.50 15.48
N THR D 240 -32.84 0.40 16.24
CA THR D 240 -33.57 1.57 16.72
C THR D 240 -32.74 2.53 17.57
N LYS D 241 -31.83 1.99 18.38
CA LYS D 241 -30.99 2.86 19.21
C LYS D 241 -30.15 3.76 18.31
N TRP D 242 -29.68 3.21 17.18
CA TRP D 242 -28.88 3.99 16.24
C TRP D 242 -29.76 5.05 15.61
N LEU D 243 -30.90 4.62 15.11
CA LEU D 243 -31.83 5.54 14.48
C LEU D 243 -32.19 6.69 15.42
N GLU D 244 -32.37 6.38 16.69
CA GLU D 244 -32.77 7.40 17.65
C GLU D 244 -31.69 8.18 18.39
N GLU D 245 -30.48 7.65 18.55
CA GLU D 245 -29.46 8.44 19.24
C GLU D 245 -28.00 8.23 18.87
N GLU D 246 -27.76 7.95 17.60
CA GLU D 246 -26.41 7.78 17.09
C GLU D 246 -26.40 8.48 15.73
N PHE D 247 -27.46 8.23 14.97
CA PHE D 247 -27.67 8.81 13.65
C PHE D 247 -27.55 10.33 13.70
N THR D 248 -28.33 10.96 14.56
CA THR D 248 -28.29 12.41 14.69
C THR D 248 -26.89 12.89 15.10
N ILE D 249 -26.31 12.24 16.09
CA ILE D 249 -24.97 12.61 16.56
C ILE D 249 -23.91 12.48 15.46
N THR D 250 -23.99 11.43 14.65
CA THR D 250 -23.03 11.26 13.56
C THR D 250 -23.17 12.39 12.55
N VAL D 251 -24.41 12.74 12.19
CA VAL D 251 -24.61 13.83 11.25
C VAL D 251 -24.08 15.11 11.88
N GLN D 252 -24.52 15.39 13.10
CA GLN D 252 -24.10 16.58 13.82
C GLN D 252 -22.58 16.75 13.94
N LYS D 253 -21.86 15.63 14.06
CA LYS D 253 -20.41 15.69 14.21
C LYS D 253 -19.58 15.58 12.95
N ARG D 254 -20.23 15.32 11.81
CA ARG D 254 -19.53 15.16 10.55
C ARG D 254 -18.57 16.32 10.24
N GLY D 255 -19.05 17.55 10.42
CA GLY D 255 -18.20 18.71 10.17
C GLY D 255 -16.97 18.75 11.05
N GLY D 256 -17.11 18.27 12.29
CA GLY D 256 -15.99 18.26 13.22
C GLY D 256 -15.01 17.15 12.94
N ALA D 257 -15.53 16.02 12.44
CA ALA D 257 -14.69 14.87 12.13
C ALA D 257 -13.87 15.14 10.88
N LEU D 258 -14.29 16.16 10.12
CA LEU D 258 -13.60 16.55 8.90
C LEU D 258 -12.43 17.49 9.16
N ILE D 259 -12.48 18.24 10.25
CA ILE D 259 -11.39 19.15 10.58
C ILE D 259 -10.17 18.37 11.04
N GLN D 260 -10.40 17.26 11.75
CA GLN D 260 -9.29 16.45 12.25
C GLN D 260 -8.63 15.64 11.12
N LYS D 261 -9.44 15.14 10.20
CA LYS D 261 -8.92 14.38 9.07
C LYS D 261 -8.29 15.33 8.07
N TRP D 262 -9.11 15.83 7.15
CA TRP D 262 -8.69 16.78 6.12
C TRP D 262 -7.75 17.82 6.73
N GLY D 263 -7.98 18.14 8.00
CA GLY D 263 -7.16 19.13 8.66
C GLY D 263 -7.81 20.50 8.59
N ARG D 264 -8.86 20.61 7.79
CA ARG D 264 -9.57 21.87 7.62
C ARG D 264 -11.04 21.71 7.19
N SER D 265 -11.66 22.84 6.86
CA SER D 265 -13.06 22.94 6.45
C SER D 265 -13.53 22.02 5.34
N SER D 266 -14.85 21.99 5.17
CA SER D 266 -15.50 21.19 4.15
C SER D 266 -16.15 22.12 3.12
N ALA D 267 -15.33 23.02 2.58
CA ALA D 267 -15.77 23.98 1.58
C ALA D 267 -16.29 23.30 0.31
N ALA D 268 -15.55 22.30 -0.16
CA ALA D 268 -15.91 21.59 -1.37
C ALA D 268 -17.32 20.98 -1.32
N SER D 269 -17.58 20.14 -0.32
CA SER D 269 -18.89 19.52 -0.22
C SER D 269 -19.97 20.53 0.15
N THR D 270 -19.57 21.60 0.84
CA THR D 270 -20.55 22.63 1.20
C THR D 270 -20.99 23.32 -0.09
N ALA D 271 -20.04 23.60 -0.98
CA ALA D 271 -20.37 24.25 -2.24
C ALA D 271 -21.29 23.34 -3.07
N VAL D 272 -21.08 22.03 -2.93
CA VAL D 272 -21.93 21.06 -3.63
C VAL D 272 -23.36 21.19 -3.11
N SER D 273 -23.52 21.22 -1.80
CA SER D 273 -24.85 21.31 -1.21
C SER D 273 -25.53 22.62 -1.60
N ILE D 274 -24.76 23.70 -1.72
CA ILE D 274 -25.35 24.97 -2.11
C ILE D 274 -25.84 24.83 -3.54
N ALA D 275 -25.05 24.16 -4.38
CA ALA D 275 -25.45 23.94 -5.77
C ALA D 275 -26.71 23.07 -5.82
N ASP D 276 -26.78 22.03 -4.97
CA ASP D 276 -27.97 21.17 -4.94
C ASP D 276 -29.19 21.98 -4.49
N ALA D 277 -29.02 22.77 -3.43
CA ALA D 277 -30.09 23.60 -2.91
C ALA D 277 -30.70 24.49 -3.99
N ILE D 278 -29.84 25.07 -4.82
CA ILE D 278 -30.30 25.95 -5.89
C ILE D 278 -31.01 25.09 -6.95
N LYS D 279 -30.33 24.01 -7.32
CA LYS D 279 -30.84 23.09 -8.31
C LYS D 279 -32.22 22.55 -7.94
N SER D 280 -32.51 22.36 -6.65
CA SER D 280 -33.82 21.85 -6.24
C SER D 280 -34.92 22.88 -6.45
N LEU D 281 -34.54 24.15 -6.51
CA LEU D 281 -35.52 25.22 -6.72
C LEU D 281 -35.72 25.51 -8.22
N VAL D 282 -34.76 25.11 -9.04
CA VAL D 282 -34.87 25.39 -10.47
C VAL D 282 -35.05 24.16 -11.38
N THR D 283 -35.45 23.03 -10.78
CA THR D 283 -35.71 21.83 -11.54
C THR D 283 -36.91 21.16 -10.87
N PRO D 284 -37.78 20.53 -11.65
CA PRO D 284 -38.94 19.88 -11.03
C PRO D 284 -38.50 18.77 -10.09
N THR D 285 -39.13 18.71 -8.93
CA THR D 285 -38.82 17.70 -7.93
C THR D 285 -39.32 16.31 -8.34
N PRO D 286 -38.41 15.32 -8.38
CA PRO D 286 -38.82 13.97 -8.76
C PRO D 286 -40.08 13.56 -8.00
N GLU D 287 -41.00 12.90 -8.70
CA GLU D 287 -42.26 12.47 -8.09
C GLU D 287 -42.05 11.79 -6.74
N GLY D 288 -42.81 12.22 -5.75
CA GLY D 288 -42.71 11.63 -4.42
C GLY D 288 -41.59 12.10 -3.50
N ASP D 289 -40.51 12.63 -4.07
CA ASP D 289 -39.37 13.09 -3.27
C ASP D 289 -39.53 14.52 -2.76
N TRP D 290 -38.52 15.03 -2.08
CA TRP D 290 -38.53 16.40 -1.57
C TRP D 290 -37.14 16.79 -1.11
N PHE D 291 -36.98 18.04 -0.71
CA PHE D 291 -35.68 18.54 -0.27
C PHE D 291 -35.84 19.46 0.93
N SER D 292 -34.79 19.57 1.73
CA SER D 292 -34.84 20.40 2.93
C SER D 292 -34.35 21.82 2.72
N THR D 293 -34.99 22.75 3.41
CA THR D 293 -34.59 24.15 3.37
C THR D 293 -35.28 24.94 4.49
N GLY D 294 -34.50 25.80 5.15
CA GLY D 294 -35.03 26.61 6.23
C GLY D 294 -35.89 27.67 5.57
N VAL D 295 -37.18 27.67 5.88
CA VAL D 295 -38.07 28.62 5.23
C VAL D 295 -39.09 29.26 6.18
N TYR D 296 -39.77 30.32 5.72
CA TYR D 296 -40.74 31.04 6.54
C TYR D 296 -41.90 30.11 6.93
N THR D 297 -42.20 30.05 8.22
CA THR D 297 -43.22 29.14 8.76
C THR D 297 -44.69 29.56 8.69
N THR D 298 -44.96 30.86 8.58
CA THR D 298 -46.35 31.32 8.54
C THR D 298 -47.17 30.55 7.50
N GLY D 299 -48.24 29.90 7.96
CA GLY D 299 -49.09 29.14 7.06
C GLY D 299 -48.72 27.67 6.91
N ASN D 300 -47.75 27.19 7.69
CA ASN D 300 -47.33 25.80 7.60
C ASN D 300 -48.39 24.85 8.20
N PRO D 301 -48.55 23.64 7.62
CA PRO D 301 -49.53 22.67 8.09
C PRO D 301 -49.03 21.66 9.15
N TYR D 302 -47.84 21.89 9.69
CA TYR D 302 -47.29 20.97 10.67
C TYR D 302 -47.48 21.40 12.13
N GLY D 303 -48.22 22.48 12.36
CA GLY D 303 -48.44 22.94 13.72
C GLY D 303 -47.20 23.62 14.28
N ILE D 304 -46.32 24.07 13.40
CA ILE D 304 -45.11 24.75 13.84
C ILE D 304 -45.39 26.25 14.05
N ALA D 305 -44.77 26.84 15.06
CA ALA D 305 -44.96 28.25 15.35
C ALA D 305 -44.71 29.08 14.10
N GLU D 306 -45.41 30.20 14.00
CA GLU D 306 -45.25 31.06 12.84
C GLU D 306 -44.23 32.16 13.06
N ASP D 307 -43.99 32.94 12.02
CA ASP D 307 -43.06 34.07 12.06
C ASP D 307 -41.62 33.67 12.35
N ILE D 308 -41.19 32.55 11.78
CA ILE D 308 -39.80 32.08 11.93
C ILE D 308 -39.34 31.30 10.68
N VAL D 309 -38.03 31.07 10.60
CA VAL D 309 -37.41 30.34 9.51
C VAL D 309 -37.06 28.96 10.09
N PHE D 310 -37.73 27.94 9.57
CA PHE D 310 -37.61 26.58 10.08
C PHE D 310 -37.48 25.64 8.89
N SER D 311 -36.47 24.77 8.91
CA SER D 311 -36.29 23.85 7.80
C SER D 311 -37.41 22.83 7.78
N MET D 312 -38.05 22.71 6.62
CA MET D 312 -39.16 21.79 6.43
C MET D 312 -39.01 21.05 5.08
N PRO D 313 -39.73 19.94 4.89
CA PRO D 313 -39.62 19.23 3.62
C PRO D 313 -40.36 20.02 2.54
N CYS D 314 -39.70 20.28 1.41
CA CYS D 314 -40.32 21.05 0.34
C CYS D 314 -40.26 20.40 -1.04
N ARG D 315 -41.21 20.77 -1.89
CA ARG D 315 -41.28 20.29 -3.28
C ARG D 315 -41.29 21.51 -4.17
N SER D 316 -40.96 21.32 -5.45
CA SER D 316 -40.93 22.44 -6.36
C SER D 316 -41.10 22.12 -7.84
N LYS D 317 -41.85 22.98 -8.53
CA LYS D 317 -41.97 22.87 -9.97
C LYS D 317 -40.62 23.55 -10.19
N GLY D 318 -39.95 23.35 -11.32
CA GLY D 318 -38.66 24.02 -11.44
C GLY D 318 -38.72 25.51 -11.70
N ASP D 319 -39.53 26.26 -10.96
CA ASP D 319 -39.65 27.71 -11.21
C ASP D 319 -39.03 28.69 -10.22
N GLY D 320 -38.14 28.20 -9.36
CA GLY D 320 -37.53 29.09 -8.39
C GLY D 320 -38.33 29.21 -7.10
N ASP D 321 -39.56 28.71 -7.11
CA ASP D 321 -40.39 28.77 -5.92
C ASP D 321 -40.54 27.36 -5.35
N TYR D 322 -41.42 27.19 -4.36
CA TYR D 322 -41.60 25.88 -3.74
C TYR D 322 -42.88 25.81 -2.94
N GLU D 323 -43.24 24.60 -2.55
CA GLU D 323 -44.43 24.36 -1.74
C GLU D 323 -44.00 23.39 -0.65
N LEU D 324 -44.70 23.44 0.48
CA LEU D 324 -44.37 22.55 1.59
C LEU D 324 -44.89 21.15 1.25
N ALA D 325 -44.09 20.13 1.54
CA ALA D 325 -44.49 18.74 1.29
C ALA D 325 -45.59 18.35 2.28
N THR D 326 -46.74 17.91 1.79
CA THR D 326 -47.82 17.53 2.70
C THR D 326 -47.90 16.04 3.06
N ASP D 327 -47.46 15.17 2.17
CA ASP D 327 -47.49 13.73 2.44
C ASP D 327 -46.36 13.35 3.41
N VAL D 328 -46.48 13.80 4.66
CA VAL D 328 -45.48 13.52 5.68
C VAL D 328 -46.15 13.03 6.94
N SER D 329 -45.56 12.02 7.57
CA SER D 329 -46.13 11.51 8.80
C SER D 329 -45.36 12.12 9.96
N ASN D 330 -45.99 12.18 11.13
CA ASN D 330 -45.35 12.75 12.30
C ASN D 330 -45.71 11.89 13.51
N ASP D 331 -44.72 11.62 14.34
CA ASP D 331 -44.96 10.84 15.54
C ASP D 331 -44.35 11.64 16.69
N ASP D 332 -44.67 11.25 17.91
CA ASP D 332 -44.19 11.98 19.07
C ASP D 332 -42.69 12.25 19.06
N PHE D 333 -41.92 11.28 18.59
CA PHE D 333 -40.46 11.43 18.55
C PHE D 333 -40.02 12.61 17.67
N LEU D 334 -40.52 12.66 16.45
CA LEU D 334 -40.17 13.74 15.54
C LEU D 334 -40.71 15.06 16.08
N TRP D 335 -41.98 15.04 16.50
CA TRP D 335 -42.66 16.20 17.04
C TRP D 335 -41.93 16.86 18.22
N GLU D 336 -41.47 16.05 19.17
CA GLU D 336 -40.75 16.57 20.34
C GLU D 336 -39.48 17.29 19.92
N ARG D 337 -38.76 16.72 18.96
CA ARG D 337 -37.52 17.34 18.49
C ARG D 337 -37.80 18.63 17.72
N ILE D 338 -38.82 18.60 16.88
CA ILE D 338 -39.23 19.77 16.11
C ILE D 338 -39.62 20.93 17.05
N LYS D 339 -40.29 20.60 18.17
CA LYS D 339 -40.69 21.64 19.12
C LYS D 339 -39.48 22.17 19.87
N LYS D 340 -38.52 21.30 20.15
CA LYS D 340 -37.33 21.75 20.85
C LYS D 340 -36.58 22.74 19.96
N SER D 341 -36.42 22.37 18.69
CA SER D 341 -35.73 23.24 17.74
C SER D 341 -36.54 24.53 17.60
N GLU D 342 -37.86 24.39 17.64
CA GLU D 342 -38.74 25.54 17.52
C GLU D 342 -38.45 26.52 18.65
N ALA D 343 -38.40 26.00 19.87
CA ALA D 343 -38.14 26.82 21.04
C ALA D 343 -36.85 27.61 20.90
N GLU D 344 -35.79 26.95 20.44
CA GLU D 344 -34.49 27.63 20.29
C GLU D 344 -34.59 28.80 19.31
N LEU D 345 -35.33 28.61 18.22
CA LEU D 345 -35.50 29.68 17.24
C LEU D 345 -36.28 30.84 17.86
N LEU D 346 -37.29 30.51 18.67
CA LEU D 346 -38.09 31.53 19.34
C LEU D 346 -37.18 32.34 20.28
N ALA D 347 -36.29 31.65 20.99
CA ALA D 347 -35.36 32.35 21.88
C ALA D 347 -34.39 33.18 21.05
N GLU D 348 -33.93 32.63 19.93
CA GLU D 348 -33.00 33.35 19.07
C GLU D 348 -33.65 34.63 18.56
N LYS D 349 -34.89 34.50 18.11
CA LYS D 349 -35.66 35.62 17.61
C LYS D 349 -35.72 36.78 18.62
N LYS D 350 -35.99 36.46 19.88
CA LYS D 350 -36.08 37.48 20.92
C LYS D 350 -34.76 38.21 21.12
N CYS D 351 -33.64 37.52 20.88
CA CYS D 351 -32.34 38.14 21.01
C CYS D 351 -32.13 39.22 19.94
N VAL D 352 -32.75 39.04 18.78
CA VAL D 352 -32.59 39.99 17.68
C VAL D 352 -33.83 40.83 17.41
N ALA D 353 -34.59 41.10 18.47
CA ALA D 353 -35.82 41.89 18.36
C ALA D 353 -35.63 43.29 17.81
N HIS D 354 -34.48 43.91 18.07
CA HIS D 354 -34.27 45.27 17.56
C HIS D 354 -33.81 45.30 16.11
N LEU D 355 -33.31 44.17 15.63
CA LEU D 355 -32.84 44.05 14.25
C LEU D 355 -34.06 43.67 13.42
N THR D 356 -35.05 43.11 14.09
CA THR D 356 -36.30 42.68 13.48
C THR D 356 -37.32 43.83 13.46
N GLY D 357 -37.11 44.80 14.34
CA GLY D 357 -38.02 45.93 14.42
C GLY D 357 -39.09 45.70 15.47
N GLU D 358 -39.06 44.53 16.10
CA GLU D 358 -40.04 44.20 17.13
C GLU D 358 -39.63 44.70 18.51
N GLY D 359 -40.52 44.56 19.49
CA GLY D 359 -40.24 45.02 20.84
C GLY D 359 -39.10 44.34 21.58
N ASN D 360 -38.06 45.12 21.90
CA ASN D 360 -36.89 44.62 22.62
C ASN D 360 -37.29 43.47 23.53
N ALA D 361 -36.47 42.43 23.57
CA ALA D 361 -36.80 41.28 24.40
C ALA D 361 -35.61 40.63 25.10
N TYR D 362 -35.92 39.64 25.92
CA TYR D 362 -34.92 38.90 26.68
C TYR D 362 -34.06 38.03 25.74
N CYS D 363 -32.82 37.79 26.15
CA CYS D 363 -31.91 36.98 25.35
C CYS D 363 -31.14 35.92 26.14
N ASP D 364 -31.59 34.68 26.03
CA ASP D 364 -30.97 33.55 26.72
C ASP D 364 -30.96 32.37 25.76
N VAL D 365 -29.77 31.99 25.30
CA VAL D 365 -29.65 30.89 24.36
C VAL D 365 -28.51 29.95 24.74
N PRO D 366 -28.58 28.68 24.29
CA PRO D 366 -27.55 27.68 24.59
C PRO D 366 -26.22 27.99 23.90
N GLU D 367 -25.13 27.84 24.65
CA GLU D 367 -23.80 28.11 24.13
C GLU D 367 -23.30 27.10 23.10
ZN ZN E . 24.86 -31.86 -7.76
ZN ZN F . 38.61 -44.99 -12.80
ZN ZN G . 19.62 -29.55 -9.59
ZN ZN H . 40.36 -29.87 16.87
ZN ZN I . -9.32 -27.16 2.84
ZN ZN J . -15.34 -17.43 7.68
ZN ZN K . 14.50 -7.44 19.13
ZN ZN L . 8.77 -6.12 17.73
ZN ZN M . 22.95 -2.94 42.37
ZN ZN N . -7.80 6.98 9.41
ZN ZN O . 16.26 9.91 -25.96
ZN ZN P . 1.45 27.50 -16.40
ZN ZN Q . 3.94 21.92 -15.79
ZN ZN R . -5.64 45.18 -6.61
ZN ZN S . -27.58 44.60 18.18
ZN ZN T . -24.73 22.08 9.14
ZN ZN U . -25.56 42.86 -18.96
#